data_1VDM
#
_entry.id   1VDM
#
_cell.length_a   105.603
_cell.length_b   157.350
_cell.length_c   170.631
_cell.angle_alpha   90.00
_cell.angle_beta   90.00
_cell.angle_gamma   90.00
#
_symmetry.space_group_name_H-M   'P 21 21 21'
#
loop_
_entity.id
_entity.type
_entity.pdbx_description
1 polymer 'purine phosphoribosyltransferase'
2 water water
#
_entity_poly.entity_id   1
_entity_poly.type   'polypeptide(L)'
_entity_poly.pdbx_seq_one_letter_code
;MDKVYLTWWQVDRAIFALAEKLREYKPDVIIGVARGGLIPAVRLSHILGDIPLKVIDVKFYKGIDERGEKPVITIPIHGD
LKDKRVVIVDDVSDTGKTLEVVIEEVKKLGAKEIKIACLAMKPWTSVVPDYYVFRTEKWIVFPWEEFPVIEKE
;
_entity_poly.pdbx_strand_id   A,B,C,D,E,F,G,H,I,J,K,L
#
# COMPACT_ATOMS: atom_id res chain seq x y z
N MET A 1 19.34 -30.79 -27.80
CA MET A 1 19.67 -30.30 -26.43
C MET A 1 20.15 -31.44 -25.54
N ASP A 2 21.47 -31.61 -25.48
CA ASP A 2 22.08 -32.68 -24.70
C ASP A 2 22.41 -32.24 -23.27
N LYS A 3 21.84 -31.14 -22.85
CA LYS A 3 22.08 -30.62 -21.51
C LYS A 3 20.83 -30.76 -20.64
N VAL A 4 21.04 -30.85 -19.34
CA VAL A 4 19.93 -30.94 -18.38
C VAL A 4 19.72 -29.55 -17.77
N TYR A 5 18.56 -28.95 -18.03
CA TYR A 5 18.27 -27.62 -17.49
C TYR A 5 17.35 -27.66 -16.26
N LEU A 6 17.96 -27.59 -15.08
CA LEU A 6 17.26 -27.61 -13.78
C LEU A 6 16.47 -26.31 -13.48
N THR A 7 15.18 -26.41 -13.17
CA THR A 7 14.37 -25.24 -12.78
C THR A 7 14.63 -24.89 -11.32
N TRP A 8 14.22 -23.69 -10.90
CA TRP A 8 14.39 -23.25 -9.51
C TRP A 8 13.48 -24.09 -8.60
N TRP A 9 12.32 -24.50 -9.11
CA TRP A 9 11.41 -25.32 -8.32
C TRP A 9 12.00 -26.73 -8.11
N GLN A 10 12.82 -27.19 -9.06
CA GLN A 10 13.44 -28.51 -8.89
C GLN A 10 14.56 -28.36 -7.86
N VAL A 11 15.23 -27.22 -7.89
CA VAL A 11 16.31 -26.96 -6.95
C VAL A 11 15.77 -26.73 -5.53
N ASP A 12 14.62 -26.07 -5.44
CA ASP A 12 13.97 -25.80 -4.16
C ASP A 12 13.50 -27.11 -3.56
N ARG A 13 12.77 -27.91 -4.34
CA ARG A 13 12.30 -29.18 -3.85
C ARG A 13 13.45 -30.13 -3.50
N ALA A 14 14.52 -30.10 -4.28
CA ALA A 14 15.66 -30.97 -4.00
C ALA A 14 16.29 -30.56 -2.68
N ILE A 15 16.20 -29.28 -2.37
CA ILE A 15 16.77 -28.76 -1.13
C ILE A 15 15.90 -29.10 0.09
N PHE A 16 14.58 -29.11 -0.08
CA PHE A 16 13.73 -29.46 1.05
C PHE A 16 13.88 -30.94 1.40
N ALA A 17 14.13 -31.76 0.38
CA ALA A 17 14.33 -33.19 0.56
C ALA A 17 15.62 -33.44 1.33
N LEU A 18 16.68 -32.74 0.96
CA LEU A 18 17.98 -32.89 1.62
C LEU A 18 17.92 -32.40 3.06
N ALA A 19 17.04 -31.45 3.33
CA ALA A 19 16.90 -30.88 4.67
C ALA A 19 16.37 -31.94 5.64
N GLU A 20 15.35 -32.69 5.19
CA GLU A 20 14.78 -33.73 6.04
C GLU A 20 15.78 -34.81 6.42
N LYS A 21 16.60 -35.23 5.45
CA LYS A 21 17.62 -36.23 5.73
C LYS A 21 18.71 -35.64 6.62
N LEU A 22 19.00 -34.35 6.42
CA LEU A 22 20.03 -33.67 7.20
C LEU A 22 19.67 -33.41 8.66
N ARG A 23 18.38 -33.27 8.94
CA ARG A 23 17.95 -33.03 10.32
C ARG A 23 18.39 -34.20 11.18
N GLU A 24 18.32 -35.41 10.63
CA GLU A 24 18.73 -36.61 11.35
C GLU A 24 20.21 -36.51 11.73
N TYR A 25 21.03 -36.00 10.81
CA TYR A 25 22.47 -35.87 11.06
C TYR A 25 22.78 -34.73 12.03
N LYS A 26 21.86 -33.77 12.12
CA LYS A 26 22.03 -32.62 13.02
C LYS A 26 23.36 -31.92 12.75
N PRO A 27 23.47 -31.22 11.62
CA PRO A 27 24.72 -30.51 11.28
C PRO A 27 24.97 -29.35 12.22
N ASP A 28 26.24 -29.10 12.54
CA ASP A 28 26.64 -28.00 13.42
C ASP A 28 27.10 -26.80 12.57
N VAL A 29 27.59 -27.08 11.38
CA VAL A 29 28.06 -26.02 10.49
C VAL A 29 28.04 -26.47 9.04
N ILE A 30 27.75 -25.53 8.15
CA ILE A 30 27.69 -25.81 6.72
C ILE A 30 28.87 -25.20 5.98
N ILE A 31 29.52 -26.02 5.17
CA ILE A 31 30.61 -25.53 4.34
C ILE A 31 30.17 -25.48 2.88
N GLY A 32 29.89 -24.24 2.43
CA GLY A 32 29.46 -24.08 1.05
C GLY A 32 30.65 -24.05 0.09
N VAL A 33 30.56 -24.89 -0.95
CA VAL A 33 31.63 -24.91 -1.94
C VAL A 33 31.25 -24.10 -3.19
N ALA A 34 31.98 -23.00 -3.39
CA ALA A 34 31.69 -22.14 -4.52
C ALA A 34 31.99 -22.84 -5.86
N ARG A 35 31.33 -22.35 -6.92
CA ARG A 35 30.47 -21.18 -6.77
C ARG A 35 28.99 -21.56 -6.59
N GLY A 36 28.50 -22.42 -7.51
CA GLY A 36 27.09 -22.78 -7.47
C GLY A 36 26.73 -23.47 -6.15
N GLY A 37 27.76 -23.93 -5.43
CA GLY A 37 27.53 -24.60 -4.17
C GLY A 37 26.93 -23.67 -3.11
N LEU A 38 27.02 -22.35 -3.36
CA LEU A 38 26.51 -21.40 -2.39
C LEU A 38 24.98 -21.34 -2.36
N ILE A 39 24.38 -21.47 -3.56
CA ILE A 39 22.92 -21.40 -3.61
C ILE A 39 22.25 -22.38 -2.64
N PRO A 40 22.66 -23.66 -2.74
CA PRO A 40 22.16 -24.70 -1.86
C PRO A 40 22.62 -24.54 -0.40
N ALA A 41 23.90 -24.15 -0.24
CA ALA A 41 24.44 -23.97 1.11
C ALA A 41 23.69 -22.89 1.90
N VAL A 42 23.38 -21.77 1.24
CA VAL A 42 22.66 -20.68 1.87
C VAL A 42 21.26 -21.13 2.26
N ARG A 43 20.54 -21.72 1.31
CA ARG A 43 19.20 -22.19 1.58
C ARG A 43 19.15 -23.17 2.75
N LEU A 44 20.10 -24.10 2.80
CA LEU A 44 20.12 -25.06 3.91
C LEU A 44 20.48 -24.37 5.22
N SER A 45 21.30 -23.32 5.15
CA SER A 45 21.66 -22.62 6.38
C SER A 45 20.37 -22.08 7.01
N HIS A 46 19.47 -21.56 6.18
CA HIS A 46 18.20 -21.03 6.68
C HIS A 46 17.25 -22.13 7.15
N ILE A 47 16.95 -23.09 6.28
CA ILE A 47 16.06 -24.19 6.60
C ILE A 47 16.47 -24.99 7.83
N LEU A 48 17.77 -25.14 8.05
CA LEU A 48 18.22 -25.91 9.20
C LEU A 48 18.44 -25.07 10.44
N GLY A 49 17.55 -24.12 10.67
CA GLY A 49 17.63 -23.27 11.84
C GLY A 49 18.85 -22.36 11.94
N ASP A 50 19.18 -21.68 10.85
CA ASP A 50 20.31 -20.76 10.81
C ASP A 50 21.63 -21.28 11.36
N ILE A 51 22.06 -22.46 10.92
CA ILE A 51 23.35 -22.96 11.39
C ILE A 51 24.42 -22.16 10.66
N PRO A 52 25.50 -21.79 11.36
CA PRO A 52 26.59 -21.01 10.75
C PRO A 52 27.11 -21.51 9.40
N LEU A 53 27.32 -20.56 8.48
CA LEU A 53 27.82 -20.89 7.16
C LEU A 53 29.26 -20.43 6.92
N LYS A 54 30.07 -21.34 6.40
CA LYS A 54 31.47 -21.04 6.07
C LYS A 54 31.63 -21.24 4.56
N VAL A 55 32.54 -20.49 3.95
CA VAL A 55 32.76 -20.58 2.51
C VAL A 55 34.16 -21.01 2.15
N ILE A 56 34.25 -21.89 1.14
CA ILE A 56 35.54 -22.38 0.64
C ILE A 56 35.49 -22.30 -0.89
N ASP A 57 36.57 -21.85 -1.50
CA ASP A 57 36.64 -21.73 -2.96
C ASP A 57 37.88 -22.45 -3.45
N VAL A 58 37.69 -23.45 -4.31
CA VAL A 58 38.80 -24.21 -4.86
C VAL A 58 38.89 -23.96 -6.36
N LYS A 59 40.11 -23.72 -6.83
CA LYS A 59 40.29 -23.38 -8.24
C LYS A 59 41.42 -24.19 -8.87
N PHE A 60 41.07 -24.97 -9.91
CA PHE A 60 42.09 -25.69 -10.64
C PHE A 60 42.50 -24.93 -11.90
N TYR A 61 43.67 -24.28 -11.83
CA TYR A 61 44.17 -23.56 -12.99
C TYR A 61 44.89 -24.52 -13.94
N LYS A 62 45.12 -24.02 -15.17
CA LYS A 62 46.01 -24.73 -16.08
C LYS A 62 47.09 -23.81 -16.64
N GLY A 63 47.22 -23.83 -17.98
CA GLY A 63 48.21 -22.96 -18.61
C GLY A 63 47.78 -21.50 -18.49
N GLU A 66 50.52 -19.39 -16.74
CA GLU A 66 50.77 -18.42 -15.68
C GLU A 66 49.96 -18.75 -14.42
N ARG A 67 50.52 -18.37 -13.26
CA ARG A 67 49.68 -18.30 -12.08
C ARG A 67 49.20 -19.69 -11.59
N GLY A 68 49.64 -20.76 -12.30
CA GLY A 68 49.04 -22.05 -12.00
C GLY A 68 50.07 -23.15 -11.75
N GLU A 69 49.76 -24.01 -10.76
CA GLU A 69 50.60 -25.17 -10.47
C GLU A 69 49.75 -26.39 -10.14
N LYS A 70 48.95 -26.24 -9.06
CA LYS A 70 47.89 -27.22 -8.76
C LYS A 70 46.73 -26.51 -8.05
N PRO A 71 45.84 -27.27 -7.36
CA PRO A 71 44.66 -26.67 -6.72
C PRO A 71 45.03 -25.48 -5.82
N VAL A 72 44.39 -24.32 -6.11
CA VAL A 72 44.57 -23.13 -5.27
C VAL A 72 43.32 -22.84 -4.43
N ILE A 73 43.50 -22.39 -3.20
CA ILE A 73 42.35 -22.09 -2.35
C ILE A 73 42.10 -20.58 -2.31
N THR A 74 41.25 -20.13 -3.23
CA THR A 74 40.87 -18.73 -3.37
C THR A 74 40.33 -18.16 -2.05
N ILE A 75 39.31 -18.81 -1.51
CA ILE A 75 38.69 -18.40 -0.27
C ILE A 75 38.90 -19.53 0.74
N PRO A 76 39.73 -19.29 1.76
CA PRO A 76 39.96 -20.34 2.75
C PRO A 76 38.91 -20.34 3.86
N ILE A 77 38.86 -21.42 4.62
CA ILE A 77 37.93 -21.50 5.73
C ILE A 77 38.74 -21.46 7.01
N HIS A 78 38.31 -20.65 7.97
CA HIS A 78 39.08 -20.60 9.21
C HIS A 78 38.23 -20.97 10.45
N GLY A 79 38.87 -20.91 11.61
CA GLY A 79 38.23 -21.30 12.85
C GLY A 79 38.21 -22.82 12.85
N ASP A 80 38.58 -23.46 13.96
CA ASP A 80 38.60 -24.91 13.98
C ASP A 80 37.20 -25.50 14.08
N LEU A 81 37.05 -26.72 13.55
CA LEU A 81 35.77 -27.41 13.57
C LEU A 81 35.80 -28.49 14.62
N LYS A 82 36.83 -28.45 15.48
CA LYS A 82 36.98 -29.44 16.54
C LYS A 82 35.67 -29.60 17.31
N ASP A 83 35.16 -30.84 17.34
CA ASP A 83 33.92 -31.16 18.03
C ASP A 83 32.70 -30.52 17.34
N LYS A 84 32.60 -30.72 16.04
CA LYS A 84 31.49 -30.20 15.26
C LYS A 84 31.13 -31.16 14.14
N ARG A 85 29.82 -31.34 13.95
CA ARG A 85 29.33 -32.19 12.89
C ARG A 85 29.25 -31.28 11.67
N VAL A 86 30.12 -31.54 10.69
CA VAL A 86 30.18 -30.73 9.48
C VAL A 86 29.48 -31.35 8.29
N VAL A 87 28.87 -30.50 7.46
CA VAL A 87 28.23 -30.95 6.24
C VAL A 87 28.77 -30.05 5.12
N ILE A 88 29.21 -30.68 4.04
CA ILE A 88 29.77 -29.95 2.90
C ILE A 88 28.73 -29.99 1.80
N VAL A 89 28.32 -28.80 1.36
CA VAL A 89 27.28 -28.65 0.35
C VAL A 89 27.83 -28.08 -0.95
N ASP A 90 27.47 -28.71 -2.05
CA ASP A 90 27.92 -28.27 -3.37
C ASP A 90 26.79 -28.62 -4.32
N ASP A 91 26.75 -28.00 -5.49
CA ASP A 91 25.69 -28.27 -6.44
C ASP A 91 25.81 -29.63 -7.13
N VAL A 92 27.02 -30.02 -7.50
CA VAL A 92 27.20 -31.30 -8.16
C VAL A 92 28.59 -31.87 -8.00
N SER A 93 28.64 -33.18 -7.79
CA SER A 93 29.90 -33.90 -7.63
C SER A 93 30.16 -34.59 -8.96
N ASP A 94 30.87 -33.91 -9.86
CA ASP A 94 31.17 -34.44 -11.17
C ASP A 94 32.34 -35.41 -11.08
N THR A 95 33.55 -34.90 -10.92
CA THR A 95 34.70 -35.79 -10.81
C THR A 95 35.04 -35.99 -9.34
N GLY A 96 34.79 -34.97 -8.52
CA GLY A 96 35.06 -35.07 -7.10
C GLY A 96 36.42 -34.52 -6.74
N LYS A 97 37.11 -34.01 -7.74
CA LYS A 97 38.44 -33.43 -7.59
C LYS A 97 38.36 -32.35 -6.52
N THR A 98 37.32 -31.54 -6.60
CA THR A 98 37.10 -30.45 -5.67
C THR A 98 36.67 -30.92 -4.28
N LEU A 99 35.65 -31.76 -4.21
CA LEU A 99 35.20 -32.26 -2.92
C LEU A 99 36.35 -32.89 -2.16
N GLU A 100 37.26 -33.55 -2.86
CA GLU A 100 38.40 -34.17 -2.21
C GLU A 100 39.29 -33.15 -1.50
N VAL A 101 39.59 -32.05 -2.20
CA VAL A 101 40.42 -31.01 -1.61
C VAL A 101 39.71 -30.39 -0.40
N VAL A 102 38.41 -30.15 -0.53
CA VAL A 102 37.63 -29.58 0.55
C VAL A 102 37.67 -30.53 1.75
N ILE A 103 37.29 -31.78 1.52
CA ILE A 103 37.30 -32.79 2.57
C ILE A 103 38.62 -32.77 3.34
N GLU A 104 39.71 -32.53 2.63
CA GLU A 104 41.04 -32.50 3.25
C GLU A 104 41.24 -31.24 4.10
N GLU A 105 40.62 -30.13 3.69
CA GLU A 105 40.75 -28.89 4.44
C GLU A 105 39.95 -28.96 5.74
N VAL A 106 38.83 -29.67 5.69
CA VAL A 106 37.98 -29.83 6.86
C VAL A 106 38.72 -30.68 7.90
N LYS A 107 39.14 -31.87 7.52
CA LYS A 107 39.88 -32.75 8.43
C LYS A 107 41.06 -32.00 9.02
N LYS A 108 41.68 -31.19 8.15
CA LYS A 108 42.84 -30.39 8.50
C LYS A 108 42.45 -29.34 9.55
N LEU A 109 41.15 -29.24 9.82
CA LEU A 109 40.64 -28.28 10.80
C LEU A 109 40.06 -28.98 12.03
N GLY A 110 40.11 -30.31 12.02
CA GLY A 110 39.64 -31.07 13.16
C GLY A 110 38.19 -31.52 13.19
N ALA A 111 37.49 -31.38 12.07
CA ALA A 111 36.08 -31.77 12.00
C ALA A 111 35.76 -33.07 12.75
N LYS A 112 34.85 -32.97 13.73
CA LYS A 112 34.40 -34.10 14.54
C LYS A 112 33.85 -35.23 13.65
N GLU A 113 32.95 -34.85 12.75
CA GLU A 113 32.36 -35.80 11.80
C GLU A 113 32.15 -35.00 10.50
N ILE A 114 32.09 -35.71 9.37
CA ILE A 114 31.90 -35.01 8.10
C ILE A 114 30.85 -35.68 7.22
N LYS A 115 30.02 -34.87 6.60
CA LYS A 115 28.96 -35.37 5.73
C LYS A 115 28.89 -34.53 4.47
N ILE A 116 28.54 -35.15 3.34
CA ILE A 116 28.46 -34.44 2.08
C ILE A 116 27.08 -34.46 1.43
N ALA A 117 26.59 -33.29 1.04
CA ALA A 117 25.29 -33.19 0.41
C ALA A 117 25.39 -32.34 -0.85
N CYS A 118 24.77 -32.80 -1.94
CA CYS A 118 24.79 -32.08 -3.21
C CYS A 118 23.44 -32.21 -3.89
N LEU A 119 23.16 -31.33 -4.83
CA LEU A 119 21.89 -31.41 -5.53
C LEU A 119 21.93 -32.61 -6.48
N ALA A 120 23.08 -32.84 -7.10
CA ALA A 120 23.21 -33.96 -8.03
C ALA A 120 24.61 -34.55 -8.06
N MET A 121 24.77 -35.61 -8.85
CA MET A 121 26.06 -36.26 -9.00
C MET A 121 26.09 -37.06 -10.28
N LYS A 122 27.30 -37.28 -10.77
CA LYS A 122 27.48 -38.04 -11.98
C LYS A 122 28.08 -39.40 -11.62
N PRO A 123 27.66 -40.46 -12.32
CA PRO A 123 28.06 -41.87 -12.15
C PRO A 123 29.55 -42.13 -11.96
N TRP A 124 30.39 -41.26 -12.50
CA TRP A 124 31.81 -41.45 -12.42
C TRP A 124 32.57 -40.75 -11.30
N THR A 125 31.88 -39.97 -10.49
CA THR A 125 32.58 -39.27 -9.42
C THR A 125 33.33 -40.19 -8.45
N SER A 126 34.39 -39.67 -7.86
CA SER A 126 35.18 -40.44 -6.90
C SER A 126 34.71 -40.07 -5.51
N VAL A 127 33.76 -39.13 -5.45
CA VAL A 127 33.21 -38.70 -4.16
C VAL A 127 31.70 -38.76 -4.24
N VAL A 128 31.15 -39.90 -3.82
CA VAL A 128 29.70 -40.05 -3.84
C VAL A 128 29.14 -39.32 -2.61
N PRO A 129 28.18 -38.40 -2.85
CA PRO A 129 27.58 -37.64 -1.75
C PRO A 129 26.78 -38.56 -0.84
N ASP A 130 26.79 -38.26 0.45
CA ASP A 130 26.02 -39.05 1.38
C ASP A 130 24.55 -38.78 1.09
N TYR A 131 24.27 -37.55 0.64
CA TYR A 131 22.90 -37.15 0.30
C TYR A 131 22.90 -36.37 -1.02
N TYR A 132 22.01 -36.74 -1.93
CA TYR A 132 21.90 -36.04 -3.20
C TYR A 132 20.57 -36.43 -3.83
N VAL A 133 20.16 -35.71 -4.87
CA VAL A 133 18.86 -35.96 -5.49
C VAL A 133 18.87 -36.36 -6.96
N PHE A 134 19.67 -35.69 -7.77
CA PHE A 134 19.68 -36.03 -9.19
C PHE A 134 20.91 -36.78 -9.63
N ARG A 135 20.72 -37.67 -10.58
CA ARG A 135 21.82 -38.46 -11.11
C ARG A 135 21.76 -38.29 -12.61
N THR A 136 22.90 -38.00 -13.23
CA THR A 136 22.95 -37.81 -14.67
C THR A 136 24.39 -37.81 -15.16
N GLU A 137 24.57 -38.02 -16.46
CA GLU A 137 25.89 -38.02 -17.08
C GLU A 137 26.01 -36.77 -17.94
N LYS A 138 24.88 -36.15 -18.25
CA LYS A 138 24.86 -34.93 -19.05
C LYS A 138 25.36 -33.74 -18.23
N TRP A 139 25.70 -32.66 -18.92
CA TRP A 139 26.15 -31.45 -18.23
C TRP A 139 24.93 -30.72 -17.69
N ILE A 140 24.97 -30.33 -16.43
CA ILE A 140 23.83 -29.65 -15.81
C ILE A 140 23.91 -28.13 -15.83
N VAL A 141 22.84 -27.50 -16.29
CA VAL A 141 22.76 -26.05 -16.30
C VAL A 141 21.78 -25.65 -15.19
N PHE A 142 22.34 -25.21 -14.07
CA PHE A 142 21.52 -24.78 -12.95
C PHE A 142 20.72 -23.50 -13.24
N PRO A 143 19.64 -23.24 -12.46
CA PRO A 143 18.79 -22.06 -12.64
C PRO A 143 19.55 -20.72 -12.63
N TRP A 144 20.63 -20.70 -11.87
CA TRP A 144 21.44 -19.51 -11.69
C TRP A 144 22.54 -19.27 -12.72
N GLU A 145 22.58 -20.09 -13.76
CA GLU A 145 23.62 -19.97 -14.77
C GLU A 145 23.17 -19.41 -16.11
N GLU A 146 24.08 -18.74 -16.78
CA GLU A 146 23.76 -18.15 -18.07
C GLU A 146 24.07 -19.17 -19.20
N PHE A 147 23.51 -18.91 -20.37
CA PHE A 147 23.71 -19.77 -21.53
C PHE A 147 24.71 -19.21 -22.54
N PRO A 148 25.51 -20.07 -23.17
CA PRO A 148 26.48 -19.60 -24.17
C PRO A 148 25.73 -19.37 -25.47
N VAL A 149 26.28 -18.52 -26.35
CA VAL A 149 25.62 -18.30 -27.64
C VAL A 149 26.43 -19.03 -28.72
N ILE A 150 25.74 -19.50 -29.75
CA ILE A 150 26.41 -20.19 -30.85
C ILE A 150 26.55 -19.22 -32.01
N GLU A 151 27.78 -18.83 -32.31
CA GLU A 151 28.04 -17.90 -33.41
C GLU A 151 28.64 -18.69 -34.58
N LYS A 152 28.40 -18.22 -35.80
CA LYS A 152 28.92 -18.91 -36.97
C LYS A 152 30.44 -19.09 -36.88
N GLU A 153 31.19 -18.02 -37.10
CA GLU A 153 32.65 -18.07 -37.04
C GLU A 153 33.26 -19.19 -37.90
N MET B 1 0.29 -7.04 0.98
CA MET B 1 0.29 -7.86 2.22
C MET B 1 1.31 -7.31 3.21
N ASP B 2 1.53 -8.02 4.30
CA ASP B 2 2.48 -7.60 5.30
C ASP B 2 3.91 -7.78 4.82
N LYS B 3 4.11 -8.75 3.94
CA LYS B 3 5.43 -9.01 3.43
C LYS B 3 5.48 -9.09 1.91
N VAL B 4 6.69 -8.88 1.40
CA VAL B 4 6.92 -8.98 -0.04
C VAL B 4 7.67 -10.29 -0.19
N TYR B 5 7.12 -11.21 -0.96
CA TYR B 5 7.77 -12.50 -1.19
C TYR B 5 8.33 -12.48 -2.63
N LEU B 6 9.58 -12.09 -2.78
CA LEU B 6 10.19 -12.00 -4.11
C LEU B 6 10.49 -13.38 -4.71
N THR B 7 9.95 -13.64 -5.90
CA THR B 7 10.18 -14.93 -6.57
C THR B 7 11.58 -14.97 -7.18
N TRP B 8 12.12 -16.18 -7.30
CA TRP B 8 13.45 -16.37 -7.90
C TRP B 8 13.60 -15.57 -9.21
N TRP B 9 12.60 -15.65 -10.07
CA TRP B 9 12.64 -14.93 -11.33
C TRP B 9 12.78 -13.42 -11.11
N GLN B 10 11.89 -12.82 -10.30
CA GLN B 10 11.96 -11.37 -10.05
C GLN B 10 13.33 -10.98 -9.59
N VAL B 11 13.97 -11.85 -8.82
CA VAL B 11 15.30 -11.57 -8.34
C VAL B 11 16.33 -11.78 -9.47
N ASP B 12 16.11 -12.80 -10.29
CA ASP B 12 17.01 -13.06 -11.39
C ASP B 12 17.00 -11.90 -12.38
N ARG B 13 15.81 -11.34 -12.62
CA ARG B 13 15.69 -10.23 -13.55
C ARG B 13 16.33 -8.97 -12.98
N ALA B 14 16.35 -8.85 -11.65
CA ALA B 14 16.95 -7.68 -11.03
C ALA B 14 18.46 -7.82 -11.11
N ILE B 15 18.96 -9.03 -10.89
CA ILE B 15 20.39 -9.28 -10.94
C ILE B 15 20.89 -8.98 -12.37
N PHE B 16 20.12 -9.42 -13.37
CA PHE B 16 20.46 -9.20 -14.77
C PHE B 16 20.53 -7.71 -15.08
N ALA B 17 19.54 -6.97 -14.59
CA ALA B 17 19.46 -5.53 -14.80
C ALA B 17 20.65 -4.82 -14.15
N LEU B 18 21.04 -5.26 -12.96
CA LEU B 18 22.16 -4.65 -12.25
C LEU B 18 23.47 -4.89 -12.97
N ALA B 19 23.62 -6.08 -13.57
CA ALA B 19 24.83 -6.44 -14.29
C ALA B 19 24.99 -5.51 -15.48
N GLU B 20 23.88 -5.22 -16.14
CA GLU B 20 23.87 -4.35 -17.30
C GLU B 20 24.45 -2.97 -16.99
N LYS B 21 24.19 -2.45 -15.79
CA LYS B 21 24.68 -1.14 -15.39
C LYS B 21 26.06 -1.23 -14.78
N LEU B 22 26.39 -2.39 -14.22
CA LEU B 22 27.69 -2.59 -13.60
C LEU B 22 28.79 -2.86 -14.62
N ARG B 23 28.41 -3.01 -15.89
CA ARG B 23 29.40 -3.25 -16.94
C ARG B 23 30.28 -2.04 -17.14
N GLU B 24 29.66 -0.86 -17.21
CA GLU B 24 30.37 0.39 -17.40
C GLU B 24 31.44 0.62 -16.32
N TYR B 25 31.15 0.20 -15.10
CA TYR B 25 32.07 0.36 -13.97
C TYR B 25 33.24 -0.61 -14.04
N LYS B 26 33.04 -1.72 -14.75
CA LYS B 26 34.09 -2.71 -14.92
C LYS B 26 34.71 -3.10 -13.57
N PRO B 27 34.01 -3.88 -12.74
CA PRO B 27 34.51 -4.29 -11.42
C PRO B 27 35.72 -5.20 -11.52
N ASP B 28 36.63 -5.06 -10.56
CA ASP B 28 37.83 -5.87 -10.49
C ASP B 28 37.61 -6.97 -9.48
N VAL B 29 36.77 -6.67 -8.49
CA VAL B 29 36.47 -7.62 -7.42
C VAL B 29 35.02 -7.46 -6.93
N ILE B 30 34.44 -8.58 -6.50
CA ILE B 30 33.09 -8.56 -5.98
C ILE B 30 33.10 -9.09 -4.56
N ILE B 31 32.59 -8.27 -3.64
CA ILE B 31 32.51 -8.63 -2.23
C ILE B 31 31.05 -8.96 -1.88
N GLY B 32 30.73 -10.26 -1.79
CA GLY B 32 29.37 -10.61 -1.45
C GLY B 32 29.22 -10.78 0.06
N VAL B 33 28.32 -9.96 0.64
CA VAL B 33 28.01 -10.12 2.07
C VAL B 33 27.02 -11.26 2.33
N ALA B 34 27.51 -12.30 3.04
CA ALA B 34 26.63 -13.40 3.40
C ALA B 34 25.65 -13.00 4.50
N ARG B 35 24.50 -13.69 4.52
CA ARG B 35 24.26 -14.73 3.53
C ARG B 35 23.40 -14.20 2.37
N GLY B 36 22.67 -13.10 2.66
CA GLY B 36 21.72 -12.56 1.69
C GLY B 36 22.35 -12.16 0.35
N GLY B 37 23.64 -11.77 0.39
CA GLY B 37 24.27 -11.23 -0.82
C GLY B 37 24.93 -12.30 -1.68
N LEU B 38 25.21 -13.47 -1.06
CA LEU B 38 26.03 -14.49 -1.71
C LEU B 38 25.44 -14.96 -3.05
N ILE B 39 24.16 -15.32 -3.09
CA ILE B 39 23.60 -15.79 -4.34
C ILE B 39 23.67 -14.74 -5.44
N PRO B 40 23.39 -13.45 -5.12
CA PRO B 40 23.47 -12.43 -6.18
C PRO B 40 24.93 -12.18 -6.60
N ALA B 41 25.84 -12.22 -5.62
CA ALA B 41 27.26 -12.00 -5.89
C ALA B 41 27.78 -13.09 -6.83
N VAL B 42 27.34 -14.34 -6.62
CA VAL B 42 27.74 -15.47 -7.45
C VAL B 42 27.37 -15.26 -8.91
N ARG B 43 26.14 -14.80 -9.17
CA ARG B 43 25.70 -14.58 -10.54
C ARG B 43 26.32 -13.37 -11.22
N LEU B 44 26.49 -12.27 -10.49
CA LEU B 44 27.09 -11.07 -11.04
C LEU B 44 28.55 -11.36 -11.35
N SER B 45 29.17 -12.14 -10.47
CA SER B 45 30.57 -12.51 -10.65
C SER B 45 30.78 -13.15 -12.04
N HIS B 46 29.89 -14.05 -12.42
CA HIS B 46 30.00 -14.71 -13.71
C HIS B 46 29.61 -13.81 -14.88
N ILE B 47 28.44 -13.19 -14.80
CA ILE B 47 27.95 -12.33 -15.88
C ILE B 47 28.95 -11.24 -16.26
N LEU B 48 29.71 -10.77 -15.27
CA LEU B 48 30.67 -9.70 -15.51
C LEU B 48 32.07 -10.19 -15.85
N GLY B 49 32.15 -11.34 -16.52
CA GLY B 49 33.44 -11.89 -16.92
C GLY B 49 34.19 -12.74 -15.94
N ASP B 50 33.46 -13.47 -15.10
CA ASP B 50 34.04 -14.35 -14.11
C ASP B 50 35.11 -13.61 -13.31
N ILE B 51 34.71 -12.58 -12.57
CA ILE B 51 35.66 -11.81 -11.78
C ILE B 51 35.83 -12.41 -10.38
N PRO B 52 37.03 -12.25 -9.79
CA PRO B 52 37.28 -12.80 -8.45
C PRO B 52 36.18 -12.46 -7.45
N LEU B 53 35.79 -13.47 -6.67
CA LEU B 53 34.75 -13.31 -5.68
C LEU B 53 35.24 -13.51 -4.26
N LYS B 54 35.05 -12.50 -3.42
CA LYS B 54 35.44 -12.61 -2.02
C LYS B 54 34.16 -12.60 -1.17
N VAL B 55 34.28 -13.04 0.07
CA VAL B 55 33.13 -13.12 0.95
C VAL B 55 33.37 -12.55 2.34
N ILE B 56 32.38 -11.86 2.88
CA ILE B 56 32.48 -11.29 4.22
C ILE B 56 31.20 -11.55 4.99
N ASP B 57 31.33 -11.85 6.27
CA ASP B 57 30.16 -12.12 7.10
C ASP B 57 30.24 -11.30 8.37
N VAL B 58 29.20 -10.52 8.63
CA VAL B 58 29.14 -9.69 9.82
C VAL B 58 27.91 -10.07 10.63
N LYS B 59 28.13 -10.45 11.88
CA LYS B 59 27.05 -10.84 12.78
C LYS B 59 26.98 -9.85 13.95
N PHE B 60 25.76 -9.53 14.37
CA PHE B 60 25.58 -8.61 15.49
C PHE B 60 25.05 -9.34 16.74
N TYR B 61 25.86 -9.33 17.78
CA TYR B 61 25.48 -10.05 19.02
C TYR B 61 24.87 -9.14 20.13
N LYS B 62 23.85 -9.67 20.86
CA LYS B 62 23.30 -8.88 22.00
C LYS B 62 23.74 -9.38 23.38
N GLY B 63 24.07 -8.40 24.25
CA GLY B 63 24.27 -8.71 25.67
C GLY B 63 24.58 -7.44 26.49
N GLY B 68 24.17 -3.04 25.01
CA GLY B 68 24.57 -2.66 23.67
C GLY B 68 24.89 -3.84 22.78
N GLU B 69 25.16 -3.58 21.50
CA GLU B 69 25.50 -4.63 20.53
C GLU B 69 26.74 -4.28 19.71
N LYS B 70 27.65 -5.25 19.58
CA LYS B 70 28.87 -5.06 18.81
C LYS B 70 28.95 -6.08 17.66
N PRO B 71 29.36 -5.62 16.47
CA PRO B 71 29.48 -6.52 15.32
C PRO B 71 30.75 -7.38 15.37
N VAL B 72 30.61 -8.64 14.97
CA VAL B 72 31.73 -9.57 14.93
C VAL B 72 31.89 -10.13 13.53
N ILE B 73 33.12 -10.11 13.01
CA ILE B 73 33.37 -10.62 11.67
C ILE B 73 33.41 -12.14 11.65
N THR B 74 32.33 -12.75 11.21
CA THR B 74 32.23 -14.21 11.13
C THR B 74 33.19 -14.74 10.06
N ILE B 75 33.18 -14.11 8.89
CA ILE B 75 34.06 -14.49 7.78
C ILE B 75 34.71 -13.20 7.29
N PRO B 76 36.01 -13.02 7.58
CA PRO B 76 36.77 -11.84 7.18
C PRO B 76 37.27 -11.87 5.75
N ILE B 77 37.56 -10.70 5.19
CA ILE B 77 38.09 -10.63 3.84
C ILE B 77 39.57 -10.30 3.94
N HIS B 78 40.37 -10.93 3.08
CA HIS B 78 41.82 -10.70 3.08
C HIS B 78 42.37 -10.46 1.68
N GLY B 79 43.61 -9.98 1.64
CA GLY B 79 44.27 -9.69 0.38
C GLY B 79 43.99 -8.24 0.04
N ASP B 80 45.04 -7.46 -0.21
CA ASP B 80 44.85 -6.04 -0.53
C ASP B 80 44.15 -5.86 -1.87
N LEU B 81 43.32 -4.84 -1.95
CA LEU B 81 42.56 -4.54 -3.16
C LEU B 81 43.07 -3.22 -3.69
N LYS B 82 44.36 -2.98 -3.46
CA LYS B 82 45.05 -1.77 -3.90
C LYS B 82 44.72 -1.43 -5.34
N ASP B 83 44.13 -0.27 -5.56
CA ASP B 83 43.76 0.18 -6.90
C ASP B 83 42.85 -0.77 -7.67
N LYS B 84 42.02 -1.51 -6.94
CA LYS B 84 41.08 -2.44 -7.57
C LYS B 84 39.69 -1.81 -7.44
N ARG B 85 38.86 -1.94 -8.47
CA ARG B 85 37.51 -1.39 -8.41
C ARG B 85 36.57 -2.42 -7.79
N VAL B 86 36.31 -2.27 -6.50
CA VAL B 86 35.44 -3.20 -5.78
C VAL B 86 33.94 -2.88 -5.84
N VAL B 87 33.14 -3.93 -5.78
CA VAL B 87 31.69 -3.81 -5.79
C VAL B 87 31.17 -4.64 -4.63
N ILE B 88 30.42 -4.01 -3.74
CA ILE B 88 29.84 -4.72 -2.60
C ILE B 88 28.42 -5.08 -2.97
N VAL B 89 28.13 -6.39 -2.91
CA VAL B 89 26.82 -6.91 -3.25
C VAL B 89 26.09 -7.43 -2.00
N ASP B 90 24.82 -7.07 -1.89
CA ASP B 90 23.99 -7.50 -0.77
C ASP B 90 22.56 -7.57 -1.25
N ASP B 91 21.70 -8.27 -0.52
CA ASP B 91 20.30 -8.36 -0.93
C ASP B 91 19.56 -7.05 -0.69
N VAL B 92 19.78 -6.43 0.47
CA VAL B 92 19.11 -5.19 0.80
C VAL B 92 19.88 -4.26 1.74
N SER B 93 19.67 -2.96 1.55
CA SER B 93 20.28 -1.96 2.43
C SER B 93 19.09 -1.53 3.30
N ASP B 94 18.99 -2.12 4.49
CA ASP B 94 17.90 -1.85 5.41
C ASP B 94 18.23 -0.63 6.26
N THR B 95 19.02 -0.82 7.31
CA THR B 95 19.38 0.32 8.14
C THR B 95 20.70 0.86 7.63
N GLY B 96 21.50 -0.04 7.05
CA GLY B 96 22.80 0.33 6.52
C GLY B 96 23.93 -0.05 7.45
N LYS B 97 23.58 -0.57 8.64
CA LYS B 97 24.60 -0.95 9.62
C LYS B 97 25.64 -1.96 9.13
N THR B 98 25.20 -3.05 8.49
CA THR B 98 26.14 -4.03 7.99
C THR B 98 27.02 -3.43 6.88
N LEU B 99 26.37 -2.86 5.87
CA LEU B 99 27.12 -2.25 4.77
C LEU B 99 28.15 -1.22 5.24
N GLU B 100 27.91 -0.60 6.39
CA GLU B 100 28.87 0.37 6.90
C GLU B 100 30.10 -0.34 7.43
N VAL B 101 29.89 -1.51 8.03
CA VAL B 101 31.02 -2.27 8.54
C VAL B 101 31.81 -2.86 7.37
N VAL B 102 31.10 -3.33 6.34
CA VAL B 102 31.73 -3.91 5.17
C VAL B 102 32.59 -2.86 4.46
N ILE B 103 32.02 -1.69 4.26
CA ILE B 103 32.85 -0.57 3.77
C ILE B 103 34.14 -0.32 4.58
N GLU B 104 34.03 -0.39 5.92
CA GLU B 104 35.23 -0.16 6.73
C GLU B 104 36.29 -1.23 6.51
N GLU B 105 35.82 -2.48 6.31
CA GLU B 105 36.75 -3.58 6.11
C GLU B 105 37.37 -3.55 4.71
N VAL B 106 36.66 -3.05 3.69
CA VAL B 106 37.19 -2.99 2.35
C VAL B 106 38.25 -1.90 2.28
N LYS B 107 37.98 -0.77 2.93
CA LYS B 107 38.95 0.32 2.96
C LYS B 107 40.22 -0.09 3.71
N LYS B 108 40.10 -1.05 4.62
CA LYS B 108 41.25 -1.53 5.38
C LYS B 108 42.18 -2.36 4.50
N LEU B 109 41.67 -2.74 3.32
CA LEU B 109 42.45 -3.52 2.39
C LEU B 109 42.98 -2.60 1.28
N GLY B 110 42.87 -1.30 1.52
CA GLY B 110 43.34 -0.31 0.57
C GLY B 110 42.57 -0.29 -0.74
N ALA B 111 41.25 -0.32 -0.65
CA ALA B 111 40.42 -0.31 -1.85
C ALA B 111 40.44 1.05 -2.53
N LYS B 112 40.66 1.03 -3.84
CA LYS B 112 40.70 2.26 -4.63
C LYS B 112 39.32 2.91 -4.71
N GLU B 113 38.43 2.28 -5.47
CA GLU B 113 37.07 2.76 -5.64
C GLU B 113 36.06 1.73 -5.16
N ILE B 114 35.09 2.20 -4.37
CA ILE B 114 34.06 1.31 -3.83
C ILE B 114 32.65 1.71 -4.27
N LYS B 115 31.94 0.74 -4.80
CA LYS B 115 30.57 0.91 -5.28
C LYS B 115 29.72 -0.14 -4.52
N ILE B 116 28.44 0.13 -4.32
CA ILE B 116 27.58 -0.81 -3.63
C ILE B 116 26.36 -1.16 -4.46
N ALA B 117 26.08 -2.45 -4.56
CA ALA B 117 24.94 -2.91 -5.34
C ALA B 117 24.04 -3.80 -4.50
N CYS B 118 22.74 -3.53 -4.55
CA CYS B 118 21.76 -4.30 -3.78
C CYS B 118 20.52 -4.52 -4.62
N LEU B 119 19.81 -5.61 -4.36
CA LEU B 119 18.59 -5.85 -5.10
C LEU B 119 17.57 -4.83 -4.58
N ALA B 120 17.63 -4.54 -3.28
CA ALA B 120 16.69 -3.62 -2.68
C ALA B 120 17.22 -2.72 -1.58
N MET B 121 16.52 -1.61 -1.38
CA MET B 121 16.89 -0.67 -0.33
C MET B 121 15.63 -0.09 0.32
N LYS B 122 15.77 0.31 1.58
CA LYS B 122 14.67 0.91 2.30
C LYS B 122 14.95 2.41 2.46
N PRO B 123 13.95 3.27 2.18
CA PRO B 123 14.02 4.73 2.25
C PRO B 123 14.75 5.35 3.45
N TRP B 124 14.82 4.63 4.56
CA TRP B 124 15.46 5.13 5.76
C TRP B 124 16.88 4.62 6.00
N THR B 125 17.47 3.95 5.01
CA THR B 125 18.82 3.41 5.19
C THR B 125 19.84 4.54 5.26
N SER B 126 20.99 4.26 5.89
CA SER B 126 22.04 5.24 6.00
C SER B 126 23.03 5.11 4.85
N VAL B 127 22.99 3.97 4.16
CA VAL B 127 23.88 3.73 3.03
C VAL B 127 23.05 3.43 1.78
N VAL B 128 22.75 4.48 1.01
CA VAL B 128 21.98 4.29 -0.22
C VAL B 128 22.89 3.60 -1.24
N PRO B 129 22.39 2.54 -1.88
CA PRO B 129 23.19 1.81 -2.86
C PRO B 129 23.46 2.62 -4.14
N ASP B 130 24.64 2.41 -4.73
CA ASP B 130 24.96 3.09 -5.99
C ASP B 130 24.08 2.48 -7.08
N TYR B 131 23.62 1.25 -6.85
CA TYR B 131 22.74 0.55 -7.78
C TYR B 131 21.74 -0.33 -7.02
N TYR B 132 20.46 -0.20 -7.34
CA TYR B 132 19.45 -1.03 -6.70
C TYR B 132 18.23 -1.06 -7.59
N VAL B 133 17.37 -2.04 -7.39
CA VAL B 133 16.16 -2.18 -8.19
C VAL B 133 14.87 -1.98 -7.38
N PHE B 134 14.79 -2.71 -6.27
CA PHE B 134 13.61 -2.66 -5.42
C PHE B 134 13.66 -1.63 -4.29
N ARG B 135 12.60 -0.83 -4.19
CA ARG B 135 12.50 0.15 -3.12
C ARG B 135 11.20 -0.07 -2.33
N THR B 136 11.33 -0.39 -1.06
CA THR B 136 10.16 -0.65 -0.23
C THR B 136 10.47 -0.53 1.25
N GLU B 137 9.43 -0.37 2.06
CA GLU B 137 9.59 -0.28 3.50
C GLU B 137 9.11 -1.57 4.15
N LYS B 138 8.33 -2.35 3.40
CA LYS B 138 7.80 -3.61 3.92
C LYS B 138 8.85 -4.67 4.24
N TRP B 139 8.39 -5.71 4.92
CA TRP B 139 9.21 -6.85 5.32
C TRP B 139 9.51 -7.61 4.03
N ILE B 140 10.79 -7.82 3.73
CA ILE B 140 11.18 -8.54 2.51
C ILE B 140 11.65 -9.96 2.74
N VAL B 141 10.98 -10.91 2.09
CA VAL B 141 11.38 -12.30 2.19
C VAL B 141 12.00 -12.64 0.83
N PHE B 142 13.31 -12.85 0.82
CA PHE B 142 13.99 -13.21 -0.41
C PHE B 142 13.84 -14.73 -0.60
N PRO B 143 13.78 -15.18 -1.86
CA PRO B 143 13.64 -16.60 -2.22
C PRO B 143 14.47 -17.56 -1.39
N TRP B 144 15.68 -17.16 -1.03
CA TRP B 144 16.53 -18.06 -0.27
C TRP B 144 16.20 -18.13 1.22
N GLU B 145 15.31 -17.26 1.66
CA GLU B 145 14.89 -17.23 3.07
C GLU B 145 13.66 -18.11 3.24
N GLU B 146 13.39 -18.50 4.48
CA GLU B 146 12.22 -19.32 4.75
C GLU B 146 10.99 -18.43 4.93
N PHE B 147 9.85 -18.91 4.44
CA PHE B 147 8.59 -18.18 4.58
C PHE B 147 8.17 -18.25 6.07
N PRO B 148 8.12 -17.09 6.74
CA PRO B 148 7.74 -17.06 8.17
C PRO B 148 6.31 -17.53 8.43
N VAL B 149 6.13 -18.29 9.50
CA VAL B 149 4.80 -18.77 9.87
C VAL B 149 4.38 -18.12 11.19
N ILE B 150 3.17 -17.57 11.23
CA ILE B 150 2.67 -16.93 12.44
C ILE B 150 1.87 -17.94 13.27
N GLU B 151 2.38 -18.22 14.47
CA GLU B 151 1.73 -19.16 15.37
C GLU B 151 1.19 -18.44 16.60
N LYS B 152 0.03 -18.89 17.09
CA LYS B 152 -0.57 -18.27 18.27
C LYS B 152 0.43 -18.34 19.44
N GLU B 153 0.44 -17.31 20.28
CA GLU B 153 1.36 -17.25 21.42
C GLU B 153 1.15 -18.37 22.44
N MET C 1 18.92 -39.09 -15.28
CA MET C 1 17.54 -38.60 -15.01
C MET C 1 16.52 -39.23 -15.95
N ASP C 2 15.95 -40.35 -15.51
CA ASP C 2 14.97 -41.08 -16.30
C ASP C 2 13.51 -40.68 -16.02
N LYS C 3 13.30 -39.55 -15.36
CA LYS C 3 11.95 -39.11 -15.03
C LYS C 3 11.56 -37.83 -15.76
N VAL C 4 10.26 -37.59 -15.86
CA VAL C 4 9.76 -36.38 -16.49
C VAL C 4 9.23 -35.45 -15.40
N TYR C 5 9.87 -34.29 -15.25
CA TYR C 5 9.45 -33.30 -14.24
C TYR C 5 8.59 -32.20 -14.84
N LEU C 6 7.29 -32.35 -14.73
CA LEU C 6 6.30 -31.37 -15.18
C LEU C 6 6.36 -30.08 -14.36
N THR C 7 6.23 -28.93 -15.02
CA THR C 7 6.23 -27.65 -14.33
C THR C 7 4.79 -27.22 -14.12
N TRP C 8 4.59 -26.20 -13.29
CA TRP C 8 3.27 -25.69 -13.05
C TRP C 8 2.70 -25.06 -14.33
N TRP C 9 3.58 -24.52 -15.16
CA TRP C 9 3.12 -23.90 -16.42
C TRP C 9 2.72 -24.98 -17.45
N GLN C 10 3.35 -26.16 -17.38
CA GLN C 10 2.96 -27.24 -18.28
C GLN C 10 1.60 -27.77 -17.82
N VAL C 11 1.46 -27.93 -16.50
CA VAL C 11 0.21 -28.41 -15.92
C VAL C 11 -0.93 -27.45 -16.17
N ASP C 12 -0.66 -26.15 -16.02
CA ASP C 12 -1.66 -25.12 -16.22
C ASP C 12 -2.14 -25.06 -17.67
N ARG C 13 -1.22 -25.21 -18.62
CA ARG C 13 -1.60 -25.17 -20.02
C ARG C 13 -2.32 -26.47 -20.43
N ALA C 14 -1.96 -27.58 -19.80
CA ALA C 14 -2.61 -28.85 -20.08
C ALA C 14 -4.09 -28.70 -19.69
N ILE C 15 -4.33 -28.18 -18.49
CA ILE C 15 -5.68 -27.95 -17.98
C ILE C 15 -6.51 -27.05 -18.88
N PHE C 16 -5.97 -25.88 -19.26
CA PHE C 16 -6.70 -24.96 -20.13
C PHE C 16 -7.06 -25.66 -21.43
N ALA C 17 -6.15 -26.49 -21.93
CA ALA C 17 -6.38 -27.23 -23.16
C ALA C 17 -7.55 -28.20 -22.96
N LEU C 18 -7.49 -28.96 -21.86
CA LEU C 18 -8.53 -29.93 -21.54
C LEU C 18 -9.89 -29.25 -21.41
N ALA C 19 -9.88 -28.09 -20.73
CA ALA C 19 -11.09 -27.33 -20.49
C ALA C 19 -11.84 -26.95 -21.77
N GLU C 20 -11.11 -26.53 -22.80
CA GLU C 20 -11.73 -26.14 -24.05
C GLU C 20 -12.39 -27.35 -24.72
N LYS C 21 -11.78 -28.52 -24.54
CA LYS C 21 -12.32 -29.74 -25.11
C LYS C 21 -13.53 -30.19 -24.28
N LEU C 22 -13.45 -30.02 -22.97
CA LEU C 22 -14.53 -30.43 -22.08
C LEU C 22 -15.77 -29.54 -22.21
N ARG C 23 -15.62 -28.34 -22.75
CA ARG C 23 -16.76 -27.43 -22.92
C ARG C 23 -17.73 -27.95 -23.97
N GLU C 24 -17.25 -28.82 -24.86
CA GLU C 24 -18.08 -29.39 -25.91
C GLU C 24 -18.93 -30.50 -25.31
N TYR C 25 -18.43 -31.07 -24.21
CA TYR C 25 -19.10 -32.15 -23.50
C TYR C 25 -20.15 -31.63 -22.53
N LYS C 26 -19.83 -30.54 -21.85
CA LYS C 26 -20.74 -29.93 -20.89
C LYS C 26 -20.95 -30.81 -19.67
N PRO C 27 -19.90 -30.98 -18.85
CA PRO C 27 -19.99 -31.80 -17.64
C PRO C 27 -20.91 -31.17 -16.60
N ASP C 28 -21.72 -32.00 -15.95
CA ASP C 28 -22.61 -31.50 -14.91
C ASP C 28 -21.86 -31.57 -13.59
N VAL C 29 -20.95 -32.53 -13.51
CA VAL C 29 -20.14 -32.74 -12.30
C VAL C 29 -18.76 -33.33 -12.63
N ILE C 30 -17.83 -33.08 -11.73
CA ILE C 30 -16.46 -33.56 -11.88
C ILE C 30 -16.10 -34.46 -10.71
N ILE C 31 -15.50 -35.61 -11.02
CA ILE C 31 -15.08 -36.50 -9.97
C ILE C 31 -13.56 -36.48 -9.95
N GLY C 32 -13.00 -35.96 -8.89
CA GLY C 32 -11.55 -35.85 -8.75
C GLY C 32 -10.98 -37.05 -8.00
N VAL C 33 -9.93 -37.65 -8.62
CA VAL C 33 -9.29 -38.78 -7.97
C VAL C 33 -8.06 -38.36 -7.15
N ALA C 34 -8.22 -38.37 -5.82
CA ALA C 34 -7.06 -38.14 -4.98
C ALA C 34 -5.93 -39.10 -5.37
N ARG C 35 -4.68 -38.67 -5.13
CA ARG C 35 -4.43 -37.35 -4.59
C ARG C 35 -4.03 -36.37 -5.70
N GLY C 36 -2.98 -36.75 -6.42
CA GLY C 36 -2.54 -35.93 -7.53
C GLY C 36 -3.74 -35.54 -8.41
N GLY C 37 -4.81 -36.31 -8.52
CA GLY C 37 -5.93 -35.90 -9.34
C GLY C 37 -6.70 -34.67 -8.92
N LEU C 38 -6.71 -34.35 -7.63
CA LEU C 38 -7.45 -33.20 -7.15
C LEU C 38 -7.00 -31.89 -7.80
N ILE C 39 -5.68 -31.73 -7.96
CA ILE C 39 -5.10 -30.53 -8.58
C ILE C 39 -5.85 -30.16 -9.87
N PRO C 40 -5.83 -31.05 -10.88
CA PRO C 40 -6.52 -30.72 -12.13
C PRO C 40 -8.02 -30.61 -11.94
N ALA C 41 -8.56 -31.40 -11.01
CA ALA C 41 -10.00 -31.42 -10.72
C ALA C 41 -10.48 -30.06 -10.23
N VAL C 42 -9.75 -29.51 -9.26
CA VAL C 42 -10.07 -28.21 -8.70
C VAL C 42 -10.04 -27.11 -9.77
N ARG C 43 -8.96 -27.06 -10.53
CA ARG C 43 -8.82 -26.08 -11.60
C ARG C 43 -9.97 -26.19 -12.58
N LEU C 44 -10.26 -27.40 -13.07
CA LEU C 44 -11.35 -27.56 -14.05
C LEU C 44 -12.69 -27.16 -13.43
N SER C 45 -12.81 -27.35 -12.12
CA SER C 45 -14.02 -27.00 -11.39
C SER C 45 -14.31 -25.51 -11.56
N HIS C 46 -13.31 -24.67 -11.26
CA HIS C 46 -13.47 -23.23 -11.41
C HIS C 46 -13.61 -22.84 -12.88
N ILE C 47 -12.64 -23.27 -13.69
CA ILE C 47 -12.63 -22.97 -15.12
C ILE C 47 -13.94 -23.27 -15.84
N LEU C 48 -14.58 -24.36 -15.48
CA LEU C 48 -15.82 -24.75 -16.15
C LEU C 48 -17.08 -24.23 -15.50
N GLY C 49 -17.04 -22.98 -15.03
CA GLY C 49 -18.22 -22.39 -14.43
C GLY C 49 -18.57 -22.88 -13.03
N ASP C 50 -17.56 -23.10 -12.21
CA ASP C 50 -17.75 -23.56 -10.85
C ASP C 50 -18.78 -24.68 -10.73
N ILE C 51 -18.55 -25.79 -11.43
CA ILE C 51 -19.45 -26.93 -11.36
C ILE C 51 -19.01 -27.81 -10.20
N PRO C 52 -19.96 -28.49 -9.54
CA PRO C 52 -19.76 -29.38 -8.39
C PRO C 52 -18.56 -30.31 -8.47
N LEU C 53 -17.92 -30.53 -7.34
CA LEU C 53 -16.76 -31.41 -7.28
C LEU C 53 -16.87 -32.47 -6.17
N LYS C 54 -16.68 -33.74 -6.54
CA LYS C 54 -16.73 -34.85 -5.59
C LYS C 54 -15.37 -35.52 -5.55
N VAL C 55 -14.88 -35.83 -4.35
CA VAL C 55 -13.58 -36.45 -4.18
C VAL C 55 -13.64 -37.95 -3.89
N ILE C 56 -12.97 -38.75 -4.72
CA ILE C 56 -12.93 -40.19 -4.50
C ILE C 56 -11.49 -40.65 -4.33
N ASP C 57 -11.23 -41.38 -3.24
CA ASP C 57 -9.88 -41.86 -2.95
C ASP C 57 -9.85 -43.39 -2.97
N VAL C 58 -9.06 -43.98 -3.86
CA VAL C 58 -8.95 -45.44 -3.96
C VAL C 58 -7.56 -45.93 -3.54
N LYS C 59 -7.51 -46.85 -2.58
CA LYS C 59 -6.24 -47.39 -2.12
C LYS C 59 -6.16 -48.89 -2.33
N PHE C 60 -4.95 -49.40 -2.60
CA PHE C 60 -4.74 -50.82 -2.83
C PHE C 60 -3.88 -51.53 -1.78
N LYS C 70 -7.85 -56.26 -2.15
CA LYS C 70 -6.99 -55.12 -2.46
C LYS C 70 -7.74 -53.78 -2.41
N PRO C 71 -8.54 -53.51 -3.46
CA PRO C 71 -9.12 -52.19 -3.66
C PRO C 71 -10.04 -51.74 -2.51
N VAL C 72 -9.55 -50.73 -1.75
CA VAL C 72 -10.37 -50.17 -0.67
C VAL C 72 -10.60 -48.66 -0.85
N ILE C 73 -11.89 -48.27 -0.83
CA ILE C 73 -12.24 -46.87 -1.04
C ILE C 73 -12.09 -46.03 0.24
N THR C 74 -10.99 -45.27 0.29
CA THR C 74 -10.64 -44.40 1.43
C THR C 74 -11.56 -43.18 1.59
N ILE C 75 -12.14 -42.73 0.48
CA ILE C 75 -13.04 -41.59 0.48
C ILE C 75 -14.10 -41.90 -0.57
N PRO C 76 -15.37 -42.06 -0.13
CA PRO C 76 -16.51 -42.36 -1.01
C PRO C 76 -17.26 -41.15 -1.56
N ILE C 77 -17.80 -41.30 -2.76
CA ILE C 77 -18.58 -40.25 -3.39
C ILE C 77 -20.05 -40.61 -3.26
N HIS C 78 -20.87 -39.68 -2.77
CA HIS C 78 -22.29 -39.98 -2.60
C HIS C 78 -23.23 -39.17 -3.50
N GLY C 79 -24.50 -39.53 -3.47
CA GLY C 79 -25.50 -38.86 -4.30
C GLY C 79 -25.62 -39.63 -5.61
N ASP C 80 -26.67 -39.36 -6.39
CA ASP C 80 -26.83 -40.08 -7.66
C ASP C 80 -26.54 -39.19 -8.86
N LEU C 81 -25.68 -39.70 -9.73
CA LEU C 81 -25.29 -39.00 -10.94
C LEU C 81 -26.31 -39.35 -12.03
N LYS C 82 -27.53 -39.62 -11.59
CA LYS C 82 -28.62 -39.97 -12.50
C LYS C 82 -28.90 -38.80 -13.44
N ASP C 83 -28.74 -39.04 -14.74
CA ASP C 83 -28.97 -38.01 -15.75
C ASP C 83 -27.98 -36.85 -15.59
N LYS C 84 -26.74 -37.19 -15.26
CA LYS C 84 -25.68 -36.21 -15.10
C LYS C 84 -24.44 -36.64 -15.86
N ARG C 85 -24.05 -35.86 -16.87
CA ARG C 85 -22.84 -36.16 -17.63
C ARG C 85 -21.64 -35.96 -16.71
N VAL C 86 -20.90 -37.03 -16.48
CA VAL C 86 -19.75 -36.99 -15.59
C VAL C 86 -18.42 -37.04 -16.33
N VAL C 87 -17.42 -36.42 -15.71
CA VAL C 87 -16.05 -36.41 -16.24
C VAL C 87 -15.14 -36.75 -15.07
N ILE C 88 -14.39 -37.83 -15.21
CA ILE C 88 -13.47 -38.25 -14.15
C ILE C 88 -12.11 -37.63 -14.44
N VAL C 89 -11.60 -36.88 -13.48
CA VAL C 89 -10.31 -36.20 -13.64
C VAL C 89 -9.20 -36.80 -12.78
N ASP C 90 -8.14 -37.26 -13.45
CA ASP C 90 -7.00 -37.81 -12.74
C ASP C 90 -5.73 -37.23 -13.37
N ASP C 91 -4.61 -37.29 -12.67
CA ASP C 91 -3.39 -36.74 -13.20
C ASP C 91 -2.76 -37.60 -14.29
N VAL C 92 -2.70 -38.92 -14.07
CA VAL C 92 -2.13 -39.83 -15.05
C VAL C 92 -2.74 -41.24 -15.07
N SER C 93 -3.03 -41.74 -16.27
CA SER C 93 -3.57 -43.08 -16.43
C SER C 93 -2.39 -43.97 -16.78
N ASP C 94 -1.79 -44.58 -15.76
CA ASP C 94 -0.63 -45.45 -15.94
C ASP C 94 -1.00 -46.89 -16.31
N THR C 95 -1.60 -47.62 -15.37
CA THR C 95 -2.01 -49.00 -15.65
C THR C 95 -3.52 -49.09 -15.90
N GLY C 96 -4.25 -48.16 -15.27
CA GLY C 96 -5.70 -48.14 -15.43
C GLY C 96 -6.41 -48.72 -14.20
N LYS C 97 -5.59 -49.32 -13.31
CA LYS C 97 -6.17 -50.02 -12.17
C LYS C 97 -7.14 -49.13 -11.36
N THR C 98 -6.63 -47.98 -10.88
CA THR C 98 -7.48 -47.12 -10.07
C THR C 98 -8.70 -46.62 -10.86
N LEU C 99 -8.42 -46.13 -12.08
CA LEU C 99 -9.48 -45.54 -12.89
C LEU C 99 -10.62 -46.53 -13.15
N GLU C 100 -10.27 -47.82 -13.31
CA GLU C 100 -11.31 -48.80 -13.54
C GLU C 100 -12.22 -48.96 -12.32
N VAL C 101 -11.59 -48.91 -11.13
CA VAL C 101 -12.37 -48.94 -9.90
C VAL C 101 -13.29 -47.72 -9.81
N VAL C 102 -12.80 -46.57 -10.23
CA VAL C 102 -13.57 -45.34 -10.18
C VAL C 102 -14.73 -45.39 -11.17
N ILE C 103 -14.49 -45.99 -12.33
CA ILE C 103 -15.53 -46.10 -13.35
C ILE C 103 -16.73 -46.88 -12.80
N GLU C 104 -16.46 -47.85 -11.94
CA GLU C 104 -17.51 -48.65 -11.31
C GLU C 104 -18.41 -47.77 -10.46
N GLU C 105 -17.84 -47.26 -9.37
CA GLU C 105 -18.56 -46.41 -8.43
C GLU C 105 -19.41 -45.32 -9.08
N VAL C 106 -19.00 -44.90 -10.28
CA VAL C 106 -19.73 -43.87 -11.00
C VAL C 106 -20.96 -44.45 -11.70
N LYS C 107 -20.83 -45.67 -12.21
CA LYS C 107 -21.95 -46.32 -12.88
C LYS C 107 -22.94 -46.81 -11.81
N LYS C 108 -22.40 -47.22 -10.66
CA LYS C 108 -23.23 -47.68 -9.55
C LYS C 108 -24.17 -46.56 -9.14
N LEU C 109 -23.78 -45.33 -9.41
CA LEU C 109 -24.60 -44.18 -9.08
C LEU C 109 -25.40 -43.78 -10.31
N GLY C 110 -25.37 -44.65 -11.31
CA GLY C 110 -26.10 -44.43 -12.55
C GLY C 110 -25.82 -43.10 -13.22
N ALA C 111 -24.67 -42.99 -13.86
CA ALA C 111 -24.28 -41.76 -14.54
C ALA C 111 -24.81 -41.69 -15.97
N LYS C 112 -25.47 -40.59 -16.29
CA LYS C 112 -26.04 -40.37 -17.63
C LYS C 112 -24.97 -40.60 -18.71
N GLU C 113 -23.74 -40.23 -18.40
CA GLU C 113 -22.62 -40.42 -19.32
C GLU C 113 -21.33 -40.31 -18.52
N ILE C 114 -20.26 -40.92 -19.03
CA ILE C 114 -18.98 -40.88 -18.32
C ILE C 114 -17.81 -40.64 -19.27
N LYS C 115 -17.01 -39.62 -18.94
CA LYS C 115 -15.84 -39.29 -19.74
C LYS C 115 -14.66 -39.22 -18.78
N ILE C 116 -13.45 -39.43 -19.32
CA ILE C 116 -12.26 -39.36 -18.50
C ILE C 116 -11.26 -38.38 -19.09
N ALA C 117 -10.68 -37.55 -18.24
CA ALA C 117 -9.70 -36.56 -18.68
C ALA C 117 -8.49 -36.64 -17.77
N CYS C 118 -7.31 -36.77 -18.38
CA CYS C 118 -6.07 -36.84 -17.60
C CYS C 118 -5.01 -35.93 -18.18
N LEU C 119 -3.96 -35.68 -17.42
CA LEU C 119 -2.88 -34.84 -17.90
C LEU C 119 -2.00 -35.72 -18.79
N ALA C 120 -1.65 -36.88 -18.23
CA ALA C 120 -0.80 -37.84 -18.94
C ALA C 120 -1.48 -39.20 -19.01
N MET C 121 -0.82 -40.10 -19.73
CA MET C 121 -1.30 -41.46 -19.91
C MET C 121 -0.13 -42.23 -20.51
N LYS C 122 0.06 -43.46 -20.06
CA LYS C 122 1.15 -44.25 -20.58
C LYS C 122 0.62 -45.24 -21.62
N PRO C 123 1.48 -45.67 -22.55
CA PRO C 123 1.19 -46.60 -23.65
C PRO C 123 0.41 -47.85 -23.28
N TRP C 124 0.82 -48.47 -22.19
CA TRP C 124 0.24 -49.70 -21.69
C TRP C 124 -1.02 -49.62 -20.83
N THR C 125 -1.46 -48.42 -20.45
CA THR C 125 -2.65 -48.33 -19.62
C THR C 125 -3.80 -49.14 -20.22
N SER C 126 -4.65 -49.68 -19.34
CA SER C 126 -5.80 -50.44 -19.80
C SER C 126 -6.99 -49.51 -19.89
N VAL C 127 -6.74 -48.22 -19.64
CA VAL C 127 -7.80 -47.22 -19.71
C VAL C 127 -7.30 -45.94 -20.35
N VAL C 128 -7.49 -45.86 -21.67
CA VAL C 128 -7.10 -44.70 -22.44
C VAL C 128 -8.10 -43.58 -22.14
N PRO C 129 -7.61 -42.43 -21.63
CA PRO C 129 -8.50 -41.31 -21.32
C PRO C 129 -9.20 -40.80 -22.57
N ASP C 130 -10.37 -40.19 -22.40
CA ASP C 130 -11.09 -39.64 -23.54
C ASP C 130 -10.33 -38.38 -23.97
N TYR C 131 -9.73 -37.70 -23.00
CA TYR C 131 -8.95 -36.51 -23.27
C TYR C 131 -7.70 -36.51 -22.40
N TYR C 132 -6.53 -36.38 -23.04
CA TYR C 132 -5.29 -36.31 -22.28
C TYR C 132 -4.31 -35.42 -23.05
N VAL C 133 -3.18 -35.07 -22.44
CA VAL C 133 -2.21 -34.21 -23.09
C VAL C 133 -0.84 -34.84 -23.32
N PHE C 134 -0.18 -35.27 -22.24
CA PHE C 134 1.15 -35.88 -22.37
C PHE C 134 1.13 -37.40 -22.43
N ARG C 135 2.00 -37.95 -23.27
CA ARG C 135 2.13 -39.39 -23.47
C ARG C 135 3.59 -39.68 -23.13
N THR C 136 3.84 -40.65 -22.25
CA THR C 136 5.22 -40.98 -21.88
C THR C 136 5.34 -42.39 -21.31
N GLU C 137 6.58 -42.87 -21.19
CA GLU C 137 6.84 -44.21 -20.65
C GLU C 137 7.63 -44.07 -19.36
N LYS C 138 8.10 -42.86 -19.10
CA LYS C 138 8.90 -42.58 -17.91
C LYS C 138 8.00 -42.25 -16.73
N TRP C 139 8.57 -42.24 -15.54
CA TRP C 139 7.79 -41.90 -14.35
C TRP C 139 7.64 -40.38 -14.30
N ILE C 140 6.42 -39.91 -14.08
CA ILE C 140 6.15 -38.48 -14.05
C ILE C 140 6.16 -37.90 -12.65
N VAL C 141 7.00 -36.88 -12.42
CA VAL C 141 7.06 -36.21 -11.12
C VAL C 141 6.32 -34.89 -11.32
N PHE C 142 5.14 -34.77 -10.72
CA PHE C 142 4.35 -33.56 -10.88
C PHE C 142 4.84 -32.38 -10.04
N PRO C 143 4.45 -31.15 -10.43
CA PRO C 143 4.82 -29.89 -9.77
C PRO C 143 4.55 -29.89 -8.26
N TRP C 144 3.50 -30.57 -7.86
CA TRP C 144 3.10 -30.64 -6.45
C TRP C 144 3.73 -31.77 -5.64
N GLU C 145 4.55 -32.60 -6.27
CA GLU C 145 5.17 -33.72 -5.57
C GLU C 145 6.57 -33.44 -5.04
N GLU C 146 6.98 -34.18 -4.02
CA GLU C 146 8.31 -34.02 -3.43
C GLU C 146 9.29 -35.01 -4.07
N PHE C 147 10.59 -34.79 -3.84
CA PHE C 147 11.63 -35.64 -4.42
C PHE C 147 12.29 -36.56 -3.42
N PRO C 148 12.67 -37.77 -3.87
CA PRO C 148 13.32 -38.77 -3.05
C PRO C 148 14.78 -38.36 -2.92
N VAL C 149 15.46 -38.86 -1.90
CA VAL C 149 16.87 -38.57 -1.69
C VAL C 149 17.60 -39.92 -1.82
N ILE C 150 18.80 -39.89 -2.39
CA ILE C 150 19.61 -41.10 -2.54
C ILE C 150 20.70 -41.04 -1.49
N GLU C 151 20.71 -42.02 -0.60
CA GLU C 151 21.72 -42.11 0.46
C GLU C 151 22.60 -43.34 0.25
N LYS C 152 23.50 -43.60 1.20
CA LYS C 152 24.37 -44.76 1.09
C LYS C 152 23.91 -45.90 2.01
N MET D 1 -1.78 -3.60 -5.80
CA MET D 1 -2.88 -3.65 -6.79
C MET D 1 -4.19 -4.00 -6.10
N ASP D 2 -5.31 -3.84 -6.79
CA ASP D 2 -6.59 -4.17 -6.20
C ASP D 2 -6.58 -5.59 -5.63
N LYS D 3 -5.96 -6.52 -6.35
CA LYS D 3 -5.92 -7.89 -5.90
C LYS D 3 -4.51 -8.43 -5.71
N VAL D 4 -4.41 -9.57 -5.04
CA VAL D 4 -3.14 -10.24 -4.79
C VAL D 4 -3.23 -11.54 -5.58
N TYR D 5 -2.25 -11.78 -6.45
CA TYR D 5 -2.24 -12.99 -7.28
C TYR D 5 -1.08 -13.89 -6.90
N LEU D 6 -1.31 -14.77 -5.92
CA LEU D 6 -0.24 -15.66 -5.44
C LEU D 6 0.15 -16.66 -6.52
N THR D 7 1.48 -16.85 -6.69
CA THR D 7 1.95 -17.81 -7.67
C THR D 7 2.04 -19.23 -7.09
N TRP D 8 2.03 -20.23 -7.99
CA TRP D 8 2.15 -21.59 -7.50
C TRP D 8 3.35 -21.71 -6.55
N TRP D 9 4.47 -21.09 -6.98
CA TRP D 9 5.69 -21.17 -6.18
C TRP D 9 5.49 -20.57 -4.79
N GLN D 10 4.83 -19.42 -4.70
CA GLN D 10 4.64 -18.77 -3.41
C GLN D 10 3.79 -19.65 -2.50
N VAL D 11 2.72 -20.21 -3.06
CA VAL D 11 1.85 -21.10 -2.32
C VAL D 11 2.65 -22.32 -1.83
N ASP D 12 3.40 -22.92 -2.74
CA ASP D 12 4.22 -24.10 -2.43
C ASP D 12 5.23 -23.84 -1.34
N ARG D 13 5.80 -22.65 -1.31
CA ARG D 13 6.78 -22.33 -0.27
C ARG D 13 6.09 -22.13 1.07
N ALA D 14 4.85 -21.64 1.02
CA ALA D 14 4.07 -21.43 2.23
C ALA D 14 3.75 -22.80 2.78
N ILE D 15 3.31 -23.70 1.88
CA ILE D 15 2.98 -25.07 2.27
C ILE D 15 4.18 -25.77 2.91
N PHE D 16 5.35 -25.63 2.31
CA PHE D 16 6.52 -26.25 2.89
C PHE D 16 6.81 -25.66 4.27
N ALA D 17 6.58 -24.35 4.40
CA ALA D 17 6.82 -23.66 5.65
C ALA D 17 5.83 -24.11 6.72
N LEU D 18 4.58 -24.24 6.34
CA LEU D 18 3.53 -24.70 7.25
C LEU D 18 3.85 -26.12 7.74
N ALA D 19 4.21 -26.98 6.78
CA ALA D 19 4.56 -28.37 7.08
C ALA D 19 5.66 -28.47 8.12
N GLU D 20 6.67 -27.62 8.00
CA GLU D 20 7.80 -27.62 8.94
C GLU D 20 7.30 -27.37 10.36
N LYS D 21 6.34 -26.47 10.50
CA LYS D 21 5.79 -26.15 11.81
C LYS D 21 4.84 -27.23 12.30
N LEU D 22 4.03 -27.76 11.39
CA LEU D 22 3.08 -28.81 11.72
C LEU D 22 3.73 -30.12 12.16
N ARG D 23 5.03 -30.28 11.91
CA ARG D 23 5.72 -31.50 12.29
C ARG D 23 5.70 -31.67 13.80
N GLU D 24 5.88 -30.57 14.51
CA GLU D 24 5.91 -30.59 15.97
C GLU D 24 4.58 -31.02 16.57
N TYR D 25 3.51 -30.83 15.80
CA TYR D 25 2.16 -31.18 16.22
C TYR D 25 1.78 -32.63 15.91
N LYS D 26 2.57 -33.30 15.09
CA LYS D 26 2.29 -34.68 14.72
C LYS D 26 0.81 -34.94 14.46
N PRO D 27 0.28 -34.45 13.35
CA PRO D 27 -1.13 -34.63 13.00
C PRO D 27 -1.45 -36.09 12.72
N ASP D 28 -2.65 -36.51 13.12
CA ASP D 28 -3.10 -37.88 12.89
C ASP D 28 -3.97 -37.83 11.64
N VAL D 29 -4.70 -36.74 11.49
CA VAL D 29 -5.59 -36.57 10.34
C VAL D 29 -5.60 -35.15 9.79
N ILE D 30 -5.80 -35.04 8.49
CA ILE D 30 -5.86 -33.75 7.83
C ILE D 30 -7.17 -33.64 7.06
N ILE D 31 -7.93 -32.60 7.39
CA ILE D 31 -9.20 -32.35 6.71
C ILE D 31 -9.10 -31.12 5.80
N GLY D 32 -9.25 -31.38 4.49
CA GLY D 32 -9.12 -30.31 3.52
C GLY D 32 -10.45 -29.66 3.21
N VAL D 33 -10.53 -28.36 3.57
CA VAL D 33 -11.74 -27.62 3.27
C VAL D 33 -11.84 -27.31 1.77
N ALA D 34 -12.85 -27.95 1.13
CA ALA D 34 -12.96 -27.84 -0.32
C ALA D 34 -13.65 -26.55 -0.77
N ARG D 35 -13.24 -26.05 -1.96
CA ARG D 35 -12.18 -26.68 -2.74
C ARG D 35 -10.79 -26.11 -2.38
N GLY D 36 -10.81 -24.84 -1.91
CA GLY D 36 -9.57 -24.09 -1.74
C GLY D 36 -8.49 -24.79 -0.88
N GLY D 37 -8.96 -25.59 0.09
CA GLY D 37 -8.02 -26.21 1.03
C GLY D 37 -7.44 -27.53 0.51
N LEU D 38 -8.09 -28.05 -0.56
CA LEU D 38 -7.72 -29.38 -1.06
C LEU D 38 -6.25 -29.46 -1.49
N ILE D 39 -5.88 -28.67 -2.49
CA ILE D 39 -4.52 -28.70 -2.99
C ILE D 39 -3.50 -28.58 -1.86
N PRO D 40 -3.68 -27.61 -0.95
CA PRO D 40 -2.72 -27.50 0.15
C PRO D 40 -2.72 -28.78 1.02
N ALA D 41 -3.92 -29.31 1.26
CA ALA D 41 -4.06 -30.52 2.06
C ALA D 41 -3.29 -31.69 1.45
N VAL D 42 -3.52 -31.93 0.16
CA VAL D 42 -2.84 -33.01 -0.54
C VAL D 42 -1.34 -33.00 -0.28
N ARG D 43 -0.70 -31.85 -0.50
CA ARG D 43 0.72 -31.75 -0.29
C ARG D 43 1.09 -31.94 1.18
N LEU D 44 0.34 -31.30 2.07
CA LEU D 44 0.60 -31.42 3.51
C LEU D 44 0.45 -32.88 3.96
N SER D 45 -0.46 -33.59 3.29
CA SER D 45 -0.70 -35.00 3.59
C SER D 45 0.55 -35.82 3.32
N HIS D 46 1.08 -35.72 2.10
CA HIS D 46 2.28 -36.47 1.75
C HIS D 46 3.51 -36.00 2.52
N ILE D 47 3.65 -34.69 2.66
CA ILE D 47 4.80 -34.13 3.35
C ILE D 47 4.91 -34.54 4.82
N LEU D 48 3.77 -34.74 5.47
CA LEU D 48 3.80 -35.11 6.89
C LEU D 48 3.86 -36.60 7.17
N GLY D 49 3.87 -37.43 6.13
CA GLY D 49 3.95 -38.87 6.34
C GLY D 49 2.81 -39.68 5.76
N ASP D 50 2.27 -39.24 4.62
CA ASP D 50 1.16 -39.94 3.99
C ASP D 50 0.08 -40.21 5.01
N ILE D 51 -0.22 -39.21 5.83
CA ILE D 51 -1.25 -39.36 6.85
C ILE D 51 -2.62 -39.19 6.21
N PRO D 52 -3.61 -39.94 6.69
CA PRO D 52 -4.99 -39.90 6.17
C PRO D 52 -5.53 -38.51 5.82
N LEU D 53 -6.28 -38.45 4.72
CA LEU D 53 -6.86 -37.20 4.25
C LEU D 53 -8.37 -37.27 4.13
N LYS D 54 -9.06 -36.49 4.96
CA LYS D 54 -10.51 -36.42 4.94
C LYS D 54 -10.90 -35.13 4.21
N VAL D 55 -12.07 -35.12 3.58
CA VAL D 55 -12.52 -33.95 2.84
C VAL D 55 -13.90 -33.46 3.27
N ILE D 56 -14.03 -32.14 3.42
CA ILE D 56 -15.30 -31.53 3.81
C ILE D 56 -15.61 -30.39 2.85
N ASP D 57 -16.89 -30.17 2.56
CA ASP D 57 -17.31 -29.11 1.65
C ASP D 57 -18.58 -28.44 2.19
N VAL D 58 -18.44 -27.20 2.63
CA VAL D 58 -19.55 -26.43 3.18
C VAL D 58 -19.96 -25.29 2.24
N LYS D 59 -21.16 -25.42 1.66
CA LYS D 59 -21.69 -24.41 0.74
C LYS D 59 -22.72 -23.53 1.43
N PHE D 60 -22.59 -22.22 1.28
CA PHE D 60 -23.53 -21.28 1.89
C PHE D 60 -24.55 -20.81 0.86
N TYR D 61 -25.82 -21.11 1.10
CA TYR D 61 -26.88 -20.71 0.20
C TYR D 61 -27.77 -19.64 0.85
N LYS D 62 -28.23 -18.68 0.04
CA LYS D 62 -29.09 -17.61 0.54
C LYS D 62 -30.55 -17.92 0.24
N GLY D 68 -32.18 -14.39 4.95
CA GLY D 68 -30.83 -14.59 5.45
C GLY D 68 -30.11 -15.74 4.78
N GLU D 69 -29.18 -16.37 5.48
CA GLU D 69 -28.43 -17.50 4.92
C GLU D 69 -28.23 -18.65 5.89
N LYS D 70 -27.89 -19.82 5.33
CA LYS D 70 -27.64 -21.03 6.11
C LYS D 70 -26.72 -21.98 5.33
N PRO D 71 -25.77 -22.63 6.03
CA PRO D 71 -24.81 -23.57 5.44
C PRO D 71 -25.43 -24.92 5.03
N VAL D 72 -24.80 -25.60 4.07
CA VAL D 72 -25.26 -26.89 3.57
C VAL D 72 -24.04 -27.77 3.30
N ILE D 73 -23.71 -28.65 4.25
CA ILE D 73 -22.56 -29.53 4.10
C ILE D 73 -22.70 -30.55 2.98
N THR D 74 -22.30 -30.13 1.77
CA THR D 74 -22.36 -30.96 0.56
C THR D 74 -21.52 -32.25 0.62
N ILE D 75 -20.44 -32.23 1.38
CA ILE D 75 -19.58 -33.40 1.51
C ILE D 75 -19.12 -33.51 2.95
N PRO D 76 -19.83 -34.32 3.77
CA PRO D 76 -19.50 -34.51 5.17
C PRO D 76 -18.27 -35.38 5.38
N ILE D 77 -17.67 -35.25 6.56
CA ILE D 77 -16.47 -36.00 6.90
C ILE D 77 -16.89 -37.43 7.27
N HIS D 78 -16.19 -38.42 6.73
CA HIS D 78 -16.50 -39.81 7.03
C HIS D 78 -15.68 -40.39 8.18
N GLY D 79 -16.29 -41.28 8.95
CA GLY D 79 -15.60 -41.89 10.08
C GLY D 79 -15.62 -40.99 11.30
N ASP D 80 -14.94 -41.41 12.37
CA ASP D 80 -14.87 -40.61 13.59
C ASP D 80 -13.41 -40.27 13.85
N LEU D 81 -13.18 -39.17 14.56
CA LEU D 81 -11.82 -38.72 14.85
C LEU D 81 -11.42 -38.88 16.31
N LYS D 82 -12.18 -39.68 17.05
CA LYS D 82 -11.92 -39.91 18.47
C LYS D 82 -10.43 -40.12 18.77
N ASP D 83 -9.96 -39.49 19.84
CA ASP D 83 -8.56 -39.62 20.28
C ASP D 83 -7.53 -39.24 19.21
N LYS D 84 -7.99 -38.65 18.12
CA LYS D 84 -7.08 -38.26 17.04
C LYS D 84 -6.83 -36.76 16.95
N ARG D 85 -5.56 -36.39 16.78
CA ARG D 85 -5.16 -34.99 16.64
C ARG D 85 -5.46 -34.56 15.19
N VAL D 86 -6.43 -33.68 15.03
CA VAL D 86 -6.83 -33.23 13.71
C VAL D 86 -6.24 -31.89 13.30
N VAL D 87 -6.08 -31.72 11.99
CA VAL D 87 -5.56 -30.47 11.40
C VAL D 87 -6.47 -30.10 10.25
N ILE D 88 -7.17 -28.97 10.41
CA ILE D 88 -8.06 -28.50 9.35
C ILE D 88 -7.22 -27.58 8.46
N VAL D 89 -7.30 -27.81 7.16
CA VAL D 89 -6.54 -27.00 6.21
C VAL D 89 -7.47 -26.28 5.25
N ASP D 90 -7.27 -24.97 5.14
CA ASP D 90 -8.08 -24.14 4.24
C ASP D 90 -7.15 -23.12 3.58
N ASP D 91 -7.53 -22.59 2.42
CA ASP D 91 -6.69 -21.61 1.75
C ASP D 91 -6.63 -20.28 2.51
N VAL D 92 -7.79 -19.72 2.84
CA VAL D 92 -7.84 -18.48 3.59
C VAL D 92 -8.96 -18.42 4.62
N SER D 93 -8.68 -17.76 5.74
CA SER D 93 -9.65 -17.55 6.80
C SER D 93 -10.04 -16.09 6.70
N ASP D 94 -11.04 -15.80 5.88
CA ASP D 94 -11.49 -14.43 5.68
C ASP D 94 -12.47 -14.00 6.78
N THR D 95 -13.73 -14.36 6.63
CA THR D 95 -14.73 -14.02 7.63
C THR D 95 -14.62 -15.02 8.78
N GLY D 96 -14.41 -16.28 8.44
CA GLY D 96 -14.30 -17.33 9.44
C GLY D 96 -15.57 -18.16 9.53
N LYS D 97 -16.60 -17.77 8.79
CA LYS D 97 -17.89 -18.45 8.82
C LYS D 97 -17.83 -19.91 8.37
N THR D 98 -16.98 -20.22 7.40
CA THR D 98 -16.85 -21.59 6.90
C THR D 98 -16.06 -22.45 7.89
N LEU D 99 -15.04 -21.87 8.49
CA LEU D 99 -14.22 -22.62 9.43
C LEU D 99 -14.94 -22.96 10.71
N GLU D 100 -15.78 -22.05 11.19
CA GLU D 100 -16.52 -22.29 12.42
C GLU D 100 -17.50 -23.46 12.22
N VAL D 101 -18.07 -23.55 11.03
CA VAL D 101 -19.01 -24.61 10.68
C VAL D 101 -18.25 -25.93 10.51
N VAL D 102 -16.93 -25.85 10.45
CA VAL D 102 -16.10 -27.03 10.29
C VAL D 102 -15.53 -27.42 11.65
N ILE D 103 -15.21 -26.44 12.49
CA ILE D 103 -14.67 -26.73 13.81
C ILE D 103 -15.70 -27.55 14.59
N GLU D 104 -16.97 -27.18 14.44
CA GLU D 104 -18.06 -27.86 15.12
C GLU D 104 -18.21 -29.27 14.55
N GLU D 105 -18.46 -29.34 13.26
CA GLU D 105 -18.64 -30.61 12.57
C GLU D 105 -17.52 -31.59 12.92
N VAL D 106 -16.35 -31.06 13.29
CA VAL D 106 -15.20 -31.89 13.65
C VAL D 106 -15.27 -32.29 15.11
N LYS D 107 -15.99 -31.49 15.90
CA LYS D 107 -16.15 -31.79 17.32
C LYS D 107 -17.23 -32.85 17.50
N LYS D 108 -18.23 -32.85 16.61
CA LYS D 108 -19.29 -33.86 16.66
C LYS D 108 -18.68 -35.26 16.61
N LEU D 109 -17.82 -35.45 15.60
CA LEU D 109 -17.09 -36.71 15.47
C LEU D 109 -16.09 -36.89 16.61
N GLY D 110 -16.07 -35.89 17.51
CA GLY D 110 -15.25 -36.00 18.72
C GLY D 110 -13.75 -36.11 18.42
N ALA D 111 -13.10 -34.93 18.25
CA ALA D 111 -11.66 -34.93 17.98
C ALA D 111 -10.83 -34.66 19.24
N LYS D 112 -9.68 -35.33 19.34
CA LYS D 112 -8.78 -35.18 20.48
C LYS D 112 -8.27 -33.75 20.57
N GLU D 113 -7.65 -33.28 19.49
CA GLU D 113 -7.12 -31.93 19.43
C GLU D 113 -7.46 -31.35 18.06
N ILE D 114 -7.61 -30.03 18.01
CA ILE D 114 -7.96 -29.36 16.76
C ILE D 114 -7.16 -28.09 16.53
N LYS D 115 -6.43 -28.08 15.42
CA LYS D 115 -5.64 -26.91 15.05
C LYS D 115 -5.95 -26.55 13.61
N ILE D 116 -6.05 -25.25 13.33
CA ILE D 116 -6.36 -24.79 11.98
C ILE D 116 -5.13 -24.24 11.27
N ALA D 117 -4.92 -24.69 10.03
CA ALA D 117 -3.78 -24.25 9.23
C ALA D 117 -4.27 -23.65 7.92
N CYS D 118 -3.97 -22.38 7.72
CA CYS D 118 -4.36 -21.68 6.51
C CYS D 118 -3.15 -21.00 5.87
N LEU D 119 -3.21 -20.84 4.56
CA LEU D 119 -2.11 -20.18 3.85
C LEU D 119 -2.24 -18.72 4.21
N ALA D 120 -3.45 -18.18 4.05
CA ALA D 120 -3.75 -16.79 4.32
C ALA D 120 -4.76 -16.54 5.43
N MET D 121 -4.76 -15.30 5.92
CA MET D 121 -5.66 -14.88 6.99
C MET D 121 -5.93 -13.38 6.91
N LYS D 122 -7.20 -12.99 7.05
CA LYS D 122 -7.54 -11.58 7.05
C LYS D 122 -7.68 -11.15 8.51
N PRO D 123 -7.16 -9.95 8.86
CA PRO D 123 -7.19 -9.37 10.21
C PRO D 123 -8.52 -9.36 10.95
N TRP D 124 -9.61 -9.24 10.21
CA TRP D 124 -10.94 -9.18 10.79
C TRP D 124 -11.62 -10.53 10.98
N THR D 125 -10.89 -11.61 10.69
CA THR D 125 -11.47 -12.94 10.80
C THR D 125 -11.86 -13.27 12.23
N SER D 126 -12.93 -14.04 12.37
CA SER D 126 -13.42 -14.46 13.68
C SER D 126 -12.67 -15.74 14.06
N VAL D 127 -11.96 -16.33 13.10
CA VAL D 127 -11.20 -17.55 13.32
C VAL D 127 -9.73 -17.37 12.93
N VAL D 128 -8.92 -16.97 13.89
CA VAL D 128 -7.49 -16.78 13.67
C VAL D 128 -6.86 -18.16 13.64
N PRO D 129 -6.40 -18.61 12.46
CA PRO D 129 -5.78 -19.94 12.40
C PRO D 129 -4.57 -20.10 13.32
N ASP D 130 -4.23 -21.33 13.66
CA ASP D 130 -3.10 -21.60 14.54
C ASP D 130 -1.77 -21.48 13.80
N TYR D 131 -1.85 -21.69 12.48
CA TYR D 131 -0.70 -21.60 11.59
C TYR D 131 -1.13 -20.92 10.31
N TYR D 132 -0.38 -19.91 9.89
CA TYR D 132 -0.67 -19.23 8.64
C TYR D 132 0.58 -18.48 8.17
N VAL D 133 0.59 -18.06 6.91
CA VAL D 133 1.75 -17.37 6.35
C VAL D 133 1.43 -15.96 5.85
N PHE D 134 0.47 -15.87 4.94
CA PHE D 134 0.08 -14.60 4.35
C PHE D 134 -0.99 -13.87 5.16
N ARG D 135 -0.89 -12.55 5.20
CA ARG D 135 -1.83 -11.70 5.91
C ARG D 135 -2.15 -10.46 5.09
N THR D 136 -3.39 -10.34 4.65
CA THR D 136 -3.80 -9.19 3.86
C THR D 136 -5.29 -8.93 4.06
N GLU D 137 -5.75 -7.79 3.57
CA GLU D 137 -7.14 -7.42 3.67
C GLU D 137 -7.65 -7.40 2.24
N LYS D 138 -6.72 -7.45 1.30
CA LYS D 138 -7.07 -7.43 -0.11
C LYS D 138 -7.65 -8.73 -0.64
N TRP D 139 -8.30 -8.59 -1.78
CA TRP D 139 -8.93 -9.68 -2.52
C TRP D 139 -7.81 -10.65 -2.99
N ILE D 140 -7.77 -11.86 -2.43
CA ILE D 140 -6.75 -12.84 -2.80
C ILE D 140 -7.20 -13.81 -3.89
N VAL D 141 -6.39 -13.93 -4.94
CA VAL D 141 -6.68 -14.86 -6.03
C VAL D 141 -5.62 -15.96 -5.95
N PHE D 142 -6.05 -17.16 -5.59
CA PHE D 142 -5.13 -18.29 -5.48
C PHE D 142 -4.89 -18.90 -6.86
N PRO D 143 -3.71 -19.50 -7.08
CA PRO D 143 -3.29 -20.13 -8.34
C PRO D 143 -4.38 -20.97 -9.00
N TRP D 144 -5.06 -21.79 -8.21
CA TRP D 144 -6.10 -22.67 -8.73
C TRP D 144 -7.41 -21.99 -9.11
N GLU D 145 -7.56 -20.72 -8.74
CA GLU D 145 -8.77 -19.98 -9.08
C GLU D 145 -8.60 -19.28 -10.41
N GLU D 146 -9.70 -18.90 -11.03
CA GLU D 146 -9.62 -18.21 -12.32
C GLU D 146 -9.39 -16.71 -12.10
N PHE D 147 -8.51 -16.11 -12.90
CA PHE D 147 -8.23 -14.67 -12.79
C PHE D 147 -9.49 -13.86 -13.16
N PRO D 148 -9.97 -13.02 -12.24
CA PRO D 148 -11.17 -12.21 -12.52
C PRO D 148 -10.99 -11.19 -13.65
N VAL D 149 -12.00 -11.03 -14.47
CA VAL D 149 -11.95 -10.08 -15.56
C VAL D 149 -13.04 -9.02 -15.39
N ILE D 150 -12.65 -7.75 -15.37
CA ILE D 150 -13.61 -6.65 -15.21
C ILE D 150 -14.20 -6.25 -16.56
N GLU D 151 -15.51 -6.26 -16.66
CA GLU D 151 -16.19 -5.89 -17.90
C GLU D 151 -17.05 -4.66 -17.64
N LYS D 152 -17.64 -4.10 -18.68
CA LYS D 152 -18.47 -2.91 -18.52
C LYS D 152 -19.91 -3.20 -18.15
N MET E 1 8.17 -38.29 -23.88
CA MET E 1 7.84 -36.97 -24.48
C MET E 1 8.85 -36.51 -25.54
N ASP E 2 8.39 -36.53 -26.79
CA ASP E 2 9.19 -36.20 -27.97
C ASP E 2 9.25 -34.71 -28.34
N LYS E 3 8.79 -33.85 -27.44
CA LYS E 3 8.83 -32.43 -27.69
C LYS E 3 9.73 -31.78 -26.66
N VAL E 4 10.25 -30.61 -27.01
CA VAL E 4 11.11 -29.85 -26.10
C VAL E 4 10.25 -28.71 -25.60
N TYR E 5 9.99 -28.68 -24.29
CA TYR E 5 9.20 -27.61 -23.70
C TYR E 5 10.13 -26.63 -23.03
N LEU E 6 10.25 -25.46 -23.63
CA LEU E 6 11.09 -24.36 -23.17
C LEU E 6 10.36 -23.52 -22.12
N THR E 7 10.95 -23.31 -20.94
CA THR E 7 10.36 -22.46 -19.89
C THR E 7 10.66 -20.98 -20.16
N TRP E 8 9.95 -20.09 -19.48
CA TRP E 8 10.19 -18.65 -19.64
C TRP E 8 11.55 -18.27 -19.11
N TRP E 9 12.05 -18.96 -18.10
CA TRP E 9 13.37 -18.63 -17.58
C TRP E 9 14.44 -19.02 -18.61
N GLN E 10 14.15 -20.07 -19.38
CA GLN E 10 15.10 -20.51 -20.41
C GLN E 10 15.08 -19.47 -21.54
N VAL E 11 13.89 -19.02 -21.90
CA VAL E 11 13.75 -18.01 -22.93
C VAL E 11 14.38 -16.68 -22.49
N ASP E 12 14.19 -16.29 -21.23
CA ASP E 12 14.78 -15.02 -20.77
C ASP E 12 16.31 -15.10 -20.80
N ARG E 13 16.87 -16.17 -20.27
CA ARG E 13 18.33 -16.31 -20.25
C ARG E 13 18.93 -16.38 -21.65
N ALA E 14 18.16 -16.90 -22.60
CA ALA E 14 18.61 -16.99 -23.98
C ALA E 14 18.71 -15.58 -24.55
N ILE E 15 17.60 -14.83 -24.41
CA ILE E 15 17.52 -13.48 -24.89
C ILE E 15 18.61 -12.59 -24.29
N PHE E 16 18.94 -12.83 -23.04
CA PHE E 16 19.97 -12.04 -22.39
C PHE E 16 21.32 -12.39 -23.01
N ALA E 17 21.49 -13.66 -23.37
CA ALA E 17 22.73 -14.13 -23.97
C ALA E 17 22.89 -13.51 -25.35
N LEU E 18 21.84 -13.60 -26.16
CA LEU E 18 21.82 -13.03 -27.48
C LEU E 18 22.14 -11.53 -27.42
N ALA E 19 21.53 -10.83 -26.46
CA ALA E 19 21.73 -9.40 -26.33
C ALA E 19 23.19 -8.99 -26.18
N GLU E 20 23.94 -9.71 -25.36
CA GLU E 20 25.32 -9.31 -25.17
C GLU E 20 26.15 -9.45 -26.44
N LYS E 21 25.76 -10.35 -27.34
CA LYS E 21 26.49 -10.52 -28.58
C LYS E 21 26.06 -9.42 -29.56
N LEU E 22 24.77 -9.12 -29.57
CA LEU E 22 24.24 -8.09 -30.45
C LEU E 22 24.74 -6.68 -30.11
N ARG E 23 25.33 -6.51 -28.93
CA ARG E 23 25.86 -5.20 -28.52
C ARG E 23 27.14 -4.89 -29.29
N GLU E 24 27.85 -5.93 -29.69
CA GLU E 24 29.09 -5.78 -30.44
C GLU E 24 28.72 -5.40 -31.87
N TYR E 25 27.48 -5.72 -32.25
CA TYR E 25 26.97 -5.45 -33.59
C TYR E 25 26.29 -4.10 -33.67
N LYS E 26 25.78 -3.63 -32.54
CA LYS E 26 25.11 -2.33 -32.47
C LYS E 26 24.08 -2.16 -33.56
N PRO E 27 23.03 -3.01 -33.55
CA PRO E 27 21.98 -2.91 -34.57
C PRO E 27 21.19 -1.62 -34.43
N ASP E 28 20.71 -1.09 -35.55
CA ASP E 28 19.94 0.15 -35.54
C ASP E 28 18.44 -0.13 -35.45
N VAL E 29 18.03 -1.26 -35.99
CA VAL E 29 16.62 -1.63 -35.98
C VAL E 29 16.46 -3.14 -35.91
N ILE E 30 15.32 -3.57 -35.38
CA ILE E 30 15.01 -4.99 -35.25
C ILE E 30 13.81 -5.34 -36.09
N ILE E 31 13.92 -6.44 -36.80
CA ILE E 31 12.81 -6.89 -37.64
C ILE E 31 12.31 -8.13 -36.89
N GLY E 32 11.12 -8.02 -36.31
CA GLY E 32 10.57 -9.16 -35.60
C GLY E 32 9.67 -9.96 -36.52
N VAL E 33 9.97 -11.28 -36.60
CA VAL E 33 9.18 -12.17 -37.44
C VAL E 33 8.01 -12.77 -36.67
N ALA E 34 6.81 -12.21 -36.91
CA ALA E 34 5.62 -12.81 -36.33
C ALA E 34 5.50 -14.27 -36.78
N ARG E 35 4.92 -15.09 -35.88
CA ARG E 35 4.40 -14.52 -34.66
C ARG E 35 5.27 -14.78 -33.42
N GLY E 36 5.68 -16.05 -33.25
CA GLY E 36 6.52 -16.40 -32.11
C GLY E 36 7.71 -15.43 -32.00
N GLY E 37 8.11 -14.98 -33.20
CA GLY E 37 9.30 -14.14 -33.30
C GLY E 37 9.17 -12.85 -32.48
N LEU E 38 7.93 -12.41 -32.32
CA LEU E 38 7.64 -11.16 -31.62
C LEU E 38 8.01 -11.16 -30.13
N ILE E 39 8.06 -12.32 -29.48
CA ILE E 39 8.43 -12.31 -28.07
C ILE E 39 9.88 -11.88 -27.89
N PRO E 40 10.84 -12.61 -28.48
CA PRO E 40 12.25 -12.22 -28.33
C PRO E 40 12.54 -10.85 -28.97
N ALA E 41 11.76 -10.49 -29.99
CA ALA E 41 11.95 -9.22 -30.66
C ALA E 41 11.63 -8.05 -29.72
N VAL E 42 10.47 -8.11 -29.07
CA VAL E 42 10.07 -7.05 -28.15
C VAL E 42 11.10 -6.96 -27.01
N ARG E 43 11.48 -8.09 -26.47
CA ARG E 43 12.44 -8.06 -25.38
C ARG E 43 13.79 -7.47 -25.75
N LEU E 44 14.34 -7.88 -26.91
CA LEU E 44 15.63 -7.37 -27.37
C LEU E 44 15.52 -5.87 -27.65
N SER E 45 14.34 -5.47 -28.11
CA SER E 45 14.05 -4.08 -28.39
C SER E 45 14.28 -3.28 -27.11
N HIS E 46 13.70 -3.75 -26.01
CA HIS E 46 13.84 -3.10 -24.70
C HIS E 46 15.24 -3.24 -24.12
N ILE E 47 15.88 -4.37 -24.33
CA ILE E 47 17.22 -4.58 -23.77
C ILE E 47 18.33 -3.80 -24.49
N LEU E 48 18.16 -3.56 -25.78
CA LEU E 48 19.17 -2.86 -26.56
C LEU E 48 18.87 -1.38 -26.73
N GLY E 49 18.51 -0.72 -25.63
CA GLY E 49 18.23 0.71 -25.67
C GLY E 49 17.03 1.17 -26.48
N ASP E 50 15.93 0.43 -26.42
CA ASP E 50 14.72 0.78 -27.14
C ASP E 50 14.92 1.06 -28.63
N ILE E 51 15.80 0.30 -29.28
CA ILE E 51 16.01 0.49 -30.71
C ILE E 51 14.69 0.12 -31.37
N PRO E 52 14.26 0.90 -32.37
CA PRO E 52 13.00 0.66 -33.10
C PRO E 52 12.72 -0.78 -33.53
N LEU E 53 11.45 -1.15 -33.55
CA LEU E 53 11.01 -2.49 -33.89
C LEU E 53 10.08 -2.45 -35.10
N LYS E 54 10.38 -3.24 -36.12
CA LYS E 54 9.49 -3.34 -37.28
C LYS E 54 8.97 -4.76 -37.28
N VAL E 55 7.78 -4.95 -37.82
CA VAL E 55 7.16 -6.26 -37.83
C VAL E 55 6.88 -6.81 -39.22
N ILE E 56 7.09 -8.11 -39.38
CA ILE E 56 6.81 -8.74 -40.66
C ILE E 56 6.13 -10.09 -40.43
N ASP E 57 5.09 -10.36 -41.21
CA ASP E 57 4.35 -11.60 -41.11
C ASP E 57 4.30 -12.29 -42.46
N VAL E 58 4.89 -13.47 -42.54
CA VAL E 58 4.92 -14.24 -43.78
C VAL E 58 4.10 -15.52 -43.70
N LYS E 59 3.10 -15.63 -44.57
CA LYS E 59 2.33 -16.87 -44.66
C LYS E 59 2.59 -17.59 -45.98
N PHE E 60 2.57 -18.93 -45.87
CA PHE E 60 2.77 -19.69 -47.10
C PHE E 60 1.49 -20.36 -47.59
N TYR E 61 1.39 -20.49 -48.92
CA TYR E 61 0.28 -21.25 -49.49
C TYR E 61 0.81 -22.40 -50.35
N LYS E 62 -0.06 -23.41 -50.58
CA LYS E 62 0.43 -24.58 -51.30
C LYS E 62 0.86 -24.24 -52.74
N GLY E 63 2.20 -24.18 -52.92
CA GLY E 63 2.75 -23.72 -54.19
C GLY E 63 2.27 -24.54 -55.37
N ILE E 64 1.43 -23.90 -56.20
CA ILE E 64 0.97 -24.54 -57.42
C ILE E 64 1.66 -23.96 -58.66
N GLU E 69 5.03 -24.27 -52.50
CA GLU E 69 4.52 -23.23 -51.60
C GLU E 69 4.88 -21.84 -52.07
N LYS E 70 3.93 -20.92 -51.93
CA LYS E 70 4.14 -19.54 -52.34
C LYS E 70 3.98 -18.65 -51.12
N PRO E 71 4.92 -17.73 -50.90
CA PRO E 71 4.86 -16.82 -49.75
C PRO E 71 3.93 -15.62 -49.98
N VAL E 72 3.33 -15.15 -48.89
CA VAL E 72 2.44 -13.99 -48.93
C VAL E 72 2.72 -13.12 -47.70
N ILE E 73 3.06 -11.86 -47.93
CA ILE E 73 3.34 -10.95 -46.82
C ILE E 73 2.05 -10.34 -46.28
N THR E 74 1.70 -10.74 -45.07
CA THR E 74 0.48 -10.24 -44.40
C THR E 74 0.77 -8.85 -43.84
N ILE E 75 1.88 -8.72 -43.13
CA ILE E 75 2.29 -7.46 -42.53
C ILE E 75 3.66 -7.08 -43.07
N PRO E 76 3.72 -6.10 -43.98
CA PRO E 76 4.97 -5.66 -44.57
C PRO E 76 5.79 -4.81 -43.63
N ILE E 77 7.04 -4.57 -44.01
CA ILE E 77 7.95 -3.75 -43.23
C ILE E 77 7.74 -2.30 -43.68
N HIS E 78 7.40 -1.42 -42.74
CA HIS E 78 7.16 -0.01 -43.04
C HIS E 78 8.46 0.81 -43.18
N GLY E 79 8.46 1.78 -44.10
CA GLY E 79 9.65 2.60 -44.31
C GLY E 79 10.75 1.82 -44.99
N ASP E 80 11.91 2.46 -45.21
CA ASP E 80 13.03 1.78 -45.84
C ASP E 80 14.11 1.56 -44.80
N LEU E 81 15.13 0.78 -45.14
CA LEU E 81 16.21 0.48 -44.21
C LEU E 81 17.60 0.87 -44.70
N LYS E 82 17.65 1.90 -45.54
CA LYS E 82 18.91 2.38 -46.10
C LYS E 82 19.92 2.82 -45.03
N ASP E 83 21.16 2.37 -45.18
CA ASP E 83 22.26 2.72 -44.27
C ASP E 83 22.09 2.34 -42.80
N LYS E 84 21.26 1.34 -42.50
CA LYS E 84 21.04 0.92 -41.12
C LYS E 84 21.41 -0.53 -40.85
N ARG E 85 22.04 -0.78 -39.70
CA ARG E 85 22.41 -2.14 -39.34
C ARG E 85 21.15 -2.86 -38.84
N VAL E 86 20.79 -3.93 -39.52
CA VAL E 86 19.59 -4.71 -39.21
C VAL E 86 19.84 -6.08 -38.56
N VAL E 87 18.91 -6.49 -37.71
CA VAL E 87 18.97 -7.81 -37.09
C VAL E 87 17.57 -8.39 -37.15
N ILE E 88 17.45 -9.54 -37.82
CA ILE E 88 16.18 -10.22 -37.94
C ILE E 88 16.07 -11.18 -36.77
N VAL E 89 14.96 -11.10 -36.04
CA VAL E 89 14.73 -11.92 -34.86
C VAL E 89 13.53 -12.87 -35.01
N ASP E 90 13.75 -14.14 -34.68
CA ASP E 90 12.67 -15.12 -34.75
C ASP E 90 12.89 -16.13 -33.64
N ASP E 91 11.91 -16.96 -33.36
CA ASP E 91 12.07 -17.95 -32.29
C ASP E 91 12.97 -19.11 -32.74
N VAL E 92 12.69 -19.69 -33.89
CA VAL E 92 13.51 -20.80 -34.36
C VAL E 92 13.62 -20.93 -35.87
N SER E 93 14.82 -21.24 -36.33
CA SER E 93 15.06 -21.44 -37.76
C SER E 93 14.94 -22.93 -38.00
N ASP E 94 13.80 -23.34 -38.55
CA ASP E 94 13.51 -24.75 -38.82
C ASP E 94 13.95 -25.14 -40.23
N THR E 95 13.15 -24.82 -41.23
CA THR E 95 13.52 -25.14 -42.60
C THR E 95 14.35 -23.98 -43.14
N GLY E 96 14.00 -22.78 -42.70
CA GLY E 96 14.69 -21.58 -43.14
C GLY E 96 13.85 -20.85 -44.17
N LYS E 97 12.81 -21.51 -44.66
CA LYS E 97 11.94 -20.91 -45.67
C LYS E 97 11.42 -19.52 -45.31
N THR E 98 10.89 -19.35 -44.11
CA THR E 98 10.37 -18.05 -43.69
C THR E 98 11.49 -17.02 -43.63
N LEU E 99 12.57 -17.35 -42.95
CA LEU E 99 13.68 -16.43 -42.84
C LEU E 99 14.21 -15.95 -44.19
N GLU E 100 14.22 -16.83 -45.19
CA GLU E 100 14.69 -16.48 -46.53
C GLU E 100 13.81 -15.40 -47.15
N VAL E 101 12.50 -15.53 -46.98
CA VAL E 101 11.59 -14.53 -47.50
C VAL E 101 11.85 -13.19 -46.84
N VAL E 102 12.21 -13.24 -45.55
CA VAL E 102 12.47 -12.02 -44.79
C VAL E 102 13.80 -11.38 -45.17
N ILE E 103 14.83 -12.19 -45.34
CA ILE E 103 16.13 -11.68 -45.74
C ILE E 103 16.00 -10.91 -47.05
N GLU E 104 15.14 -11.39 -47.93
CA GLU E 104 14.92 -10.77 -49.22
C GLU E 104 14.21 -9.42 -49.09
N GLU E 105 13.14 -9.39 -48.29
CA GLU E 105 12.39 -8.15 -48.07
C GLU E 105 13.27 -7.07 -47.42
N VAL E 106 14.20 -7.49 -46.56
CA VAL E 106 15.11 -6.56 -45.91
C VAL E 106 16.07 -5.95 -46.92
N LYS E 107 16.70 -6.80 -47.75
CA LYS E 107 17.64 -6.38 -48.76
C LYS E 107 17.05 -5.35 -49.72
N LYS E 108 15.79 -5.59 -50.13
CA LYS E 108 15.18 -4.69 -51.11
C LYS E 108 14.66 -3.42 -50.49
N LEU E 109 14.86 -3.32 -49.15
CA LEU E 109 14.70 -2.01 -48.51
C LEU E 109 16.06 -1.33 -48.31
N GLY E 110 17.06 -1.95 -48.94
CA GLY E 110 18.43 -1.47 -48.89
C GLY E 110 19.17 -1.51 -47.56
N ALA E 111 18.98 -2.58 -46.79
CA ALA E 111 19.64 -2.69 -45.51
C ALA E 111 21.15 -2.72 -45.68
N LYS E 112 21.84 -1.88 -44.91
CA LYS E 112 23.29 -1.79 -44.94
C LYS E 112 23.84 -3.17 -44.59
N GLU E 113 23.71 -3.58 -43.33
CA GLU E 113 24.16 -4.89 -42.91
C GLU E 113 22.97 -5.72 -42.41
N ILE E 114 23.13 -7.03 -42.38
CA ILE E 114 22.05 -7.90 -41.95
C ILE E 114 22.53 -9.00 -41.03
N LYS E 115 21.82 -9.19 -39.92
CA LYS E 115 22.15 -10.21 -38.95
C LYS E 115 20.89 -10.98 -38.56
N ILE E 116 21.03 -12.23 -38.17
CA ILE E 116 19.88 -13.02 -37.78
C ILE E 116 20.10 -13.64 -36.43
N ALA E 117 19.16 -13.40 -35.51
CA ALA E 117 19.24 -13.94 -34.16
C ALA E 117 17.98 -14.77 -33.87
N CYS E 118 18.20 -15.99 -33.42
CA CYS E 118 17.09 -16.89 -33.11
C CYS E 118 17.32 -17.56 -31.77
N LEU E 119 16.24 -18.05 -31.18
CA LEU E 119 16.37 -18.74 -29.89
C LEU E 119 16.96 -20.11 -30.17
N ALA E 120 16.41 -20.77 -31.18
CA ALA E 120 16.85 -22.10 -31.55
C ALA E 120 16.92 -22.30 -33.07
N MET E 121 17.57 -23.39 -33.46
CA MET E 121 17.70 -23.72 -34.88
C MET E 121 17.72 -25.23 -35.00
N LYS E 122 17.24 -25.73 -36.12
CA LYS E 122 17.25 -27.16 -36.37
C LYS E 122 18.34 -27.43 -37.41
N PRO E 123 19.16 -28.47 -37.18
CA PRO E 123 20.29 -28.92 -38.01
C PRO E 123 20.17 -28.80 -39.54
N TRP E 124 18.98 -29.04 -40.06
CA TRP E 124 18.74 -29.01 -41.49
C TRP E 124 18.25 -27.69 -42.07
N THR E 125 18.22 -26.64 -41.27
CA THR E 125 17.73 -25.37 -41.78
C THR E 125 18.65 -24.85 -42.86
N SER E 126 18.08 -24.14 -43.82
CA SER E 126 18.84 -23.57 -44.91
C SER E 126 19.45 -22.24 -44.47
N VAL E 127 18.87 -21.64 -43.43
CA VAL E 127 19.37 -20.38 -42.89
C VAL E 127 19.89 -20.53 -41.46
N VAL E 128 21.20 -20.69 -41.32
CA VAL E 128 21.79 -20.81 -40.00
C VAL E 128 21.90 -19.41 -39.41
N PRO E 129 21.28 -19.18 -38.26
CA PRO E 129 21.31 -17.86 -37.61
C PRO E 129 22.74 -17.46 -37.25
N ASP E 130 23.02 -16.16 -37.31
CA ASP E 130 24.36 -15.71 -36.93
C ASP E 130 24.49 -15.91 -35.42
N TYR E 131 23.36 -15.91 -34.73
CA TYR E 131 23.33 -16.11 -33.28
C TYR E 131 22.11 -16.91 -32.84
N TYR E 132 22.36 -17.96 -32.06
CA TYR E 132 21.27 -18.77 -31.54
C TYR E 132 21.74 -19.46 -30.27
N VAL E 133 20.82 -20.09 -29.56
CA VAL E 133 21.17 -20.74 -28.30
C VAL E 133 20.84 -22.22 -28.22
N PHE E 134 19.69 -22.62 -28.73
CA PHE E 134 19.30 -24.03 -28.66
C PHE E 134 19.31 -24.72 -30.02
N ARG E 135 19.87 -25.93 -30.06
CA ARG E 135 19.92 -26.75 -31.27
C ARG E 135 19.13 -28.02 -30.95
N THR E 136 18.13 -28.34 -31.77
CA THR E 136 17.33 -29.54 -31.54
C THR E 136 16.63 -30.03 -32.80
N GLU E 137 16.26 -31.31 -32.82
CA GLU E 137 15.57 -31.86 -33.98
C GLU E 137 14.10 -32.04 -33.66
N LYS E 138 13.78 -31.99 -32.37
CA LYS E 138 12.39 -32.15 -31.91
C LYS E 138 11.56 -30.89 -32.12
N TRP E 139 10.25 -31.04 -32.09
CA TRP E 139 9.38 -29.89 -32.24
C TRP E 139 9.50 -29.08 -30.93
N ILE E 140 9.55 -27.77 -31.04
CA ILE E 140 9.69 -26.95 -29.85
C ILE E 140 8.39 -26.31 -29.42
N VAL E 141 8.05 -26.47 -28.15
CA VAL E 141 6.86 -25.84 -27.62
C VAL E 141 7.38 -24.69 -26.79
N PHE E 142 7.07 -23.48 -27.23
CA PHE E 142 7.53 -22.29 -26.51
C PHE E 142 6.60 -21.94 -25.35
N PRO E 143 7.11 -21.20 -24.36
CA PRO E 143 6.36 -20.78 -23.17
C PRO E 143 5.04 -20.08 -23.48
N TRP E 144 4.95 -19.45 -24.64
CA TRP E 144 3.76 -18.71 -25.02
C TRP E 144 2.79 -19.50 -25.88
N GLU E 145 3.10 -20.77 -26.10
CA GLU E 145 2.24 -21.63 -26.92
C GLU E 145 1.37 -22.54 -26.10
N GLU E 146 0.19 -22.85 -26.64
CA GLU E 146 -0.76 -23.75 -26.00
C GLU E 146 -0.49 -25.20 -26.43
N PHE E 147 -1.14 -26.15 -25.76
CA PHE E 147 -0.96 -27.56 -26.10
C PHE E 147 -2.17 -28.15 -26.81
N PRO E 148 -1.93 -29.22 -27.59
CA PRO E 148 -3.00 -29.90 -28.32
C PRO E 148 -3.53 -30.98 -27.38
N VAL E 149 -4.77 -31.42 -27.60
CA VAL E 149 -5.34 -32.46 -26.77
C VAL E 149 -5.55 -33.71 -27.61
N ILE E 150 -5.18 -34.86 -27.05
CA ILE E 150 -5.33 -36.13 -27.74
C ILE E 150 -6.66 -36.78 -27.42
N GLU E 151 -7.57 -36.77 -28.39
CA GLU E 151 -8.89 -37.36 -28.23
C GLU E 151 -8.88 -38.73 -28.93
N LYS E 152 -10.00 -39.44 -28.88
CA LYS E 152 -10.10 -40.73 -29.54
C LYS E 152 -10.75 -40.57 -30.91
N GLU E 153 -10.30 -41.37 -31.88
CA GLU E 153 -10.85 -41.30 -33.25
C GLU E 153 -12.25 -41.96 -33.29
N MET F 1 5.60 -2.27 -3.15
CA MET F 1 6.87 -1.52 -3.30
C MET F 1 6.61 -0.38 -4.24
N ASP F 2 7.64 0.33 -4.65
CA ASP F 2 7.46 1.43 -5.59
C ASP F 2 6.93 0.96 -6.93
N LYS F 3 7.23 -0.28 -7.31
CA LYS F 3 6.74 -0.79 -8.59
C LYS F 3 6.14 -2.19 -8.45
N VAL F 4 5.29 -2.55 -9.41
CA VAL F 4 4.69 -3.88 -9.45
C VAL F 4 5.37 -4.66 -10.58
N TYR F 5 6.03 -5.77 -10.25
CA TYR F 5 6.70 -6.53 -11.28
C TYR F 5 5.98 -7.83 -11.64
N LEU F 6 5.04 -7.74 -12.56
CA LEU F 6 4.29 -8.90 -13.01
C LEU F 6 5.18 -10.00 -13.62
N THR F 7 4.87 -11.24 -13.29
CA THR F 7 5.62 -12.38 -13.78
C THR F 7 5.01 -12.85 -15.09
N TRP F 8 5.73 -13.68 -15.83
CA TRP F 8 5.21 -14.20 -17.08
C TRP F 8 3.95 -15.00 -16.78
N TRP F 9 4.01 -15.81 -15.72
CA TRP F 9 2.86 -16.62 -15.31
C TRP F 9 1.64 -15.75 -15.00
N GLN F 10 1.82 -14.70 -14.21
CA GLN F 10 0.68 -13.83 -13.88
C GLN F 10 0.11 -13.20 -15.15
N VAL F 11 1.00 -12.87 -16.09
CA VAL F 11 0.56 -12.30 -17.37
C VAL F 11 -0.12 -13.36 -18.24
N ASP F 12 0.44 -14.57 -18.27
CA ASP F 12 -0.17 -15.63 -19.06
C ASP F 12 -1.55 -15.97 -18.54
N ARG F 13 -1.67 -16.09 -17.22
CA ARG F 13 -2.95 -16.40 -16.63
C ARG F 13 -3.99 -15.32 -16.94
N ALA F 14 -3.58 -14.05 -16.90
CA ALA F 14 -4.51 -12.97 -17.21
C ALA F 14 -4.93 -13.02 -18.69
N ILE F 15 -3.99 -13.37 -19.57
CA ILE F 15 -4.30 -13.50 -20.99
C ILE F 15 -5.34 -14.61 -21.21
N PHE F 16 -5.17 -15.73 -20.52
CA PHE F 16 -6.14 -16.82 -20.66
C PHE F 16 -7.52 -16.35 -20.23
N ALA F 17 -7.57 -15.67 -19.08
CA ALA F 17 -8.82 -15.14 -18.55
C ALA F 17 -9.50 -14.18 -19.52
N LEU F 18 -8.70 -13.31 -20.15
CA LEU F 18 -9.26 -12.38 -21.11
C LEU F 18 -9.78 -13.12 -22.32
N ALA F 19 -9.01 -14.12 -22.76
CA ALA F 19 -9.41 -14.90 -23.92
C ALA F 19 -10.77 -15.56 -23.66
N GLU F 20 -10.93 -16.15 -22.49
CA GLU F 20 -12.18 -16.81 -22.16
C GLU F 20 -13.36 -15.85 -22.27
N LYS F 21 -13.19 -14.62 -21.80
CA LYS F 21 -14.27 -13.64 -21.86
C LYS F 21 -14.46 -13.08 -23.26
N LEU F 22 -13.41 -13.16 -24.08
CA LEU F 22 -13.47 -12.67 -25.45
C LEU F 22 -14.13 -13.65 -26.40
N ARG F 23 -14.18 -14.92 -26.02
CA ARG F 23 -14.80 -15.94 -26.86
C ARG F 23 -16.22 -15.58 -27.23
N GLU F 24 -16.97 -15.05 -26.29
CA GLU F 24 -18.36 -14.69 -26.55
C GLU F 24 -18.44 -13.58 -27.60
N TYR F 25 -17.45 -12.69 -27.59
CA TYR F 25 -17.41 -11.58 -28.53
C TYR F 25 -17.21 -12.06 -29.96
N LYS F 26 -16.35 -13.07 -30.11
CA LYS F 26 -16.03 -13.66 -31.41
C LYS F 26 -15.31 -12.66 -32.32
N PRO F 27 -14.08 -12.27 -31.94
CA PRO F 27 -13.29 -11.31 -32.72
C PRO F 27 -12.98 -11.83 -34.13
N ASP F 28 -12.95 -10.92 -35.10
CA ASP F 28 -12.61 -11.29 -36.46
C ASP F 28 -11.11 -11.01 -36.64
N VAL F 29 -10.64 -9.92 -36.07
CA VAL F 29 -9.24 -9.52 -36.18
C VAL F 29 -8.71 -9.00 -34.85
N ILE F 30 -7.45 -9.29 -34.55
CA ILE F 30 -6.84 -8.79 -33.33
C ILE F 30 -5.77 -7.76 -33.65
N ILE F 31 -6.01 -6.53 -33.23
CA ILE F 31 -5.05 -5.47 -33.52
C ILE F 31 -4.11 -5.23 -32.34
N GLY F 32 -2.98 -5.97 -32.36
CA GLY F 32 -2.00 -5.81 -31.29
C GLY F 32 -1.37 -4.42 -31.31
N VAL F 33 -1.15 -3.87 -30.09
CA VAL F 33 -0.59 -2.52 -30.04
C VAL F 33 0.86 -2.56 -29.53
N ALA F 34 1.77 -2.06 -30.37
CA ALA F 34 3.18 -2.13 -30.01
C ALA F 34 3.56 -1.01 -29.04
N ARG F 35 4.48 -1.35 -28.12
CA ARG F 35 5.11 -2.67 -28.17
C ARG F 35 4.52 -3.64 -27.12
N GLY F 36 3.76 -3.05 -26.17
CA GLY F 36 3.32 -3.80 -24.98
C GLY F 36 2.35 -4.95 -25.30
N GLY F 37 1.43 -4.73 -26.24
CA GLY F 37 0.36 -5.70 -26.40
C GLY F 37 0.69 -6.72 -27.49
N LEU F 38 1.86 -6.53 -28.12
CA LEU F 38 2.28 -7.51 -29.13
C LEU F 38 2.28 -8.93 -28.55
N ILE F 39 3.02 -9.15 -27.46
CA ILE F 39 3.08 -10.49 -26.90
C ILE F 39 1.67 -10.98 -26.55
N PRO F 40 0.87 -10.16 -25.83
CA PRO F 40 -0.50 -10.60 -25.49
C PRO F 40 -1.35 -10.87 -26.74
N ALA F 41 -1.20 -10.02 -27.76
CA ALA F 41 -1.99 -10.16 -28.99
C ALA F 41 -1.58 -11.44 -29.72
N VAL F 42 -0.31 -11.76 -29.68
CA VAL F 42 0.16 -12.98 -30.32
C VAL F 42 -0.58 -14.17 -29.70
N ARG F 43 -0.61 -14.25 -28.38
CA ARG F 43 -1.29 -15.35 -27.68
C ARG F 43 -2.79 -15.32 -27.87
N LEU F 44 -3.41 -14.15 -27.73
CA LEU F 44 -4.85 -14.06 -27.91
C LEU F 44 -5.25 -14.54 -29.30
N SER F 45 -4.44 -14.19 -30.29
CA SER F 45 -4.69 -14.55 -31.69
C SER F 45 -4.81 -16.08 -31.88
N HIS F 46 -3.91 -16.83 -31.27
CA HIS F 46 -3.93 -18.28 -31.40
C HIS F 46 -5.10 -18.88 -30.63
N ILE F 47 -5.20 -18.53 -29.35
CA ILE F 47 -6.25 -19.04 -28.47
C ILE F 47 -7.66 -18.84 -29.02
N LEU F 48 -7.92 -17.69 -29.63
CA LEU F 48 -9.24 -17.41 -30.16
C LEU F 48 -9.48 -17.98 -31.55
N GLY F 49 -8.76 -19.05 -31.88
CA GLY F 49 -8.92 -19.70 -33.18
C GLY F 49 -8.08 -19.20 -34.35
N ASP F 50 -6.79 -18.98 -34.13
CA ASP F 50 -5.92 -18.48 -35.19
C ASP F 50 -6.55 -17.37 -36.01
N ILE F 51 -7.06 -16.34 -35.38
CA ILE F 51 -7.66 -15.28 -36.17
C ILE F 51 -6.50 -14.36 -36.57
N PRO F 52 -6.63 -13.71 -37.73
CA PRO F 52 -5.58 -12.80 -38.23
C PRO F 52 -5.09 -11.74 -37.24
N LEU F 53 -3.78 -11.48 -37.27
CA LEU F 53 -3.17 -10.49 -36.40
C LEU F 53 -2.67 -9.26 -37.13
N LYS F 54 -3.10 -8.08 -36.69
CA LYS F 54 -2.67 -6.82 -37.27
C LYS F 54 -1.87 -6.04 -36.21
N VAL F 55 -1.00 -5.15 -36.65
CA VAL F 55 -0.19 -4.37 -35.72
C VAL F 55 -0.27 -2.90 -36.04
N ILE F 56 -0.31 -2.08 -35.00
CA ILE F 56 -0.33 -0.63 -35.15
C ILE F 56 0.62 -0.08 -34.10
N ASP F 57 1.42 0.90 -34.49
CA ASP F 57 2.39 1.49 -33.59
C ASP F 57 2.19 3.00 -33.66
N VAL F 58 2.01 3.61 -32.49
CA VAL F 58 1.81 5.05 -32.39
C VAL F 58 2.91 5.64 -31.56
N LYS F 59 3.59 6.65 -32.10
CA LYS F 59 4.67 7.30 -31.38
C LYS F 59 4.41 8.78 -31.19
N PHE F 60 4.95 9.33 -30.12
CA PHE F 60 4.77 10.74 -29.85
C PHE F 60 6.07 11.47 -30.05
N TYR F 61 6.05 12.49 -30.91
CA TYR F 61 7.23 13.28 -31.19
C TYR F 61 7.09 14.65 -30.54
N LYS F 62 8.12 15.03 -29.77
CA LYS F 62 8.14 16.40 -29.26
C LYS F 62 8.60 17.36 -30.37
N GLY F 63 7.78 18.41 -30.60
CA GLY F 63 8.21 19.43 -31.55
C GLY F 63 9.44 20.16 -31.03
N ILE F 64 9.81 21.26 -31.69
CA ILE F 64 10.91 22.03 -31.14
C ILE F 64 10.44 22.94 -30.00
N ASP F 65 10.83 22.57 -28.79
CA ASP F 65 10.47 23.31 -27.58
C ASP F 65 11.37 24.52 -27.38
N GLY F 68 5.11 20.88 -27.49
CA GLY F 68 4.18 19.86 -27.04
C GLY F 68 4.52 18.48 -27.56
N GLU F 69 3.51 17.66 -27.80
CA GLU F 69 3.73 16.31 -28.32
C GLU F 69 2.66 15.92 -29.32
N LYS F 70 3.09 15.45 -30.48
CA LYS F 70 2.16 15.05 -31.53
C LYS F 70 2.28 13.56 -31.85
N PRO F 71 1.14 12.88 -32.00
CA PRO F 71 1.11 11.45 -32.30
C PRO F 71 1.23 11.18 -33.79
N VAL F 72 2.03 10.16 -34.12
CA VAL F 72 2.27 9.77 -35.51
C VAL F 72 2.24 8.24 -35.60
N ILE F 73 1.67 7.71 -36.69
CA ILE F 73 1.59 6.27 -36.88
C ILE F 73 2.84 5.66 -37.54
N THR F 74 3.64 4.99 -36.73
CA THR F 74 4.89 4.33 -37.11
C THR F 74 4.70 3.04 -37.89
N ILE F 75 3.67 2.28 -37.56
CA ILE F 75 3.33 1.01 -38.23
C ILE F 75 1.83 1.09 -38.46
N PRO F 76 1.41 1.30 -39.70
CA PRO F 76 0.00 1.40 -40.06
C PRO F 76 -0.74 0.10 -40.26
N ILE F 77 -2.05 0.19 -40.42
CA ILE F 77 -2.88 -0.97 -40.68
C ILE F 77 -3.30 -0.83 -42.14
N HIS F 78 -2.90 -1.79 -42.98
CA HIS F 78 -3.23 -1.77 -44.40
C HIS F 78 -4.64 -2.28 -44.64
N GLY F 79 -5.19 -1.91 -45.79
CA GLY F 79 -6.53 -2.36 -46.14
C GLY F 79 -7.61 -1.71 -45.29
N ASP F 80 -8.70 -2.43 -45.08
CA ASP F 80 -9.82 -1.93 -44.28
C ASP F 80 -10.22 -2.95 -43.21
N LEU F 81 -11.20 -2.60 -42.40
CA LEU F 81 -11.70 -3.47 -41.35
C LEU F 81 -13.22 -3.56 -41.43
N LYS F 82 -13.75 -3.30 -42.63
CA LYS F 82 -15.21 -3.35 -42.84
C LYS F 82 -15.81 -4.70 -42.51
N ASP F 83 -16.93 -4.66 -41.79
CA ASP F 83 -17.65 -5.86 -41.39
C ASP F 83 -16.76 -6.80 -40.57
N LYS F 84 -15.87 -6.21 -39.78
CA LYS F 84 -14.98 -7.00 -38.95
C LYS F 84 -15.09 -6.57 -37.49
N ARG F 85 -15.43 -7.50 -36.60
CA ARG F 85 -15.50 -7.18 -35.19
C ARG F 85 -14.05 -7.22 -34.75
N VAL F 86 -13.56 -6.10 -34.24
CA VAL F 86 -12.17 -5.98 -33.85
C VAL F 86 -11.91 -5.90 -32.36
N VAL F 87 -10.70 -6.29 -31.98
CA VAL F 87 -10.26 -6.23 -30.60
C VAL F 87 -8.88 -5.56 -30.58
N ILE F 88 -8.78 -4.45 -29.86
CA ILE F 88 -7.51 -3.74 -29.74
C ILE F 88 -6.91 -4.25 -28.43
N VAL F 89 -5.70 -4.77 -28.52
CA VAL F 89 -4.98 -5.32 -27.38
C VAL F 89 -3.77 -4.49 -27.02
N ASP F 90 -3.63 -4.16 -25.73
CA ASP F 90 -2.50 -3.37 -25.28
C ASP F 90 -2.12 -3.90 -23.90
N ASP F 91 -0.95 -3.51 -23.37
CA ASP F 91 -0.55 -4.00 -22.07
C ASP F 91 -1.26 -3.29 -20.92
N VAL F 92 -1.39 -1.98 -21.04
CA VAL F 92 -2.03 -1.20 -20.00
C VAL F 92 -2.66 0.07 -20.55
N SER F 93 -3.75 0.51 -19.93
CA SER F 93 -4.40 1.74 -20.33
C SER F 93 -4.15 2.70 -19.18
N ASP F 94 -3.03 3.41 -19.27
CA ASP F 94 -2.61 4.36 -18.25
C ASP F 94 -3.32 5.70 -18.41
N THR F 95 -2.91 6.52 -19.38
CA THR F 95 -3.56 7.81 -19.59
C THR F 95 -4.62 7.64 -20.65
N GLY F 96 -4.40 6.72 -21.57
CA GLY F 96 -5.35 6.48 -22.63
C GLY F 96 -5.05 7.24 -23.91
N LYS F 97 -4.00 8.07 -23.90
CA LYS F 97 -3.62 8.86 -25.08
C LYS F 97 -3.39 7.98 -26.32
N THR F 98 -2.55 6.96 -26.17
CA THR F 98 -2.25 6.07 -27.26
C THR F 98 -3.51 5.40 -27.79
N LEU F 99 -4.28 4.80 -26.89
CA LEU F 99 -5.50 4.10 -27.29
C LEU F 99 -6.49 4.98 -28.02
N GLU F 100 -6.58 6.25 -27.64
CA GLU F 100 -7.50 7.15 -28.32
C GLU F 100 -7.11 7.36 -29.77
N VAL F 101 -5.81 7.35 -30.04
CA VAL F 101 -5.34 7.51 -31.41
C VAL F 101 -5.61 6.21 -32.16
N VAL F 102 -5.32 5.10 -31.50
CA VAL F 102 -5.56 3.81 -32.14
C VAL F 102 -7.03 3.64 -32.45
N ILE F 103 -7.90 4.14 -31.58
CA ILE F 103 -9.34 4.01 -31.80
C ILE F 103 -9.83 4.79 -33.01
N GLU F 104 -9.31 6.01 -33.17
CA GLU F 104 -9.69 6.85 -34.29
C GLU F 104 -9.26 6.20 -35.61
N GLU F 105 -8.07 5.60 -35.60
CA GLU F 105 -7.55 4.94 -36.79
C GLU F 105 -8.43 3.75 -37.14
N VAL F 106 -8.72 2.92 -36.14
CA VAL F 106 -9.57 1.75 -36.35
C VAL F 106 -10.93 2.16 -36.88
N LYS F 107 -11.45 3.30 -36.40
CA LYS F 107 -12.75 3.78 -36.87
C LYS F 107 -12.66 4.28 -38.30
N LYS F 108 -11.50 4.80 -38.68
CA LYS F 108 -11.29 5.31 -40.04
C LYS F 108 -11.20 4.16 -41.04
N LEU F 109 -10.82 2.97 -40.56
CA LEU F 109 -10.70 1.81 -41.43
C LEU F 109 -12.05 1.07 -41.53
N GLY F 110 -13.07 1.66 -40.92
CA GLY F 110 -14.42 1.10 -40.97
C GLY F 110 -14.78 -0.13 -40.14
N ALA F 111 -14.15 -0.29 -38.98
CA ALA F 111 -14.45 -1.43 -38.13
C ALA F 111 -15.95 -1.52 -37.84
N LYS F 112 -16.50 -2.72 -37.98
CA LYS F 112 -17.91 -2.98 -37.74
C LYS F 112 -18.19 -2.75 -36.25
N GLU F 113 -17.30 -3.27 -35.41
CA GLU F 113 -17.41 -3.15 -33.96
C GLU F 113 -16.00 -3.15 -33.35
N ILE F 114 -15.80 -2.33 -32.34
CA ILE F 114 -14.51 -2.22 -31.68
C ILE F 114 -14.62 -2.61 -30.21
N LYS F 115 -13.58 -3.23 -29.69
CA LYS F 115 -13.55 -3.65 -28.29
C LYS F 115 -12.10 -3.53 -27.80
N ILE F 116 -11.90 -2.98 -26.61
CA ILE F 116 -10.54 -2.84 -26.08
C ILE F 116 -10.27 -3.82 -24.95
N ALA F 117 -9.16 -4.52 -25.02
CA ALA F 117 -8.80 -5.48 -23.99
C ALA F 117 -7.36 -5.27 -23.57
N CYS F 118 -7.13 -5.02 -22.29
CA CYS F 118 -5.79 -4.80 -21.76
C CYS F 118 -5.58 -5.67 -20.54
N LEU F 119 -4.32 -5.87 -20.18
CA LEU F 119 -4.00 -6.64 -19.01
C LEU F 119 -4.25 -5.77 -17.78
N ALA F 120 -3.77 -4.54 -17.84
CA ALA F 120 -3.92 -3.62 -16.73
C ALA F 120 -4.68 -2.35 -17.09
N MET F 121 -5.03 -1.60 -16.06
CA MET F 121 -5.77 -0.37 -16.24
C MET F 121 -5.47 0.56 -15.07
N LYS F 122 -5.48 1.85 -15.31
CA LYS F 122 -5.24 2.82 -14.24
C LYS F 122 -6.50 3.66 -14.13
N PRO F 123 -6.96 3.89 -12.89
CA PRO F 123 -8.17 4.65 -12.54
C PRO F 123 -8.39 5.96 -13.30
N TRP F 124 -7.31 6.73 -13.47
CA TRP F 124 -7.37 8.01 -14.15
C TRP F 124 -7.35 7.99 -15.68
N THR F 125 -7.49 6.82 -16.28
CA THR F 125 -7.45 6.71 -17.74
C THR F 125 -8.66 7.26 -18.46
N SER F 126 -8.44 7.75 -19.67
CA SER F 126 -9.50 8.31 -20.49
C SER F 126 -10.17 7.20 -21.29
N VAL F 127 -9.56 6.02 -21.26
CA VAL F 127 -10.09 4.88 -21.99
C VAL F 127 -10.18 3.62 -21.12
N VAL F 128 -11.35 3.37 -20.56
CA VAL F 128 -11.55 2.20 -19.72
C VAL F 128 -11.69 1.01 -20.67
N PRO F 129 -10.78 0.03 -20.53
CA PRO F 129 -10.82 -1.17 -21.38
C PRO F 129 -12.16 -1.88 -21.26
N ASP F 130 -12.58 -2.55 -22.33
CA ASP F 130 -13.83 -3.29 -22.25
C ASP F 130 -13.56 -4.56 -21.45
N TYR F 131 -12.29 -4.98 -21.42
CA TYR F 131 -11.86 -6.15 -20.66
C TYR F 131 -10.48 -5.89 -20.07
N TYR F 132 -10.30 -6.20 -18.80
CA TYR F 132 -9.00 -6.01 -18.20
C TYR F 132 -8.91 -6.82 -16.94
N VAL F 133 -7.71 -7.03 -16.44
CA VAL F 133 -7.55 -7.84 -15.24
C VAL F 133 -6.95 -7.10 -14.06
N PHE F 134 -5.76 -6.53 -14.24
CA PHE F 134 -5.12 -5.82 -13.15
C PHE F 134 -5.54 -4.35 -13.06
N ARG F 135 -5.64 -3.84 -11.84
CA ARG F 135 -6.00 -2.45 -11.60
C ARG F 135 -5.08 -1.89 -10.51
N THR F 136 -4.36 -0.84 -10.86
CA THR F 136 -3.41 -0.23 -9.94
C THR F 136 -3.06 1.17 -10.42
N GLU F 137 -2.39 1.91 -9.56
CA GLU F 137 -1.97 3.26 -9.89
C GLU F 137 -0.45 3.25 -9.86
N LYS F 138 0.10 2.17 -9.30
CA LYS F 138 1.54 2.04 -9.24
C LYS F 138 2.18 1.89 -10.61
N TRP F 139 3.50 2.01 -10.61
CA TRP F 139 4.33 1.89 -11.80
C TRP F 139 4.41 0.39 -12.13
N ILE F 140 3.89 0.02 -13.29
CA ILE F 140 3.91 -1.38 -13.71
C ILE F 140 5.08 -1.74 -14.65
N VAL F 141 5.85 -2.76 -14.27
CA VAL F 141 6.95 -3.24 -15.09
C VAL F 141 6.49 -4.58 -15.66
N PHE F 142 6.18 -4.64 -16.95
CA PHE F 142 5.78 -5.92 -17.53
C PHE F 142 7.00 -6.81 -17.71
N PRO F 143 6.79 -8.14 -17.85
CA PRO F 143 7.89 -9.10 -18.01
C PRO F 143 8.81 -8.84 -19.21
N TRP F 144 8.24 -8.30 -20.27
CA TRP F 144 9.03 -8.01 -21.47
C TRP F 144 9.88 -6.75 -21.41
N GLU F 145 9.66 -5.94 -20.37
CA GLU F 145 10.40 -4.70 -20.18
C GLU F 145 11.61 -4.90 -19.29
N GLU F 146 12.53 -3.96 -19.35
CA GLU F 146 13.74 -4.02 -18.53
C GLU F 146 13.42 -3.62 -17.09
N PHE F 147 14.00 -4.34 -16.12
CA PHE F 147 13.81 -4.00 -14.72
C PHE F 147 14.65 -2.76 -14.46
N PRO F 148 14.00 -1.62 -14.17
CA PRO F 148 14.69 -0.35 -13.92
C PRO F 148 15.69 -0.39 -12.77
N VAL F 149 16.84 0.23 -13.00
CA VAL F 149 17.87 0.31 -11.97
C VAL F 149 17.97 1.77 -11.54
N ILE F 150 18.17 2.01 -10.24
CA ILE F 150 18.29 3.36 -9.73
C ILE F 150 19.73 3.61 -9.37
N GLU F 151 20.31 4.66 -9.94
CA GLU F 151 21.70 5.00 -9.66
C GLU F 151 21.79 6.40 -9.05
N LYS F 152 22.89 6.69 -8.38
CA LYS F 152 23.08 8.01 -7.78
C LYS F 152 23.42 9.03 -8.88
N MET G 1 -19.44 31.17 27.56
CA MET G 1 -18.08 30.57 27.58
C MET G 1 -16.98 31.58 27.88
N ASP G 2 -16.57 31.62 29.14
CA ASP G 2 -15.51 32.53 29.61
C ASP G 2 -14.16 31.83 29.67
N LYS G 3 -13.97 30.85 28.78
CA LYS G 3 -12.73 30.12 28.70
C LYS G 3 -12.18 30.26 27.28
N VAL G 4 -10.87 30.08 27.14
CA VAL G 4 -10.25 30.16 25.82
C VAL G 4 -9.80 28.77 25.37
N TYR G 5 -10.41 28.29 24.28
CA TYR G 5 -10.09 26.97 23.74
C TYR G 5 -9.13 27.04 22.55
N LEU G 6 -7.85 26.91 22.84
CA LEU G 6 -6.79 26.92 21.83
C LEU G 6 -6.81 25.66 20.96
N THR G 7 -6.86 25.81 19.64
CA THR G 7 -6.82 24.66 18.71
C THR G 7 -5.38 24.15 18.55
N TRP G 8 -5.22 22.96 17.99
CA TRP G 8 -3.87 22.41 17.78
C TRP G 8 -3.13 23.24 16.73
N TRP G 9 -3.85 23.76 15.73
CA TRP G 9 -3.22 24.57 14.70
C TRP G 9 -2.72 25.87 15.36
N GLN G 10 -3.48 26.38 16.32
CA GLN G 10 -3.07 27.58 17.03
C GLN G 10 -1.81 27.28 17.81
N VAL G 11 -1.72 26.09 18.39
CA VAL G 11 -0.53 25.74 19.14
C VAL G 11 0.68 25.48 18.23
N ASP G 12 0.45 24.88 17.07
CA ASP G 12 1.54 24.62 16.13
C ASP G 12 2.11 25.94 15.59
N ARG G 13 1.23 26.82 15.13
CA ARG G 13 1.69 28.11 14.63
C ARG G 13 2.42 28.93 15.70
N ALA G 14 1.94 28.83 16.93
CA ALA G 14 2.55 29.56 18.04
C ALA G 14 3.93 28.99 18.30
N ILE G 15 4.06 27.68 18.25
CA ILE G 15 5.34 27.03 18.49
C ILE G 15 6.33 27.35 17.38
N PHE G 16 5.85 27.42 16.14
CA PHE G 16 6.73 27.75 15.02
C PHE G 16 7.26 29.16 15.13
N ALA G 17 6.40 30.07 15.59
CA ALA G 17 6.78 31.47 15.76
C ALA G 17 7.85 31.59 16.85
N LEU G 18 7.66 30.88 17.95
CA LEU G 18 8.61 30.90 19.04
C LEU G 18 9.95 30.37 18.55
N ALA G 19 9.91 29.27 17.80
CA ALA G 19 11.12 28.66 17.26
C ALA G 19 12.00 29.65 16.52
N GLU G 20 11.40 30.38 15.57
CA GLU G 20 12.17 31.36 14.80
C GLU G 20 12.89 32.35 15.71
N LYS G 21 12.22 32.74 16.80
CA LYS G 21 12.79 33.67 17.77
C LYS G 21 13.86 33.00 18.61
N LEU G 22 13.62 31.76 19.01
CA LEU G 22 14.59 31.03 19.82
C LEU G 22 15.85 30.71 19.02
N ARG G 23 15.74 30.75 17.69
CA ARG G 23 16.89 30.46 16.83
C ARG G 23 17.97 31.52 17.01
N GLU G 24 17.56 32.75 17.26
CA GLU G 24 18.50 33.84 17.47
C GLU G 24 19.18 33.72 18.84
N TYR G 25 18.57 32.94 19.73
CA TYR G 25 19.09 32.73 21.08
C TYR G 25 19.99 31.48 21.18
N LYS G 26 19.82 30.54 20.26
CA LYS G 26 20.62 29.32 20.23
C LYS G 26 20.75 28.56 21.55
N PRO G 27 19.64 27.94 21.99
CA PRO G 27 19.56 27.16 23.23
C PRO G 27 20.40 25.89 23.19
N ASP G 28 21.08 25.60 24.28
CA ASP G 28 21.90 24.40 24.36
C ASP G 28 21.08 23.26 24.97
N VAL G 29 20.03 23.63 25.70
CA VAL G 29 19.18 22.65 26.35
C VAL G 29 17.79 23.22 26.63
N ILE G 30 16.80 22.34 26.65
CA ILE G 30 15.43 22.74 26.93
C ILE G 30 14.92 22.06 28.18
N ILE G 31 14.19 22.82 28.99
CA ILE G 31 13.62 22.31 30.22
C ILE G 31 12.11 22.50 30.13
N GLY G 32 11.40 21.38 29.96
CA GLY G 32 9.96 21.46 29.85
C GLY G 32 9.29 21.30 31.20
N VAL G 33 8.38 22.21 31.51
CA VAL G 33 7.59 22.16 32.73
C VAL G 33 6.32 21.32 32.55
N ALA G 34 6.23 20.25 33.35
CA ALA G 34 5.07 19.37 33.24
C ALA G 34 3.83 20.01 33.86
N ARG G 35 2.66 19.62 33.31
CA ARG G 35 2.65 18.66 32.22
C ARG G 35 2.43 19.35 30.87
N GLY G 36 1.63 20.43 30.92
CA GLY G 36 1.33 21.15 29.68
C GLY G 36 2.60 21.61 28.98
N GLY G 37 3.61 21.99 29.79
CA GLY G 37 4.87 22.46 29.22
C GLY G 37 5.41 21.47 28.19
N LEU G 38 5.29 20.18 28.44
CA LEU G 38 5.97 19.19 27.62
C LEU G 38 5.50 19.16 26.16
N ILE G 39 4.33 19.70 25.86
CA ILE G 39 3.90 19.68 24.47
C ILE G 39 4.78 20.63 23.66
N PRO G 40 4.80 21.92 24.01
CA PRO G 40 5.66 22.85 23.26
C PRO G 40 7.13 22.45 23.36
N ALA G 41 7.51 21.92 24.53
CA ALA G 41 8.89 21.50 24.78
C ALA G 41 9.37 20.44 23.79
N VAL G 42 8.64 19.35 23.67
CA VAL G 42 9.00 18.27 22.76
C VAL G 42 9.11 18.82 21.34
N ARG G 43 8.09 19.55 20.90
CA ARG G 43 8.10 20.13 19.56
C ARG G 43 9.31 21.03 19.34
N LEU G 44 9.62 21.89 20.31
CA LEU G 44 10.77 22.78 20.19
C LEU G 44 12.09 21.99 20.18
N SER G 45 12.11 20.87 20.89
CA SER G 45 13.32 20.04 20.92
C SER G 45 13.63 19.55 19.51
N HIS G 46 12.59 19.17 18.77
CA HIS G 46 12.71 18.68 17.40
C HIS G 46 13.03 19.83 16.43
N ILE G 47 12.20 20.87 16.44
CA ILE G 47 12.36 22.03 15.57
C ILE G 47 13.70 22.75 15.67
N LEU G 48 14.36 22.66 16.82
CA LEU G 48 15.63 23.35 16.99
C LEU G 48 16.87 22.46 16.86
N GLY G 49 16.77 21.38 16.09
CA GLY G 49 17.90 20.49 15.91
C GLY G 49 18.12 19.46 17.00
N ASP G 50 17.04 18.76 17.37
CA ASP G 50 17.10 17.74 18.41
C ASP G 50 18.01 18.07 19.58
N ILE G 51 17.86 19.26 20.14
CA ILE G 51 18.68 19.64 21.29
C ILE G 51 18.09 18.91 22.50
N PRO G 52 18.96 18.44 23.41
CA PRO G 52 18.54 17.72 24.62
C PRO G 52 17.35 18.30 25.38
N LEU G 53 16.48 17.42 25.84
CA LEU G 53 15.28 17.82 26.58
C LEU G 53 15.28 17.29 28.01
N LYS G 54 15.18 18.20 28.97
CA LYS G 54 15.13 17.81 30.37
C LYS G 54 13.71 18.09 30.89
N VAL G 55 13.19 17.18 31.71
CA VAL G 55 11.86 17.34 32.25
C VAL G 55 11.81 17.61 33.74
N ILE G 56 11.00 18.59 34.13
CA ILE G 56 10.83 18.92 35.54
C ILE G 56 9.34 18.98 35.84
N ASP G 57 8.95 18.48 37.01
CA ASP G 57 7.55 18.50 37.42
C ASP G 57 7.45 19.11 38.81
N VAL G 58 6.74 20.23 38.91
CA VAL G 58 6.56 20.92 40.17
C VAL G 58 5.10 20.80 40.60
N LYS G 59 4.87 20.42 41.85
CA LYS G 59 3.51 20.27 42.34
C LYS G 59 3.30 21.04 43.64
N PHE G 60 2.05 21.41 43.91
CA PHE G 60 1.79 22.19 45.12
C PHE G 60 0.75 21.53 46.04
N TYR G 61 1.10 21.47 47.35
CA TYR G 61 0.18 21.03 48.39
C TYR G 61 -0.04 22.11 49.43
N LYS G 62 -1.11 21.93 50.23
CA LYS G 62 -1.49 22.96 51.18
C LYS G 62 -0.50 23.07 52.35
N GLY G 63 0.06 21.91 52.73
CA GLY G 63 1.03 21.92 53.82
C GLY G 63 0.38 22.29 55.16
N ILE G 64 1.23 22.75 56.09
CA ILE G 64 0.77 23.02 57.45
C ILE G 64 0.16 24.42 57.59
N ASP G 65 0.17 25.16 56.47
CA ASP G 65 -0.45 26.49 56.44
C ASP G 65 -1.79 26.46 55.71
N GLU G 66 -2.76 27.26 56.20
CA GLU G 66 -3.99 27.36 55.41
C GLU G 66 -3.82 28.29 54.19
N ARG G 67 -3.41 29.55 54.47
CA ARG G 67 -3.13 30.45 53.37
C ARG G 67 -1.70 30.27 52.86
N GLY G 68 -1.50 29.23 52.04
CA GLY G 68 -0.16 29.00 51.53
C GLY G 68 0.03 27.58 50.99
N GLU G 69 1.01 27.47 50.08
CA GLU G 69 1.29 26.23 49.37
C GLU G 69 2.79 26.01 49.21
N LYS G 70 3.29 24.82 49.62
CA LYS G 70 4.71 24.53 49.45
C LYS G 70 4.99 23.49 48.34
N PRO G 71 5.95 23.86 47.46
CA PRO G 71 6.29 23.10 46.23
C PRO G 71 7.03 21.79 46.49
N VAL G 72 6.56 20.74 45.82
CA VAL G 72 7.15 19.41 45.88
C VAL G 72 7.53 18.99 44.46
N ILE G 73 8.82 18.86 44.21
CA ILE G 73 9.31 18.48 42.89
C ILE G 73 9.15 16.99 42.59
N THR G 74 8.10 16.66 41.84
CA THR G 74 7.76 15.29 41.43
C THR G 74 8.86 14.67 40.58
N ILE G 75 9.18 15.33 39.47
CA ILE G 75 10.22 14.88 38.56
C ILE G 75 11.33 15.92 38.51
N PRO G 76 12.52 15.57 39.03
CA PRO G 76 13.65 16.49 39.04
C PRO G 76 14.49 16.48 37.77
N ILE G 77 15.39 17.43 37.68
CA ILE G 77 16.30 17.52 36.55
C ILE G 77 17.68 17.40 37.18
N HIS G 78 18.62 16.78 36.47
CA HIS G 78 19.96 16.61 37.00
C HIS G 78 21.06 17.07 36.05
N GLY G 79 22.32 16.85 36.44
CA GLY G 79 23.45 17.26 35.63
C GLY G 79 23.59 18.76 35.78
N ASP G 80 24.74 19.33 35.45
CA ASP G 80 24.88 20.78 35.59
C ASP G 80 24.73 21.47 34.23
N LEU G 81 24.37 22.74 34.25
CA LEU G 81 24.19 23.50 33.03
C LEU G 81 25.14 24.67 32.99
N LYS G 82 26.39 24.42 33.37
CA LYS G 82 27.42 25.46 33.37
C LYS G 82 27.73 25.85 31.91
N ASP G 83 27.78 27.15 31.64
CA ASP G 83 28.06 27.66 30.30
C ASP G 83 27.04 27.21 29.24
N LYS G 84 25.89 26.72 29.70
CA LYS G 84 24.84 26.27 28.79
C LYS G 84 23.68 27.24 28.71
N ARG G 85 23.32 27.63 27.49
CA ARG G 85 22.20 28.54 27.28
C ARG G 85 20.95 27.74 27.58
N VAL G 86 20.16 28.19 28.55
CA VAL G 86 18.96 27.45 28.89
C VAL G 86 17.69 28.17 28.48
N VAL G 87 16.69 27.38 28.09
CA VAL G 87 15.39 27.92 27.71
C VAL G 87 14.35 27.02 28.36
N ILE G 88 13.54 27.61 29.24
CA ILE G 88 12.49 26.90 29.95
C ILE G 88 11.21 27.06 29.15
N VAL G 89 10.57 25.94 28.85
CA VAL G 89 9.33 25.93 28.08
C VAL G 89 8.16 25.49 28.92
N ASP G 90 7.11 26.30 28.89
CA ASP G 90 5.89 26.02 29.65
C ASP G 90 4.73 26.50 28.79
N ASP G 91 3.53 26.01 29.06
CA ASP G 91 2.38 26.38 28.24
C ASP G 91 1.88 27.81 28.50
N VAL G 92 1.84 28.20 29.78
CA VAL G 92 1.38 29.55 30.10
C VAL G 92 1.86 30.03 31.47
N SER G 93 2.13 31.35 31.53
CA SER G 93 2.55 31.95 32.79
C SER G 93 1.37 32.63 33.49
N ASP G 94 0.74 31.88 34.41
CA ASP G 94 -0.44 32.43 35.09
C ASP G 94 -0.04 33.32 36.27
N THR G 95 0.38 32.68 37.37
CA THR G 95 0.86 33.47 38.50
C THR G 95 2.38 33.57 38.52
N GLY G 96 3.03 32.64 37.83
CA GLY G 96 4.48 32.62 37.77
C GLY G 96 5.02 31.81 38.93
N LYS G 97 4.09 31.20 39.65
CA LYS G 97 4.42 30.38 40.80
C LYS G 97 5.37 29.25 40.41
N THR G 98 4.94 28.41 39.48
CA THR G 98 5.75 27.28 39.03
C THR G 98 7.07 27.71 38.40
N LEU G 99 7.01 28.71 37.54
CA LEU G 99 8.21 29.20 36.88
C LEU G 99 9.30 29.64 37.83
N GLU G 100 8.95 30.37 38.89
CA GLU G 100 9.96 30.81 39.85
C GLU G 100 10.68 29.62 40.49
N VAL G 101 9.93 28.56 40.80
CA VAL G 101 10.53 27.38 41.40
C VAL G 101 11.51 26.75 40.40
N VAL G 102 11.11 26.72 39.13
CA VAL G 102 11.94 26.15 38.08
C VAL G 102 13.19 26.98 37.80
N ILE G 103 13.09 28.30 37.90
CA ILE G 103 14.25 29.15 37.64
C ILE G 103 15.28 28.96 38.74
N GLU G 104 14.85 28.48 39.90
CA GLU G 104 15.75 28.24 41.02
C GLU G 104 16.46 26.90 40.90
N GLU G 105 15.82 25.94 40.25
CA GLU G 105 16.43 24.63 40.07
C GLU G 105 17.44 24.71 38.92
N VAL G 106 17.20 25.66 38.01
CA VAL G 106 18.08 25.86 36.87
C VAL G 106 19.34 26.62 37.26
N LYS G 107 19.24 27.46 38.28
CA LYS G 107 20.39 28.21 38.74
C LYS G 107 21.26 27.33 39.64
N LYS G 108 20.61 26.45 40.40
CA LYS G 108 21.33 25.54 41.28
C LYS G 108 22.23 24.62 40.48
N LEU G 109 21.93 24.49 39.19
CA LEU G 109 22.73 23.64 38.30
C LEU G 109 23.75 24.45 37.52
N GLY G 110 23.85 25.74 37.84
CA GLY G 110 24.82 26.61 37.21
C GLY G 110 24.49 27.14 35.82
N ALA G 111 23.22 27.32 35.52
CA ALA G 111 22.82 27.82 34.21
C ALA G 111 23.55 29.10 33.80
N LYS G 112 24.16 29.05 32.62
CA LYS G 112 24.89 30.19 32.08
C LYS G 112 23.85 31.31 31.90
N GLU G 113 23.10 31.25 30.81
CA GLU G 113 22.07 32.24 30.51
C GLU G 113 20.73 31.51 30.57
N ILE G 114 19.66 32.23 30.92
CA ILE G 114 18.35 31.62 31.01
C ILE G 114 17.28 32.46 30.35
N LYS G 115 16.51 31.84 29.47
CA LYS G 115 15.42 32.49 28.76
C LYS G 115 14.17 31.68 29.04
N ILE G 116 13.00 32.31 28.88
CA ILE G 116 11.75 31.62 29.14
C ILE G 116 10.76 31.79 28.01
N ALA G 117 10.23 30.65 27.53
CA ALA G 117 9.28 30.66 26.44
C ALA G 117 7.97 29.99 26.85
N CYS G 118 6.87 30.64 26.49
CA CYS G 118 5.54 30.13 26.82
C CYS G 118 4.58 30.38 25.66
N LEU G 119 3.52 29.59 25.60
CA LEU G 119 2.54 29.78 24.56
C LEU G 119 1.75 31.05 24.88
N ALA G 120 1.41 31.23 26.15
CA ALA G 120 0.64 32.39 26.60
C ALA G 120 1.01 32.83 28.00
N MET G 121 0.56 34.03 28.35
CA MET G 121 0.82 34.58 29.68
C MET G 121 -0.39 35.40 30.12
N LYS G 122 -0.54 35.54 31.42
CA LYS G 122 -1.63 36.32 31.99
C LYS G 122 -1.02 37.57 32.62
N PRO G 123 -1.64 38.75 32.37
CA PRO G 123 -1.24 40.08 32.85
C PRO G 123 -0.59 40.21 34.23
N TRP G 124 -1.09 39.47 35.19
CA TRP G 124 -0.59 39.57 36.55
C TRP G 124 0.61 38.73 36.94
N THR G 125 0.95 37.76 36.10
CA THR G 125 2.08 36.87 36.38
C THR G 125 3.30 37.58 36.97
N SER G 126 4.02 36.88 37.85
CA SER G 126 5.22 37.45 38.47
C SER G 126 6.44 37.08 37.63
N VAL G 127 6.21 36.35 36.54
CA VAL G 127 7.29 35.94 35.63
C VAL G 127 6.86 36.08 34.18
N VAL G 128 7.13 37.26 33.62
CA VAL G 128 6.80 37.53 32.24
C VAL G 128 7.74 36.70 31.37
N PRO G 129 7.20 35.97 30.39
CA PRO G 129 8.05 35.14 29.52
C PRO G 129 8.88 36.02 28.59
N ASP G 130 10.09 35.59 28.29
CA ASP G 130 10.92 36.36 27.38
C ASP G 130 10.32 36.27 25.99
N TYR G 131 9.61 35.17 25.75
CA TYR G 131 8.93 34.94 24.47
C TYR G 131 7.59 34.24 24.71
N TYR G 132 6.52 34.81 24.17
CA TYR G 132 5.19 34.21 24.30
C TYR G 132 4.29 34.69 23.16
N VAL G 133 3.17 34.02 22.95
CA VAL G 133 2.26 34.39 21.86
C VAL G 133 0.89 34.91 22.27
N PHE G 134 0.27 34.26 23.24
CA PHE G 134 -1.07 34.68 23.66
C PHE G 134 -1.13 35.39 25.01
N ARG G 135 -1.98 36.42 25.04
CA ARG G 135 -2.20 37.15 26.27
C ARG G 135 -3.69 37.19 26.56
N THR G 136 -4.03 36.75 27.76
CA THR G 136 -5.44 36.66 28.15
C THR G 136 -5.59 36.62 29.67
N GLU G 137 -6.82 36.91 30.13
CA GLU G 137 -7.10 36.87 31.56
C GLU G 137 -7.99 35.67 31.86
N LYS G 138 -8.57 35.10 30.80
CA LYS G 138 -9.45 33.95 30.93
C LYS G 138 -8.67 32.67 31.20
N TRP G 139 -9.40 31.61 31.54
CA TRP G 139 -8.75 30.32 31.77
C TRP G 139 -8.60 29.69 30.38
N ILE G 140 -7.41 29.17 30.11
CA ILE G 140 -7.13 28.56 28.82
C ILE G 140 -7.23 27.04 28.81
N VAL G 141 -8.06 26.52 27.92
CA VAL G 141 -8.19 25.07 27.78
C VAL G 141 -7.37 24.71 26.55
N PHE G 142 -6.27 24.02 26.76
CA PHE G 142 -5.40 23.62 25.65
C PHE G 142 -5.97 22.44 24.86
N PRO G 143 -5.47 22.24 23.62
CA PRO G 143 -5.93 21.16 22.74
C PRO G 143 -5.77 19.76 23.33
N TRP G 144 -4.82 19.61 24.26
CA TRP G 144 -4.56 18.32 24.89
C TRP G 144 -5.24 18.13 26.25
N GLU G 145 -6.13 19.04 26.61
CA GLU G 145 -6.83 18.94 27.90
C GLU G 145 -8.28 18.50 27.77
N GLU G 146 -8.76 17.73 28.73
CA GLU G 146 -10.15 17.26 28.72
C GLU G 146 -11.07 18.31 29.36
N PHE G 147 -12.37 18.20 29.10
CA PHE G 147 -13.37 19.14 29.63
C PHE G 147 -14.15 18.59 30.84
N PRO G 148 -14.52 19.47 31.78
CA PRO G 148 -15.27 19.07 32.96
C PRO G 148 -16.74 18.95 32.59
N VAL G 149 -17.46 18.06 33.27
CA VAL G 149 -18.87 17.90 33.00
C VAL G 149 -19.64 18.63 34.10
N ILE G 150 -20.71 19.33 33.72
CA ILE G 150 -21.52 20.05 34.70
C ILE G 150 -22.76 19.22 35.06
N GLU G 151 -22.88 18.88 36.33
CA GLU G 151 -24.01 18.09 36.81
C GLU G 151 -24.93 18.87 37.74
N LYS G 152 -26.21 18.52 37.72
CA LYS G 152 -27.28 19.10 38.53
C LYS G 152 -27.01 18.92 40.02
N MET H 1 1.25 6.51 0.87
CA MET H 1 2.50 7.25 0.55
C MET H 1 3.69 6.62 1.25
N ASP H 2 4.86 7.20 1.08
CA ASP H 2 6.07 6.66 1.71
C ASP H 2 6.02 6.77 3.23
N LYS H 3 5.30 7.76 3.72
CA LYS H 3 5.22 7.93 5.15
C LYS H 3 3.80 8.12 5.61
N VAL H 4 3.57 7.92 6.89
CA VAL H 4 2.25 8.13 7.44
C VAL H 4 2.40 9.40 8.27
N TYR H 5 1.59 10.41 7.97
CA TYR H 5 1.63 11.65 8.74
C TYR H 5 0.39 11.72 9.65
N LEU H 6 0.53 11.20 10.86
CA LEU H 6 -0.56 11.16 11.83
C LEU H 6 -0.93 12.55 12.33
N THR H 7 -2.21 12.89 12.23
CA THR H 7 -2.68 14.20 12.69
C THR H 7 -2.92 14.19 14.21
N TRP H 8 -2.90 15.37 14.83
CA TRP H 8 -3.16 15.51 16.27
C TRP H 8 -4.45 14.79 16.68
N TRP H 9 -5.51 14.98 15.90
CA TRP H 9 -6.79 14.36 16.17
C TRP H 9 -6.68 12.84 16.20
N GLN H 10 -6.09 12.24 15.15
CA GLN H 10 -5.92 10.79 15.07
C GLN H 10 -5.15 10.27 16.28
N VAL H 11 -4.15 11.03 16.72
CA VAL H 11 -3.37 10.63 17.88
C VAL H 11 -4.22 10.82 19.17
N ASP H 12 -5.01 11.89 19.22
CA ASP H 12 -5.84 12.13 20.39
C ASP H 12 -6.92 11.06 20.54
N ARG H 13 -7.57 10.72 19.42
CA ARG H 13 -8.61 9.72 19.46
C ARG H 13 -8.04 8.35 19.81
N ALA H 14 -6.74 8.18 19.59
CA ALA H 14 -6.09 6.92 19.90
C ALA H 14 -5.73 6.91 21.38
N ILE H 15 -5.40 8.06 21.93
CA ILE H 15 -5.04 8.15 23.34
C ILE H 15 -6.31 7.88 24.18
N PHE H 16 -7.43 8.43 23.74
CA PHE H 16 -8.68 8.21 24.45
C PHE H 16 -8.99 6.72 24.45
N ALA H 17 -8.98 6.11 23.27
CA ALA H 17 -9.27 4.68 23.13
C ALA H 17 -8.35 3.83 24.00
N LEU H 18 -7.08 4.22 24.07
CA LEU H 18 -6.11 3.49 24.89
C LEU H 18 -6.44 3.65 26.37
N ALA H 19 -6.89 4.85 26.74
CA ALA H 19 -7.24 5.15 28.13
C ALA H 19 -8.43 4.28 28.58
N GLU H 20 -9.43 4.17 27.72
CA GLU H 20 -10.59 3.38 28.05
C GLU H 20 -10.24 1.93 28.38
N LYS H 21 -9.25 1.36 27.69
CA LYS H 21 -8.85 -0.03 27.94
C LYS H 21 -7.92 -0.12 29.14
N LEU H 22 -7.25 0.98 29.45
CA LEU H 22 -6.34 0.98 30.59
C LEU H 22 -7.05 1.16 31.93
N ARG H 23 -8.30 1.59 31.90
CA ARG H 23 -9.05 1.77 33.15
C ARG H 23 -9.19 0.42 33.83
N GLU H 24 -9.55 -0.59 33.05
CA GLU H 24 -9.73 -1.94 33.56
C GLU H 24 -8.45 -2.42 34.25
N TYR H 25 -7.31 -1.93 33.79
CA TYR H 25 -6.02 -2.31 34.34
C TYR H 25 -5.66 -1.53 35.61
N LYS H 26 -6.20 -0.32 35.74
CA LYS H 26 -5.96 0.54 36.89
C LYS H 26 -4.47 0.71 37.21
N PRO H 27 -3.78 1.58 36.44
CA PRO H 27 -2.35 1.84 36.64
C PRO H 27 -2.10 2.66 37.89
N ASP H 28 -0.98 2.43 38.56
CA ASP H 28 -0.63 3.19 39.75
C ASP H 28 0.34 4.29 39.34
N VAL H 29 1.16 3.99 38.35
CA VAL H 29 2.16 4.94 37.84
C VAL H 29 2.32 4.78 36.34
N ILE H 30 2.56 5.90 35.65
CA ILE H 30 2.77 5.88 34.21
C ILE H 30 4.21 6.28 33.87
N ILE H 31 4.91 5.40 33.17
CA ILE H 31 6.29 5.68 32.78
C ILE H 31 6.32 6.05 31.30
N GLY H 32 6.58 7.32 31.01
CA GLY H 32 6.63 7.77 29.63
C GLY H 32 8.05 7.79 29.08
N VAL H 33 8.25 7.13 27.95
CA VAL H 33 9.53 7.18 27.26
C VAL H 33 9.78 8.51 26.54
N ALA H 34 10.87 9.18 26.94
CA ALA H 34 11.29 10.34 26.18
C ALA H 34 11.85 9.89 24.82
N ARG H 35 11.47 10.63 23.75
CA ARG H 35 10.62 11.81 23.90
C ARG H 35 9.21 11.55 23.33
N GLY H 36 9.15 10.55 22.44
CA GLY H 36 7.90 10.28 21.72
C GLY H 36 6.79 9.81 22.66
N GLY H 37 7.20 9.36 23.86
CA GLY H 37 6.23 8.86 24.83
C GLY H 37 5.57 9.99 25.61
N LEU H 38 6.32 11.05 25.88
CA LEU H 38 5.86 12.17 26.68
C LEU H 38 4.46 12.74 26.44
N ILE H 39 4.18 13.22 25.24
CA ILE H 39 2.85 13.78 25.01
C ILE H 39 1.74 12.81 25.36
N PRO H 40 1.80 11.57 24.85
CA PRO H 40 0.75 10.59 25.15
C PRO H 40 0.62 10.33 26.65
N ALA H 41 1.76 10.14 27.32
CA ALA H 41 1.79 9.90 28.76
C ALA H 41 1.14 11.04 29.56
N VAL H 42 1.37 12.28 29.15
CA VAL H 42 0.78 13.43 29.82
C VAL H 42 -0.74 13.33 29.78
N ARG H 43 -1.30 13.09 28.60
CA ARG H 43 -2.75 12.98 28.48
C ARG H 43 -3.34 11.76 29.21
N LEU H 44 -2.69 10.60 29.12
CA LEU H 44 -3.20 9.41 29.78
C LEU H 44 -3.14 9.58 31.30
N SER H 45 -2.08 10.24 31.76
CA SER H 45 -1.87 10.53 33.17
C SER H 45 -3.08 11.21 33.78
N HIS H 46 -3.57 12.27 33.14
CA HIS H 46 -4.72 13.01 33.63
C HIS H 46 -6.04 12.27 33.37
N ILE H 47 -6.20 11.67 32.20
CA ILE H 47 -7.43 10.95 31.90
C ILE H 47 -7.68 9.83 32.90
N LEU H 48 -6.61 9.14 33.31
CA LEU H 48 -6.73 8.03 34.25
C LEU H 48 -6.81 8.47 35.72
N GLY H 49 -7.31 9.68 35.95
CA GLY H 49 -7.41 10.18 37.31
C GLY H 49 -6.19 10.76 37.98
N ASP H 50 -5.47 11.62 37.26
CA ASP H 50 -4.28 12.30 37.76
C ASP H 50 -3.25 11.37 38.40
N ILE H 51 -3.04 10.17 37.85
CA ILE H 51 -2.06 9.28 38.47
C ILE H 51 -0.63 9.80 38.31
N PRO H 52 0.29 9.40 39.21
CA PRO H 52 1.68 9.84 39.15
C PRO H 52 2.37 9.57 37.82
N LEU H 53 3.21 10.52 37.40
CA LEU H 53 3.93 10.44 36.14
C LEU H 53 5.46 10.44 36.30
N LYS H 54 6.12 9.49 35.65
CA LYS H 54 7.58 9.41 35.69
C LYS H 54 8.12 9.44 34.26
N VAL H 55 9.40 9.80 34.12
CA VAL H 55 10.02 9.88 32.81
C VAL H 55 11.34 9.13 32.73
N ILE H 56 11.65 8.62 31.54
CA ILE H 56 12.88 7.89 31.31
C ILE H 56 13.38 8.21 29.89
N ASP H 57 14.67 8.49 29.76
CA ASP H 57 15.24 8.83 28.46
C ASP H 57 16.39 7.89 28.11
N VAL H 58 16.26 7.20 26.98
CA VAL H 58 17.28 6.28 26.52
C VAL H 58 17.81 6.70 25.16
N LYS H 59 19.11 6.94 25.09
CA LYS H 59 19.78 7.33 23.85
C LYS H 59 20.81 6.25 23.54
N PHE H 60 21.08 6.02 22.26
CA PHE H 60 22.06 5.01 21.87
C PHE H 60 23.25 5.69 21.21
N TYR H 61 24.44 5.37 21.70
CA TYR H 61 25.68 5.97 21.20
C TYR H 61 26.65 4.99 20.54
N LYS H 62 27.14 5.35 19.36
CA LYS H 62 28.09 4.51 18.62
C LYS H 62 29.49 4.64 19.20
N ARG H 67 33.37 0.42 18.05
CA ARG H 67 32.28 -0.15 17.26
C ARG H 67 31.14 -0.68 18.12
N GLY H 68 29.92 -0.55 17.60
CA GLY H 68 28.75 -1.03 18.30
C GLY H 68 28.02 0.05 19.08
N GLU H 69 26.70 -0.10 19.21
CA GLU H 69 25.88 0.86 19.93
C GLU H 69 25.53 0.42 21.35
N LYS H 70 25.88 1.25 22.33
CA LYS H 70 25.57 0.96 23.72
C LYS H 70 24.53 1.97 24.18
N PRO H 71 23.47 1.50 24.84
CA PRO H 71 22.41 2.39 25.33
C PRO H 71 22.84 3.23 26.53
N VAL H 72 22.35 4.47 26.59
CA VAL H 72 22.68 5.39 27.68
C VAL H 72 21.38 5.92 28.29
N ILE H 73 21.35 5.97 29.63
CA ILE H 73 20.18 6.47 30.34
C ILE H 73 20.30 7.98 30.59
N THR H 74 19.82 8.78 29.64
CA THR H 74 19.86 10.25 29.74
C THR H 74 19.17 10.76 31.00
N ILE H 75 17.94 10.30 31.21
CA ILE H 75 17.12 10.68 32.37
C ILE H 75 16.64 9.39 33.03
N PRO H 76 17.12 9.10 34.25
CA PRO H 76 16.72 7.89 34.98
C PRO H 76 15.36 8.02 35.66
N ILE H 77 14.76 6.87 35.99
CA ILE H 77 13.45 6.86 36.65
C ILE H 77 13.64 7.11 38.15
N HIS H 78 13.03 8.18 38.66
CA HIS H 78 13.16 8.52 40.06
C HIS H 78 12.12 7.86 40.97
N GLY H 79 12.60 7.39 42.11
CA GLY H 79 11.74 6.72 43.09
C GLY H 79 11.81 5.23 42.88
N ASP H 80 10.88 4.50 43.48
CA ASP H 80 10.77 3.06 43.31
C ASP H 80 9.36 2.68 42.88
N LEU H 81 9.19 1.40 42.50
CA LEU H 81 7.89 1.00 42.00
C LEU H 81 7.38 -0.28 42.67
N LYS H 82 7.85 -0.51 43.92
CA LYS H 82 7.43 -1.72 44.62
C LYS H 82 5.91 -1.79 44.77
N ASP H 83 5.35 -2.93 44.33
CA ASP H 83 3.91 -3.19 44.51
C ASP H 83 3.03 -2.33 43.59
N LYS H 84 3.67 -1.36 42.91
CA LYS H 84 2.89 -0.49 42.03
C LYS H 84 2.66 -1.18 40.69
N ARG H 85 1.42 -1.04 40.18
CA ARG H 85 1.15 -1.48 38.82
C ARG H 85 1.62 -0.43 37.81
N VAL H 86 2.65 -0.73 37.03
CA VAL H 86 3.22 0.23 36.10
C VAL H 86 2.74 0.08 34.66
N VAL H 87 2.79 1.18 33.93
CA VAL H 87 2.43 1.21 32.51
C VAL H 87 3.47 2.06 31.80
N ILE H 88 4.16 1.45 30.85
CA ILE H 88 5.17 2.16 30.07
C ILE H 88 4.46 2.66 28.83
N VAL H 89 4.56 3.96 28.58
CA VAL H 89 3.92 4.56 27.43
C VAL H 89 4.97 5.03 26.42
N ASP H 90 4.69 4.78 25.15
CA ASP H 90 5.58 5.15 24.05
C ASP H 90 4.73 5.38 22.82
N ASP H 91 5.28 6.08 21.83
CA ASP H 91 4.52 6.32 20.61
C ASP H 91 4.49 5.09 19.72
N VAL H 92 5.61 4.39 19.60
CA VAL H 92 5.65 3.21 18.76
C VAL H 92 6.68 2.16 19.16
N SER H 93 6.31 0.89 19.02
CA SER H 93 7.21 -0.21 19.29
C SER H 93 7.70 -0.60 17.91
N ASP H 94 8.89 -0.15 17.56
CA ASP H 94 9.48 -0.43 16.24
C ASP H 94 10.32 -1.70 16.29
N THR H 95 11.49 -1.61 16.91
CA THR H 95 12.37 -2.76 17.02
C THR H 95 12.18 -3.34 18.42
N GLY H 96 11.79 -2.47 19.34
CA GLY H 96 11.58 -2.86 20.72
C GLY H 96 12.91 -2.78 21.45
N LYS H 97 13.84 -2.04 20.87
CA LYS H 97 15.17 -1.91 21.46
C LYS H 97 15.13 -1.01 22.70
N THR H 98 14.39 0.10 22.60
CA THR H 98 14.30 1.01 23.72
C THR H 98 13.42 0.41 24.81
N LEU H 99 12.24 -0.07 24.41
CA LEU H 99 11.29 -0.66 25.34
C LEU H 99 11.88 -1.78 26.16
N GLU H 100 12.79 -2.55 25.58
CA GLU H 100 13.39 -3.63 26.34
C GLU H 100 14.35 -3.11 27.39
N VAL H 101 14.94 -1.95 27.13
CA VAL H 101 15.85 -1.36 28.09
C VAL H 101 15.01 -0.81 29.24
N VAL H 102 13.87 -0.22 28.89
CA VAL H 102 12.96 0.35 29.88
C VAL H 102 12.39 -0.77 30.76
N ILE H 103 11.85 -1.81 30.12
CA ILE H 103 11.28 -2.93 30.87
C ILE H 103 12.23 -3.41 31.98
N GLU H 104 13.50 -3.62 31.64
CA GLU H 104 14.48 -4.09 32.61
C GLU H 104 14.72 -3.04 33.71
N GLU H 105 14.79 -1.78 33.29
CA GLU H 105 15.04 -0.65 34.19
C GLU H 105 13.91 -0.47 35.20
N VAL H 106 12.70 -0.85 34.81
CA VAL H 106 11.54 -0.76 35.69
C VAL H 106 11.61 -1.93 36.65
N LYS H 107 12.02 -3.09 36.12
CA LYS H 107 12.13 -4.30 36.94
C LYS H 107 13.15 -4.11 38.05
N LYS H 108 14.20 -3.31 37.79
CA LYS H 108 15.14 -3.03 38.86
C LYS H 108 14.46 -2.27 40.01
N LEU H 109 13.38 -1.56 39.65
CA LEU H 109 12.74 -0.72 40.65
C LEU H 109 11.69 -1.46 41.48
N GLY H 110 11.15 -2.56 40.91
CA GLY H 110 10.30 -3.45 41.70
C GLY H 110 8.82 -3.37 41.32
N ALA H 111 8.56 -3.06 40.04
CA ALA H 111 7.17 -3.01 39.59
C ALA H 111 6.44 -4.32 39.89
N LYS H 112 5.29 -4.18 40.60
CA LYS H 112 4.45 -5.36 40.83
C LYS H 112 4.05 -5.99 39.49
N GLU H 113 3.51 -5.12 38.63
CA GLU H 113 3.14 -5.56 37.28
C GLU H 113 3.46 -4.49 36.22
N ILE H 114 4.06 -4.94 35.11
CA ILE H 114 4.42 -4.03 34.03
C ILE H 114 3.57 -4.28 32.80
N LYS H 115 3.08 -3.19 32.22
CA LYS H 115 2.25 -3.27 31.03
C LYS H 115 2.75 -2.22 30.04
N ILE H 116 2.66 -2.51 28.74
CA ILE H 116 3.13 -1.56 27.74
C ILE H 116 2.02 -1.13 26.80
N ALA H 117 1.88 0.18 26.62
CA ALA H 117 0.89 0.73 25.72
C ALA H 117 1.58 1.64 24.73
N CYS H 118 1.24 1.51 23.46
CA CYS H 118 1.84 2.33 22.41
C CYS H 118 0.75 2.77 21.46
N LEU H 119 0.97 3.90 20.80
CA LEU H 119 0.01 4.39 19.82
C LEU H 119 0.12 3.47 18.60
N ALA H 120 1.35 3.11 18.27
CA ALA H 120 1.60 2.25 17.11
C ALA H 120 2.62 1.16 17.37
N MET H 121 2.65 0.20 16.47
CA MET H 121 3.56 -0.91 16.55
C MET H 121 3.90 -1.42 15.16
N LYS H 122 5.10 -1.93 15.00
CA LYS H 122 5.52 -2.48 13.72
C LYS H 122 5.61 -4.00 13.86
N PRO H 123 5.05 -4.74 12.89
CA PRO H 123 5.01 -6.20 12.85
C PRO H 123 6.29 -6.92 13.24
N TRP H 124 7.43 -6.32 12.92
CA TRP H 124 8.72 -6.93 13.22
C TRP H 124 9.32 -6.58 14.58
N THR H 125 8.54 -6.00 15.47
CA THR H 125 9.09 -5.63 16.77
C THR H 125 9.29 -6.83 17.70
N SER H 126 10.20 -6.67 18.65
CA SER H 126 10.48 -7.72 19.62
C SER H 126 9.67 -7.52 20.89
N VAL H 127 8.97 -6.39 20.97
CA VAL H 127 8.13 -6.10 22.13
C VAL H 127 6.74 -5.71 21.66
N VAL H 128 5.85 -6.70 21.56
CA VAL H 128 4.49 -6.44 21.14
C VAL H 128 3.81 -5.75 22.31
N PRO H 129 3.29 -4.53 22.08
CA PRO H 129 2.60 -3.77 23.13
C PRO H 129 1.38 -4.52 23.69
N ASP H 130 1.07 -4.30 24.96
CA ASP H 130 -0.09 -4.93 25.55
C ASP H 130 -1.31 -4.18 25.04
N TYR H 131 -1.09 -2.93 24.65
CA TYR H 131 -2.14 -2.08 24.09
C TYR H 131 -1.55 -1.21 22.98
N TYR H 132 -2.19 -1.22 21.82
CA TYR H 132 -1.74 -0.39 20.71
C TYR H 132 -2.91 -0.17 19.76
N VAL H 133 -2.84 0.90 18.98
CA VAL H 133 -3.90 1.22 18.03
C VAL H 133 -3.46 1.09 16.56
N PHE H 134 -2.38 1.78 16.19
CA PHE H 134 -1.95 1.76 14.82
C PHE H 134 -0.96 0.66 14.48
N ARG H 135 -1.16 0.03 13.33
CA ARG H 135 -0.24 -1.02 12.88
C ARG H 135 0.26 -0.74 11.45
N THR H 136 1.58 -0.67 11.31
CA THR H 136 2.18 -0.39 10.00
C THR H 136 3.69 -0.65 10.01
N GLU H 137 4.25 -0.73 8.81
CA GLU H 137 5.67 -0.94 8.63
C GLU H 137 6.25 0.35 8.05
N LYS H 138 5.38 1.19 7.49
CA LYS H 138 5.82 2.45 6.92
C LYS H 138 6.51 3.38 7.91
N TRP H 139 7.07 4.46 7.38
CA TRP H 139 7.76 5.48 8.15
C TRP H 139 6.65 6.29 8.82
N ILE H 140 6.65 6.37 10.14
CA ILE H 140 5.62 7.14 10.84
C ILE H 140 6.10 8.50 11.34
N VAL H 141 5.40 9.53 10.93
CA VAL H 141 5.71 10.88 11.37
C VAL H 141 4.60 11.32 12.34
N PHE H 142 4.96 11.35 13.62
CA PHE H 142 4.02 11.78 14.64
C PHE H 142 3.96 13.31 14.62
N PRO H 143 2.78 13.89 14.93
CA PRO H 143 2.51 15.33 14.96
C PRO H 143 3.57 16.20 15.64
N TRP H 144 4.24 15.66 16.64
CA TRP H 144 5.24 16.45 17.33
C TRP H 144 6.57 16.44 16.63
N GLU H 145 6.73 15.52 15.68
CA GLU H 145 7.97 15.39 14.91
C GLU H 145 7.95 16.36 13.73
N GLU H 146 9.13 16.64 13.21
CA GLU H 146 9.25 17.54 12.08
C GLU H 146 9.02 16.76 10.78
N PHE H 147 8.27 17.35 9.85
CA PHE H 147 8.01 16.73 8.55
C PHE H 147 9.34 16.74 7.77
N PRO H 148 9.90 15.55 7.48
CA PRO H 148 11.18 15.54 6.75
C PRO H 148 11.07 16.09 5.33
N VAL H 149 12.10 16.80 4.91
CA VAL H 149 12.14 17.33 3.55
C VAL H 149 13.22 16.57 2.81
N ILE H 150 12.94 16.16 1.59
CA ILE H 150 13.95 15.45 0.81
C ILE H 150 14.66 16.47 -0.07
N GLU H 151 15.99 16.53 0.03
CA GLU H 151 16.77 17.45 -0.79
C GLU H 151 17.65 16.62 -1.74
N LYS H 152 18.33 17.27 -2.67
CA LYS H 152 19.19 16.54 -3.62
C LYS H 152 20.61 16.16 -3.21
N GLU H 153 20.89 14.85 -3.33
CA GLU H 153 22.18 14.16 -3.03
C GLU H 153 22.05 12.97 -2.06
N MET I 1 -6.96 38.43 24.24
CA MET I 1 -7.09 38.01 22.81
C MET I 1 -8.18 38.76 22.07
N ASP I 2 -7.81 39.94 21.58
CA ASP I 2 -8.71 40.83 20.85
C ASP I 2 -8.68 40.58 19.35
N LYS I 3 -8.22 39.39 18.96
CA LYS I 3 -8.15 39.01 17.56
C LYS I 3 -9.06 37.83 17.33
N VAL I 4 -9.52 37.66 16.10
CA VAL I 4 -10.36 36.54 15.75
C VAL I 4 -9.54 35.55 14.94
N TYR I 5 -9.43 34.32 15.43
CA TYR I 5 -8.67 33.28 14.73
C TYR I 5 -9.60 32.30 14.01
N LEU I 6 -9.81 32.52 12.72
CA LEU I 6 -10.60 31.63 11.86
C LEU I 6 -9.90 30.28 11.68
N THR I 7 -10.65 29.19 11.60
CA THR I 7 -10.10 27.86 11.37
C THR I 7 -10.31 27.50 9.89
N TRP I 8 -9.60 26.46 9.44
CA TRP I 8 -9.76 26.00 8.07
C TRP I 8 -11.18 25.53 7.82
N TRP I 9 -11.79 24.89 8.83
CA TRP I 9 -13.16 24.41 8.69
C TRP I 9 -14.14 25.58 8.58
N GLN I 10 -13.87 26.67 9.29
CA GLN I 10 -14.73 27.86 9.17
C GLN I 10 -14.58 28.42 7.75
N VAL I 11 -13.33 28.52 7.29
CA VAL I 11 -13.06 29.03 5.95
C VAL I 11 -13.70 28.09 4.91
N ASP I 12 -13.47 26.78 5.04
CA ASP I 12 -14.07 25.86 4.07
C ASP I 12 -15.58 26.00 3.98
N ARG I 13 -16.25 26.12 5.13
CA ARG I 13 -17.70 26.27 5.11
C ARG I 13 -18.09 27.63 4.54
N ALA I 14 -17.32 28.66 4.87
CA ALA I 14 -17.60 29.99 4.35
C ALA I 14 -17.57 29.92 2.82
N ILE I 15 -16.48 29.32 2.30
CA ILE I 15 -16.28 29.17 0.86
C ILE I 15 -17.43 28.41 0.19
N PHE I 16 -17.84 27.30 0.80
CA PHE I 16 -18.93 26.49 0.26
C PHE I 16 -20.23 27.29 0.22
N ALA I 17 -20.48 28.06 1.29
CA ALA I 17 -21.67 28.88 1.38
C ALA I 17 -21.68 29.93 0.27
N LEU I 18 -20.57 30.66 0.14
CA LEU I 18 -20.43 31.68 -0.89
C LEU I 18 -20.63 31.06 -2.27
N ALA I 19 -20.01 29.91 -2.49
CA ALA I 19 -20.11 29.21 -3.77
C ALA I 19 -21.53 28.92 -4.25
N GLU I 20 -22.45 28.60 -3.34
CA GLU I 20 -23.82 28.31 -3.76
C GLU I 20 -24.52 29.58 -4.25
N LYS I 21 -24.14 30.71 -3.66
CA LYS I 21 -24.71 31.99 -4.04
C LYS I 21 -24.15 32.46 -5.39
N LEU I 22 -22.87 32.15 -5.63
CA LEU I 22 -22.20 32.53 -6.86
C LEU I 22 -22.67 31.71 -8.06
N ARG I 23 -23.30 30.57 -7.81
CA ARG I 23 -23.79 29.75 -8.91
C ARG I 23 -24.99 30.41 -9.55
N GLU I 24 -25.69 31.23 -8.78
CA GLU I 24 -26.87 31.93 -9.29
C GLU I 24 -26.39 33.01 -10.25
N TYR I 25 -25.24 33.58 -9.92
CA TYR I 25 -24.62 34.64 -10.71
C TYR I 25 -23.87 34.11 -11.94
N LYS I 26 -23.29 32.92 -11.82
CA LYS I 26 -22.56 32.29 -12.92
C LYS I 26 -21.37 33.10 -13.41
N PRO I 27 -20.31 33.18 -12.60
CA PRO I 27 -19.13 33.94 -12.99
C PRO I 27 -18.40 33.31 -14.20
N ASP I 28 -17.84 34.17 -15.04
CA ASP I 28 -17.09 33.72 -16.21
C ASP I 28 -15.63 33.60 -15.79
N VAL I 29 -15.19 34.54 -14.97
CA VAL I 29 -13.82 34.53 -14.49
C VAL I 29 -13.75 35.04 -13.03
N ILE I 30 -12.73 34.60 -12.32
CA ILE I 30 -12.52 34.97 -10.94
C ILE I 30 -11.25 35.79 -10.85
N ILE I 31 -11.25 36.76 -9.95
CA ILE I 31 -10.07 37.60 -9.79
C ILE I 31 -9.65 37.55 -8.34
N GLY I 32 -8.62 36.76 -8.06
CA GLY I 32 -8.15 36.63 -6.71
C GLY I 32 -7.25 37.78 -6.34
N VAL I 33 -7.51 38.40 -5.19
CA VAL I 33 -6.67 39.45 -4.64
C VAL I 33 -5.62 38.85 -3.70
N ALA I 34 -4.36 38.77 -4.19
CA ALA I 34 -3.30 38.36 -3.29
C ALA I 34 -3.34 39.22 -2.03
N ARG I 35 -2.86 38.62 -0.93
CA ARG I 35 -2.42 37.24 -1.01
C ARG I 35 -3.42 36.29 -0.37
N GLY I 36 -3.82 36.64 0.88
CA GLY I 36 -4.84 35.86 1.53
C GLY I 36 -6.03 35.61 0.60
N GLY I 37 -6.40 36.52 -0.29
CA GLY I 37 -7.51 36.27 -1.19
C GLY I 37 -7.36 35.13 -2.18
N LEU I 38 -6.16 34.59 -2.33
CA LEU I 38 -5.96 33.50 -3.28
C LEU I 38 -6.56 32.20 -2.77
N ILE I 39 -6.49 31.99 -1.46
CA ILE I 39 -7.07 30.81 -0.85
C ILE I 39 -8.51 30.65 -1.28
N PRO I 40 -9.35 31.66 -0.99
CA PRO I 40 -10.75 31.53 -1.42
C PRO I 40 -10.89 31.43 -2.94
N ALA I 41 -10.11 32.24 -3.66
CA ALA I 41 -10.16 32.28 -5.12
C ALA I 41 -9.82 30.95 -5.79
N VAL I 42 -8.76 30.30 -5.32
CA VAL I 42 -8.42 29.01 -5.87
C VAL I 42 -9.55 28.04 -5.57
N ARG I 43 -9.94 27.93 -4.30
CA ARG I 43 -11.03 27.04 -3.89
C ARG I 43 -12.28 27.29 -4.74
N LEU I 44 -12.69 28.55 -4.86
CA LEU I 44 -13.88 28.84 -5.67
C LEU I 44 -13.69 28.49 -7.15
N SER I 45 -12.47 28.68 -7.66
CA SER I 45 -12.16 28.37 -9.05
C SER I 45 -12.53 26.91 -9.33
N HIS I 46 -12.10 26.03 -8.43
CA HIS I 46 -12.37 24.61 -8.54
C HIS I 46 -13.84 24.24 -8.35
N ILE I 47 -14.44 24.74 -7.27
CA ILE I 47 -15.86 24.43 -6.99
C ILE I 47 -16.82 24.90 -8.06
N LEU I 48 -16.56 26.06 -8.64
CA LEU I 48 -17.46 26.61 -9.65
C LEU I 48 -17.22 26.07 -11.05
N GLY I 49 -16.71 24.84 -11.13
CA GLY I 49 -16.46 24.23 -12.43
C GLY I 49 -15.22 24.74 -13.14
N ASP I 50 -14.09 24.71 -12.43
CA ASP I 50 -12.80 25.15 -12.98
C ASP I 50 -12.86 26.36 -13.91
N ILE I 51 -13.42 27.47 -13.47
CA ILE I 51 -13.47 28.65 -14.33
C ILE I 51 -12.14 29.38 -14.22
N PRO I 52 -11.73 30.08 -15.29
CA PRO I 52 -10.48 30.83 -15.34
C PRO I 52 -10.17 31.77 -14.16
N LEU I 53 -8.98 31.60 -13.58
CA LEU I 53 -8.55 32.42 -12.45
C LEU I 53 -7.45 33.43 -12.84
N LYS I 54 -7.57 34.65 -12.32
CA LYS I 54 -6.58 35.71 -12.58
C LYS I 54 -6.14 36.29 -11.24
N VAL I 55 -4.84 36.53 -11.09
CA VAL I 55 -4.27 37.09 -9.87
C VAL I 55 -3.87 38.56 -10.00
N ILE I 56 -4.19 39.35 -8.99
CA ILE I 56 -3.82 40.76 -8.96
C ILE I 56 -3.20 40.97 -7.59
N ASP I 57 -2.24 41.88 -7.48
CA ASP I 57 -1.57 42.12 -6.20
C ASP I 57 -1.31 43.61 -6.05
N VAL I 58 -1.98 44.24 -5.08
CA VAL I 58 -1.80 45.67 -4.84
C VAL I 58 -1.03 45.90 -3.55
N LYS I 59 -0.15 46.90 -3.57
CA LYS I 59 0.66 47.22 -2.41
C LYS I 59 0.60 48.71 -2.10
N PHE I 60 0.77 49.07 -0.84
CA PHE I 60 0.74 50.47 -0.44
C PHE I 60 1.93 50.83 0.45
N TYR I 61 2.32 52.11 0.42
CA TYR I 61 3.41 52.61 1.25
C TYR I 61 2.94 53.82 2.05
N GLY I 68 1.35 60.53 0.88
CA GLY I 68 0.16 59.74 1.15
C GLY I 68 0.39 58.25 1.03
N GLU I 69 -0.66 57.50 0.72
CA GLU I 69 -0.56 56.05 0.56
C GLU I 69 -0.87 55.70 -0.89
N LYS I 70 0.20 55.60 -1.69
CA LYS I 70 0.10 55.30 -3.11
C LYS I 70 0.02 53.79 -3.41
N PRO I 71 -0.93 53.39 -4.27
CA PRO I 71 -1.13 51.99 -4.66
C PRO I 71 -0.13 51.49 -5.72
N VAL I 72 0.54 50.39 -5.42
CA VAL I 72 1.52 49.77 -6.33
C VAL I 72 1.12 48.37 -6.77
N ILE I 73 0.67 48.24 -8.01
CA ILE I 73 0.26 46.95 -8.56
C ILE I 73 1.43 46.00 -8.85
N THR I 74 1.73 45.13 -7.88
CA THR I 74 2.80 44.15 -7.94
C THR I 74 2.56 43.00 -8.92
N ILE I 75 1.29 42.74 -9.24
CA ILE I 75 0.94 41.66 -10.18
C ILE I 75 -0.29 42.10 -10.95
N PRO I 76 -0.10 42.54 -12.19
CA PRO I 76 -1.21 42.98 -13.02
C PRO I 76 -2.03 41.86 -13.61
N ILE I 77 -3.10 42.25 -14.29
CA ILE I 77 -3.98 41.32 -14.96
C ILE I 77 -4.15 41.87 -16.36
N HIS I 78 -4.41 40.97 -17.32
CA HIS I 78 -4.59 41.39 -18.70
C HIS I 78 -5.68 40.56 -19.36
N GLY I 79 -6.17 41.06 -20.49
CA GLY I 79 -7.21 40.36 -21.22
C GLY I 79 -8.44 41.22 -21.17
N ASP I 80 -9.35 41.05 -22.12
CA ASP I 80 -10.55 41.87 -22.06
C ASP I 80 -11.67 41.08 -21.39
N LEU I 81 -12.26 41.70 -20.38
CA LEU I 81 -13.34 41.09 -19.65
C LEU I 81 -14.63 41.63 -20.23
N LYS I 82 -14.62 41.84 -21.53
CA LYS I 82 -15.76 42.35 -22.27
C LYS I 82 -16.77 41.21 -22.37
N ASP I 83 -18.03 41.50 -22.05
CA ASP I 83 -19.11 40.50 -22.09
C ASP I 83 -18.89 39.34 -21.13
N LYS I 84 -18.14 39.60 -20.05
CA LYS I 84 -17.85 38.57 -19.06
C LYS I 84 -18.23 39.02 -17.64
N ARG I 85 -19.00 38.20 -16.94
CA ARG I 85 -19.39 38.50 -15.56
C ARG I 85 -18.21 38.14 -14.67
N VAL I 86 -17.63 39.14 -14.03
CA VAL I 86 -16.48 38.94 -13.18
C VAL I 86 -16.83 38.95 -11.70
N VAL I 87 -16.03 38.25 -10.91
CA VAL I 87 -16.21 38.24 -9.48
C VAL I 87 -14.84 38.38 -8.85
N ILE I 88 -14.69 39.40 -8.02
CA ILE I 88 -13.42 39.62 -7.34
C ILE I 88 -13.57 38.92 -5.99
N VAL I 89 -12.56 38.18 -5.59
CA VAL I 89 -12.59 37.43 -4.35
C VAL I 89 -11.44 37.86 -3.47
N ASP I 90 -11.73 38.19 -2.21
CA ASP I 90 -10.70 38.61 -1.28
C ASP I 90 -10.97 37.90 0.04
N ASP I 91 -10.05 38.00 0.99
CA ASP I 91 -10.27 37.38 2.28
C ASP I 91 -11.17 38.29 3.14
N VAL I 92 -10.74 39.53 3.33
CA VAL I 92 -11.50 40.49 4.13
C VAL I 92 -11.52 41.89 3.52
N SER I 93 -12.70 42.52 3.54
CA SER I 93 -12.84 43.88 3.04
C SER I 93 -12.80 44.80 4.26
N ASP I 94 -11.62 45.25 4.63
CA ASP I 94 -11.48 46.11 5.79
C ASP I 94 -11.81 47.57 5.46
N THR I 95 -10.85 48.32 4.95
CA THR I 95 -11.09 49.73 4.60
C THR I 95 -11.74 49.87 3.22
N GLY I 96 -11.43 48.95 2.31
CA GLY I 96 -11.97 49.00 0.95
C GLY I 96 -10.92 49.53 -0.02
N LYS I 97 -9.82 49.96 0.57
CA LYS I 97 -8.66 50.53 -0.13
C LYS I 97 -8.21 49.69 -1.33
N THR I 98 -7.78 48.45 -1.07
CA THR I 98 -7.32 47.57 -2.14
C THR I 98 -8.43 47.26 -3.13
N LEU I 99 -9.62 46.94 -2.64
CA LEU I 99 -10.71 46.60 -3.54
C LEU I 99 -11.12 47.71 -4.50
N GLU I 100 -10.84 48.96 -4.14
CA GLU I 100 -11.19 50.06 -5.03
C GLU I 100 -10.23 50.05 -6.20
N VAL I 101 -8.95 49.81 -5.90
CA VAL I 101 -7.93 49.73 -6.94
C VAL I 101 -8.29 48.59 -7.90
N VAL I 102 -8.51 47.41 -7.34
CA VAL I 102 -8.85 46.24 -8.14
C VAL I 102 -10.08 46.46 -9.03
N ILE I 103 -11.11 47.11 -8.50
CA ILE I 103 -12.29 47.35 -9.30
C ILE I 103 -11.91 48.25 -10.49
N GLU I 104 -10.96 49.15 -10.24
CA GLU I 104 -10.50 50.05 -11.28
C GLU I 104 -9.89 49.25 -12.42
N GLU I 105 -8.95 48.37 -12.07
CA GLU I 105 -8.26 47.51 -13.03
C GLU I 105 -9.19 46.63 -13.84
N VAL I 106 -10.31 46.22 -13.26
CA VAL I 106 -11.26 45.35 -13.94
C VAL I 106 -12.15 46.13 -14.91
N LYS I 107 -12.41 47.39 -14.59
CA LYS I 107 -13.24 48.22 -15.46
C LYS I 107 -12.46 48.59 -16.71
N LYS I 108 -11.15 48.85 -16.53
CA LYS I 108 -10.24 49.19 -17.62
C LYS I 108 -10.20 48.08 -18.66
N LEU I 109 -10.70 46.91 -18.30
CA LEU I 109 -10.72 45.77 -19.20
C LEU I 109 -12.14 45.53 -19.70
N GLY I 110 -13.00 46.53 -19.51
CA GLY I 110 -14.37 46.46 -19.96
C GLY I 110 -15.22 45.33 -19.37
N ALA I 111 -15.16 45.16 -18.06
CA ALA I 111 -15.94 44.11 -17.40
C ALA I 111 -17.44 44.38 -17.53
N LYS I 112 -18.17 43.38 -18.01
CA LYS I 112 -19.62 43.46 -18.20
C LYS I 112 -20.31 43.71 -16.86
N GLU I 113 -20.16 42.79 -15.92
CA GLU I 113 -20.76 42.90 -14.60
C GLU I 113 -19.68 42.58 -13.58
N ILE I 114 -19.69 43.28 -12.44
CA ILE I 114 -18.70 43.04 -11.39
C ILE I 114 -19.36 42.81 -10.03
N LYS I 115 -19.03 41.67 -9.44
CA LYS I 115 -19.55 41.29 -8.14
C LYS I 115 -18.34 41.07 -7.24
N ILE I 116 -18.49 41.36 -5.95
CA ILE I 116 -17.38 41.17 -5.02
C ILE I 116 -17.76 40.14 -3.94
N ALA I 117 -16.83 39.23 -3.65
CA ALA I 117 -17.07 38.20 -2.66
C ALA I 117 -15.90 38.05 -1.72
N CYS I 118 -16.16 38.20 -0.42
CA CYS I 118 -15.13 38.08 0.60
C CYS I 118 -15.57 37.13 1.70
N LEU I 119 -14.60 36.63 2.46
CA LEU I 119 -14.92 35.72 3.55
C LEU I 119 -15.49 36.61 4.66
N ALA I 120 -14.79 37.69 4.94
CA ALA I 120 -15.20 38.62 5.97
C ALA I 120 -15.18 40.06 5.45
N MET I 121 -15.62 40.97 6.31
CA MET I 121 -15.65 42.40 6.02
C MET I 121 -15.75 43.11 7.37
N LYS I 122 -15.45 44.41 7.37
CA LYS I 122 -15.51 45.21 8.58
C LYS I 122 -16.51 46.35 8.35
N PRO I 123 -17.21 46.76 9.42
CA PRO I 123 -18.24 47.82 9.44
C PRO I 123 -17.94 49.12 8.68
N TRP I 124 -16.71 49.60 8.83
CA TRP I 124 -16.28 50.85 8.21
C TRP I 124 -15.78 50.78 6.76
N THR I 125 -15.78 49.60 6.16
CA THR I 125 -15.29 49.48 4.80
C THR I 125 -15.99 50.40 3.81
N SER I 126 -15.22 50.90 2.86
CA SER I 126 -15.75 51.78 1.83
C SER I 126 -16.35 50.92 0.72
N VAL I 127 -16.05 49.62 0.77
CA VAL I 127 -16.55 48.68 -0.22
C VAL I 127 -17.20 47.49 0.48
N VAL I 128 -18.52 47.43 0.42
CA VAL I 128 -19.26 46.35 1.04
C VAL I 128 -19.44 45.21 0.06
N PRO I 129 -18.86 44.04 0.38
CA PRO I 129 -18.94 42.85 -0.47
C PRO I 129 -20.38 42.55 -0.91
N ASP I 130 -20.54 42.00 -2.10
CA ASP I 130 -21.86 41.63 -2.58
C ASP I 130 -22.24 40.30 -1.90
N TYR I 131 -21.21 39.61 -1.39
CA TYR I 131 -21.37 38.34 -0.69
C TYR I 131 -20.25 38.18 0.31
N TYR I 132 -20.59 38.00 1.58
CA TYR I 132 -19.59 37.78 2.61
C TYR I 132 -20.20 36.89 3.67
N VAL I 133 -19.40 36.44 4.63
CA VAL I 133 -19.91 35.56 5.66
C VAL I 133 -19.73 36.09 7.08
N PHE I 134 -18.52 36.53 7.40
CA PHE I 134 -18.22 37.06 8.73
C PHE I 134 -18.16 38.58 8.79
N ARG I 135 -18.51 39.13 9.96
CA ARG I 135 -18.47 40.57 10.21
C ARG I 135 -17.76 40.75 11.53
N THR I 136 -16.86 41.71 11.61
CA THR I 136 -16.11 41.95 12.83
C THR I 136 -15.36 43.28 12.81
N GLU I 137 -14.90 43.72 13.97
CA GLU I 137 -14.16 44.98 14.08
C GLU I 137 -12.78 44.63 14.58
N LYS I 138 -12.57 43.35 14.85
CA LYS I 138 -11.29 42.88 15.34
C LYS I 138 -10.40 42.47 14.18
N TRP I 139 -9.11 42.32 14.45
CA TRP I 139 -8.17 41.88 13.43
C TRP I 139 -8.34 40.38 13.28
N ILE I 140 -8.64 39.94 12.06
CA ILE I 140 -8.84 38.52 11.75
C ILE I 140 -7.50 37.83 11.44
N VAL I 141 -7.21 36.74 12.13
CA VAL I 141 -6.00 35.95 11.87
C VAL I 141 -6.48 34.73 11.11
N PHE I 142 -6.15 34.65 9.82
CA PHE I 142 -6.59 33.50 9.01
C PHE I 142 -5.78 32.22 9.24
N PRO I 143 -6.37 31.07 8.89
CA PRO I 143 -5.76 29.74 9.03
C PRO I 143 -4.36 29.64 8.40
N TRP I 144 -4.15 30.40 7.32
CA TRP I 144 -2.87 30.38 6.62
C TRP I 144 -1.83 31.42 7.04
N GLU I 145 -2.12 32.21 8.07
CA GLU I 145 -1.17 33.23 8.51
C GLU I 145 -0.38 32.82 9.75
N GLU I 146 0.79 33.40 9.90
CA GLU I 146 1.64 33.10 11.04
C GLU I 146 1.33 34.06 12.19
N PHE I 147 1.90 33.81 13.36
CA PHE I 147 1.64 34.65 14.52
C PHE I 147 2.83 35.47 14.97
N PRO I 148 2.58 36.66 15.53
CA PRO I 148 3.69 37.49 16.00
C PRO I 148 4.10 37.01 17.38
N VAL I 149 5.37 37.14 17.73
CA VAL I 149 5.80 36.76 19.05
C VAL I 149 6.02 38.05 19.79
N ILE I 150 5.74 38.03 21.09
CA ILE I 150 5.92 39.21 21.92
C ILE I 150 7.17 39.00 22.75
N GLU I 151 8.07 39.97 22.70
CA GLU I 151 9.32 39.88 23.43
C GLU I 151 9.43 41.02 24.44
N LYS I 152 10.55 41.09 25.14
CA LYS I 152 10.77 42.15 26.11
C LYS I 152 11.60 43.30 25.55
N MET J 1 -6.02 3.89 0.37
CA MET J 1 -7.22 3.98 -0.51
C MET J 1 -6.81 4.29 -1.95
N ASP J 2 -7.78 4.54 -2.80
CA ASP J 2 -7.48 4.85 -4.20
C ASP J 2 -6.80 6.22 -4.32
N LYS J 3 -7.25 7.19 -3.53
CA LYS J 3 -6.66 8.52 -3.59
C LYS J 3 -6.14 8.91 -2.23
N VAL J 4 -5.30 9.95 -2.19
CA VAL J 4 -4.79 10.45 -0.92
C VAL J 4 -5.46 11.81 -0.75
N TYR J 5 -6.00 12.09 0.43
CA TYR J 5 -6.68 13.35 0.67
C TYR J 5 -5.94 14.10 1.75
N LEU J 6 -4.97 14.91 1.33
CA LEU J 6 -4.17 15.68 2.28
C LEU J 6 -5.05 16.71 3.00
N THR J 7 -4.83 16.85 4.30
CA THR J 7 -5.61 17.81 5.09
C THR J 7 -4.87 19.14 5.11
N TRP J 8 -5.61 20.21 5.38
CA TRP J 8 -5.01 21.53 5.44
C TRP J 8 -3.82 21.51 6.39
N TRP J 9 -3.96 20.82 7.51
CA TRP J 9 -2.90 20.76 8.49
C TRP J 9 -1.64 20.05 7.99
N GLN J 10 -1.81 19.00 7.18
CA GLN J 10 -0.67 18.25 6.65
C GLN J 10 0.08 19.09 5.63
N VAL J 11 -0.68 19.79 4.80
CA VAL J 11 -0.09 20.65 3.82
C VAL J 11 0.65 21.79 4.55
N ASP J 12 0.00 22.37 5.56
CA ASP J 12 0.61 23.47 6.31
C ASP J 12 1.87 23.07 7.02
N ARG J 13 1.97 21.83 7.46
CA ARG J 13 3.19 21.40 8.12
C ARG J 13 4.28 21.14 7.08
N ALA J 14 3.88 20.78 5.86
CA ALA J 14 4.82 20.51 4.78
C ALA J 14 5.44 21.86 4.43
N ILE J 15 4.58 22.84 4.21
CA ILE J 15 4.98 24.20 3.89
C ILE J 15 5.92 24.77 4.96
N PHE J 16 5.67 24.47 6.22
CA PHE J 16 6.53 24.98 7.28
C PHE J 16 7.89 24.32 7.23
N ALA J 17 7.90 23.02 6.92
CA ALA J 17 9.14 22.26 6.82
C ALA J 17 9.95 22.74 5.60
N LEU J 18 9.26 22.92 4.49
CA LEU J 18 9.87 23.39 3.27
C LEU J 18 10.53 24.76 3.47
N ALA J 19 9.80 25.66 4.14
CA ALA J 19 10.30 27.00 4.41
C ALA J 19 11.61 26.98 5.18
N GLU J 20 11.75 26.04 6.12
CA GLU J 20 12.97 25.96 6.90
C GLU J 20 14.18 25.67 6.03
N LYS J 21 14.00 24.80 5.03
CA LYS J 21 15.11 24.46 4.14
C LYS J 21 15.37 25.61 3.17
N LEU J 22 14.31 26.20 2.65
CA LEU J 22 14.44 27.32 1.71
C LEU J 22 15.13 28.52 2.34
N ARG J 23 15.19 28.55 3.66
CA ARG J 23 15.82 29.64 4.39
C ARG J 23 17.30 29.69 4.08
N GLU J 24 17.89 28.51 3.89
CA GLU J 24 19.31 28.37 3.61
C GLU J 24 19.69 28.74 2.16
N TYR J 25 18.69 28.84 1.30
CA TYR J 25 18.90 29.17 -0.10
C TYR J 25 18.77 30.67 -0.40
N LYS J 26 18.27 31.42 0.56
CA LYS J 26 18.08 32.87 0.42
C LYS J 26 17.49 33.29 -0.93
N PRO J 27 16.21 32.97 -1.17
CA PRO J 27 15.54 33.33 -2.41
C PRO J 27 15.35 34.84 -2.53
N ASP J 28 15.19 35.30 -3.77
CA ASP J 28 14.96 36.71 -4.06
C ASP J 28 13.56 36.85 -4.60
N VAL J 29 13.07 35.78 -5.22
CA VAL J 29 11.74 35.78 -5.83
C VAL J 29 11.11 34.41 -5.69
N ILE J 30 9.78 34.38 -5.71
CA ILE J 30 9.02 33.15 -5.62
C ILE J 30 8.05 33.10 -6.78
N ILE J 31 8.10 32.03 -7.56
CA ILE J 31 7.17 31.90 -8.66
C ILE J 31 6.15 30.79 -8.39
N GLY J 32 4.91 31.23 -8.17
CA GLY J 32 3.86 30.27 -7.86
C GLY J 32 3.11 29.86 -9.11
N VAL J 33 3.12 28.54 -9.37
CA VAL J 33 2.44 28.01 -10.54
C VAL J 33 0.94 27.84 -10.26
N ALA J 34 0.12 28.42 -11.15
CA ALA J 34 -1.33 28.32 -10.98
C ALA J 34 -1.86 26.95 -11.39
N ARG J 35 -2.92 26.47 -10.70
CA ARG J 35 -3.39 27.17 -9.51
C ARG J 35 -2.78 26.55 -8.25
N GLY J 36 -2.25 25.32 -8.45
CA GLY J 36 -1.87 24.46 -7.34
C GLY J 36 -0.80 25.06 -6.41
N GLY J 37 0.10 25.88 -6.99
CA GLY J 37 1.24 26.36 -6.19
C GLY J 37 0.96 27.69 -5.52
N LEU J 38 -0.18 28.31 -5.88
CA LEU J 38 -0.45 29.65 -5.38
C LEU J 38 -0.50 29.71 -3.85
N ILE J 39 -1.35 28.87 -3.26
CA ILE J 39 -1.49 28.81 -1.81
C ILE J 39 -0.15 28.53 -1.12
N PRO J 40 0.62 27.53 -1.59
CA PRO J 40 1.89 27.31 -0.90
C PRO J 40 2.89 28.47 -1.14
N ALA J 41 2.78 29.12 -2.30
CA ALA J 41 3.65 30.25 -2.65
C ALA J 41 3.34 31.44 -1.74
N VAL J 42 2.06 31.73 -1.59
CA VAL J 42 1.63 32.83 -0.72
C VAL J 42 2.25 32.64 0.66
N ARG J 43 2.00 31.50 1.28
CA ARG J 43 2.54 31.26 2.61
C ARG J 43 4.06 31.29 2.66
N LEU J 44 4.73 30.64 1.70
CA LEU J 44 6.19 30.61 1.69
C LEU J 44 6.71 32.04 1.55
N SER J 45 6.03 32.81 0.72
CA SER J 45 6.40 34.18 0.51
C SER J 45 6.54 34.91 1.83
N HIS J 46 5.48 34.85 2.64
CA HIS J 46 5.47 35.53 3.92
C HIS J 46 6.49 35.02 4.91
N ILE J 47 6.51 33.71 5.10
CA ILE J 47 7.44 33.07 6.03
C ILE J 47 8.91 33.38 5.78
N LEU J 48 9.28 33.47 4.51
CA LEU J 48 10.67 33.74 4.15
C LEU J 48 11.06 35.21 4.22
N GLY J 49 10.14 36.07 4.63
CA GLY J 49 10.45 37.49 4.74
C GLY J 49 9.75 38.40 3.75
N ASP J 50 8.57 38.01 3.31
CA ASP J 50 7.82 38.81 2.35
C ASP J 50 8.64 39.08 1.09
N ILE J 51 9.30 38.04 0.60
CA ILE J 51 10.08 38.18 -0.61
C ILE J 51 9.06 38.24 -1.74
N PRO J 52 9.31 39.07 -2.76
CA PRO J 52 8.41 39.24 -3.91
C PRO J 52 7.80 37.96 -4.48
N LEU J 53 6.61 38.09 -5.04
CA LEU J 53 5.90 36.96 -5.59
C LEU J 53 5.43 37.15 -7.03
N LYS J 54 5.87 36.25 -7.92
CA LYS J 54 5.46 36.27 -9.31
C LYS J 54 4.53 35.08 -9.51
N VAL J 55 3.65 35.16 -10.50
CA VAL J 55 2.71 34.10 -10.78
C VAL J 55 2.80 33.66 -12.25
N ILE J 56 2.67 32.36 -12.51
CA ILE J 56 2.61 31.84 -13.87
C ILE J 56 1.59 30.71 -14.01
N ASP J 57 0.77 30.83 -15.06
CA ASP J 57 -0.25 29.82 -15.30
C ASP J 57 -0.08 29.15 -16.66
N VAL J 58 0.31 27.87 -16.61
CA VAL J 58 0.53 27.13 -17.85
C VAL J 58 -0.57 26.09 -18.10
N LYS J 59 -1.25 26.23 -19.24
CA LYS J 59 -2.34 25.33 -19.64
C LYS J 59 -1.95 24.47 -20.86
N PHE J 60 -2.64 23.35 -21.05
CA PHE J 60 -2.39 22.48 -22.20
C PHE J 60 -3.69 22.25 -22.97
N TYR J 61 -3.72 22.63 -24.24
CA TYR J 61 -4.92 22.44 -25.07
C TYR J 61 -4.71 21.34 -26.10
N ARG J 67 -3.00 20.01 -34.53
CA ARG J 67 -3.00 18.60 -34.15
C ARG J 67 -2.02 18.35 -32.99
N GLY J 68 -2.45 17.57 -32.01
CA GLY J 68 -1.60 17.27 -30.88
C GLY J 68 -1.85 18.15 -29.65
N GLU J 69 -1.08 17.92 -28.59
CA GLU J 69 -1.19 18.67 -27.35
C GLU J 69 -0.11 19.75 -27.34
N LYS J 70 -0.47 20.97 -26.95
CA LYS J 70 0.49 22.07 -26.92
C LYS J 70 0.35 23.00 -25.72
N PRO J 71 1.45 23.27 -25.01
CA PRO J 71 1.43 24.15 -23.84
C PRO J 71 1.13 25.61 -24.18
N VAL J 72 0.31 26.24 -23.35
CA VAL J 72 -0.08 27.64 -23.54
C VAL J 72 0.04 28.40 -22.22
N ILE J 73 0.75 29.52 -22.24
CA ILE J 73 0.92 30.30 -21.04
C ILE J 73 -0.18 31.34 -20.87
N THR J 74 -1.18 31.00 -20.06
CA THR J 74 -2.31 31.89 -19.80
C THR J 74 -1.89 33.12 -19.00
N ILE J 75 -0.95 32.95 -18.07
CA ILE J 75 -0.46 34.05 -17.26
C ILE J 75 1.06 34.02 -17.27
N PRO J 76 1.69 35.01 -17.93
CA PRO J 76 3.15 35.12 -18.02
C PRO J 76 3.71 35.77 -16.77
N ILE J 77 4.97 35.49 -16.47
CA ILE J 77 5.62 36.09 -15.32
C ILE J 77 5.84 37.57 -15.65
N HIS J 78 5.59 38.44 -14.67
CA HIS J 78 5.77 39.87 -14.91
C HIS J 78 7.10 40.36 -14.35
N GLY J 79 7.79 41.15 -15.15
CA GLY J 79 9.10 41.69 -14.75
C GLY J 79 10.20 40.78 -15.29
N ASP J 80 11.41 40.96 -14.79
CA ASP J 80 12.52 40.10 -15.23
C ASP J 80 13.16 39.53 -13.96
N LEU J 81 13.96 38.47 -14.14
CA LEU J 81 14.60 37.81 -13.01
C LEU J 81 16.11 37.79 -13.13
N LYS J 82 16.67 38.75 -13.85
CA LYS J 82 18.12 38.81 -14.04
C LYS J 82 18.91 38.84 -12.73
N ASP J 83 19.84 37.90 -12.58
CA ASP J 83 20.68 37.82 -11.40
C ASP J 83 19.98 37.32 -10.13
N LYS J 84 18.67 37.13 -10.22
CA LYS J 84 17.87 36.68 -9.09
C LYS J 84 17.99 35.19 -8.77
N ARG J 85 17.91 34.84 -7.48
CA ARG J 85 17.93 33.44 -7.07
C ARG J 85 16.44 33.11 -6.97
N VAL J 86 15.93 32.39 -7.95
CA VAL J 86 14.52 32.06 -8.00
C VAL J 86 14.11 30.73 -7.39
N VAL J 87 12.87 30.67 -6.92
CA VAL J 87 12.29 29.47 -6.35
C VAL J 87 10.93 29.26 -6.99
N ILE J 88 10.79 28.17 -7.72
CA ILE J 88 9.51 27.84 -8.36
C ILE J 88 8.73 26.94 -7.39
N VAL J 89 7.53 27.38 -7.02
CA VAL J 89 6.69 26.64 -6.08
C VAL J 89 5.45 26.05 -6.73
N ASP J 90 5.25 24.77 -6.46
CA ASP J 90 4.08 24.08 -7.02
C ASP J 90 3.64 22.97 -6.05
N ASP J 91 2.41 22.49 -6.21
CA ASP J 91 1.90 21.44 -5.33
C ASP J 91 2.54 20.09 -5.57
N VAL J 92 2.49 19.60 -6.80
CA VAL J 92 3.08 18.31 -7.12
C VAL J 92 3.86 18.26 -8.44
N SER J 93 4.96 17.53 -8.41
CA SER J 93 5.75 17.33 -9.62
C SER J 93 5.34 15.93 -10.05
N ASP J 94 4.37 15.87 -10.97
CA ASP J 94 3.83 14.60 -11.44
C ASP J 94 4.62 14.00 -12.62
N THR J 95 4.26 14.37 -13.85
CA THR J 95 4.97 13.88 -15.02
C THR J 95 6.21 14.78 -15.15
N GLY J 96 5.98 16.07 -14.92
CA GLY J 96 7.06 17.04 -14.99
C GLY J 96 6.91 18.00 -16.16
N LYS J 97 5.94 17.74 -17.03
CA LYS J 97 5.79 18.60 -18.19
C LYS J 97 5.42 20.05 -17.93
N THR J 98 4.71 20.33 -16.84
CA THR J 98 4.36 21.72 -16.55
C THR J 98 5.58 22.43 -15.99
N LEU J 99 6.29 21.76 -15.08
CA LEU J 99 7.47 22.34 -14.49
C LEU J 99 8.58 22.60 -15.52
N GLU J 100 8.61 21.80 -16.58
CA GLU J 100 9.64 21.98 -17.60
C GLU J 100 9.40 23.28 -18.35
N VAL J 101 8.16 23.54 -18.72
CA VAL J 101 7.84 24.77 -19.41
C VAL J 101 8.18 25.99 -18.56
N VAL J 102 7.90 25.90 -17.26
CA VAL J 102 8.16 27.00 -16.33
C VAL J 102 9.66 27.26 -16.13
N ILE J 103 10.45 26.19 -16.13
CA ILE J 103 11.90 26.35 -15.96
C ILE J 103 12.47 27.09 -17.17
N GLU J 104 11.90 26.81 -18.34
CA GLU J 104 12.34 27.44 -19.58
C GLU J 104 11.96 28.92 -19.56
N GLU J 105 10.74 29.20 -19.11
CA GLU J 105 10.23 30.56 -19.04
C GLU J 105 11.03 31.42 -18.04
N VAL J 106 11.47 30.81 -16.95
CA VAL J 106 12.25 31.51 -15.93
C VAL J 106 13.65 31.82 -16.46
N LYS J 107 14.18 30.91 -17.28
CA LYS J 107 15.51 31.10 -17.85
C LYS J 107 15.47 32.21 -18.90
N LYS J 108 14.37 32.28 -19.65
CA LYS J 108 14.21 33.31 -20.67
C LYS J 108 14.33 34.70 -20.04
N LEU J 109 14.08 34.79 -18.74
CA LEU J 109 14.16 36.07 -18.06
C LEU J 109 15.52 36.23 -17.38
N GLY J 110 16.44 35.34 -17.74
CA GLY J 110 17.78 35.41 -17.20
C GLY J 110 17.98 35.17 -15.72
N ALA J 111 17.27 34.20 -15.16
CA ALA J 111 17.42 33.89 -13.75
C ALA J 111 18.79 33.28 -13.50
N LYS J 112 19.45 33.70 -12.43
CA LYS J 112 20.77 33.16 -12.12
C LYS J 112 20.62 31.73 -11.61
N GLU J 113 20.11 31.60 -10.40
CA GLU J 113 19.89 30.30 -9.79
C GLU J 113 18.40 29.99 -9.80
N ILE J 114 18.05 28.72 -9.96
CA ILE J 114 16.68 28.29 -9.99
C ILE J 114 16.57 27.07 -9.09
N LYS J 115 15.49 26.99 -8.34
CA LYS J 115 15.27 25.90 -7.44
C LYS J 115 13.80 25.57 -7.51
N ILE J 116 13.45 24.30 -7.37
CA ILE J 116 12.06 23.91 -7.41
C ILE J 116 11.61 23.29 -6.09
N ALA J 117 10.59 23.91 -5.48
CA ALA J 117 10.05 23.42 -4.22
C ALA J 117 8.63 22.94 -4.45
N CYS J 118 8.37 21.71 -4.04
CA CYS J 118 7.06 21.12 -4.19
C CYS J 118 6.62 20.45 -2.89
N LEU J 119 5.31 20.30 -2.73
CA LEU J 119 4.81 19.63 -1.55
C LEU J 119 5.05 18.13 -1.80
N ALA J 120 4.55 17.68 -2.94
CA ALA J 120 4.65 16.29 -3.33
C ALA J 120 5.36 16.05 -4.65
N MET J 121 5.72 14.80 -4.86
CA MET J 121 6.39 14.39 -6.07
C MET J 121 6.14 12.92 -6.35
N LYS J 122 5.85 12.60 -7.61
CA LYS J 122 5.64 11.21 -8.02
C LYS J 122 6.97 10.68 -8.60
N PRO J 123 7.40 9.47 -8.20
CA PRO J 123 8.65 8.80 -8.62
C PRO J 123 9.01 8.78 -10.12
N TRP J 124 8.02 8.89 -10.99
CA TRP J 124 8.28 8.86 -12.42
C TRP J 124 8.37 10.23 -13.09
N THR J 125 8.43 11.28 -12.28
CA THR J 125 8.51 12.64 -12.80
C THR J 125 9.85 12.91 -13.51
N SER J 126 9.81 13.79 -14.50
CA SER J 126 11.02 14.16 -15.22
C SER J 126 11.67 15.36 -14.55
N VAL J 127 11.00 15.93 -13.55
CA VAL J 127 11.55 17.07 -12.83
C VAL J 127 11.52 16.85 -11.31
N VAL J 128 12.55 16.18 -10.80
CA VAL J 128 12.66 15.91 -9.39
C VAL J 128 12.90 17.22 -8.67
N PRO J 129 12.01 17.59 -7.72
CA PRO J 129 12.14 18.84 -6.97
C PRO J 129 13.42 18.92 -6.16
N ASP J 130 13.88 20.14 -5.90
CA ASP J 130 15.08 20.34 -5.09
C ASP J 130 14.68 20.14 -3.63
N TYR J 131 13.40 20.38 -3.38
CA TYR J 131 12.81 20.21 -2.05
C TYR J 131 11.37 19.74 -2.20
N TYR J 132 11.03 18.67 -1.49
CA TYR J 132 9.66 18.14 -1.47
C TYR J 132 9.44 17.35 -0.18
N VAL J 133 8.19 17.08 0.13
CA VAL J 133 7.87 16.35 1.35
C VAL J 133 7.20 15.00 1.09
N PHE J 134 6.07 15.03 0.38
CA PHE J 134 5.31 13.83 0.07
C PHE J 134 5.76 13.13 -1.21
N ARG J 135 5.80 11.80 -1.15
CA ARG J 135 6.20 10.97 -2.26
C ARG J 135 5.18 9.86 -2.42
N THR J 136 4.59 9.74 -3.61
CA THR J 136 3.59 8.72 -3.86
C THR J 136 3.21 8.67 -5.33
N GLU J 137 2.67 7.54 -5.75
CA GLU J 137 2.24 7.34 -7.13
C GLU J 137 0.72 7.48 -7.23
N LYS J 138 0.07 7.51 -6.08
CA LYS J 138 -1.37 7.62 -6.04
C LYS J 138 -1.89 8.99 -6.44
N TRP J 139 -3.16 9.01 -6.79
CA TRP J 139 -3.90 10.20 -7.16
C TRP J 139 -3.95 11.10 -5.91
N ILE J 140 -3.36 12.29 -5.98
CA ILE J 140 -3.35 13.20 -4.84
C ILE J 140 -4.37 14.31 -4.92
N VAL J 141 -5.27 14.35 -3.94
CA VAL J 141 -6.29 15.39 -3.88
C VAL J 141 -5.78 16.36 -2.80
N PHE J 142 -5.57 17.61 -3.20
CA PHE J 142 -5.09 18.64 -2.26
C PHE J 142 -6.29 19.35 -1.60
N PRO J 143 -6.12 19.82 -0.35
CA PRO J 143 -7.18 20.52 0.39
C PRO J 143 -8.00 21.46 -0.47
N TRP J 144 -7.34 22.25 -1.32
CA TRP J 144 -8.07 23.20 -2.14
C TRP J 144 -8.83 22.62 -3.34
N GLU J 145 -8.54 21.38 -3.71
CA GLU J 145 -9.23 20.78 -4.84
C GLU J 145 -10.52 20.14 -4.32
N GLU J 146 -11.49 19.96 -5.20
CA GLU J 146 -12.74 19.36 -4.77
C GLU J 146 -12.61 17.82 -4.74
N PHE J 147 -13.19 17.20 -3.72
CA PHE J 147 -13.15 15.74 -3.58
C PHE J 147 -13.90 15.12 -4.75
N PRO J 148 -13.26 14.22 -5.50
CA PRO J 148 -13.98 13.63 -6.63
C PRO J 148 -15.05 12.62 -6.26
N VAL J 149 -16.18 12.67 -6.97
CA VAL J 149 -17.26 11.72 -6.73
C VAL J 149 -17.38 10.73 -7.91
N ILE J 150 -17.34 9.44 -7.61
CA ILE J 150 -17.48 8.44 -8.64
C ILE J 150 -18.97 8.20 -8.89
N GLU J 151 -19.41 8.43 -10.13
CA GLU J 151 -20.81 8.19 -10.50
C GLU J 151 -20.91 7.02 -11.49
N LYS J 152 -22.13 6.58 -11.80
CA LYS J 152 -22.31 5.46 -12.73
C LYS J 152 -22.46 5.94 -14.17
N MET K 1 -18.16 39.20 15.48
CA MET K 1 -18.86 37.87 15.46
C MET K 1 -19.46 37.49 16.81
N ASP K 2 -20.79 37.50 16.85
CA ASP K 2 -21.56 37.22 18.05
C ASP K 2 -21.92 35.75 18.31
N LYS K 3 -21.59 34.86 17.38
CA LYS K 3 -21.91 33.45 17.55
C LYS K 3 -20.75 32.65 18.11
N VAL K 4 -21.05 31.44 18.56
CA VAL K 4 -20.01 30.56 19.08
C VAL K 4 -19.83 29.48 18.03
N TYR K 5 -18.60 29.31 17.55
CA TYR K 5 -18.32 28.26 16.58
C TYR K 5 -17.59 27.17 17.34
N LEU K 6 -18.23 26.03 17.43
CA LEU K 6 -17.68 24.88 18.14
C LEU K 6 -16.93 24.00 17.11
N THR K 7 -15.74 23.52 17.48
CA THR K 7 -14.94 22.67 16.60
C THR K 7 -15.23 21.18 16.83
N TRP K 8 -14.86 20.33 15.87
CA TRP K 8 -15.09 18.91 16.04
C TRP K 8 -14.32 18.39 17.25
N TRP K 9 -13.14 18.94 17.52
CA TRP K 9 -12.35 18.45 18.67
C TRP K 9 -13.05 18.84 19.99
N GLN K 10 -13.79 19.94 19.98
CA GLN K 10 -14.51 20.37 21.16
C GLN K 10 -15.71 19.43 21.36
N VAL K 11 -16.41 19.15 20.27
CA VAL K 11 -17.55 18.26 20.32
C VAL K 11 -17.11 16.85 20.74
N ASP K 12 -15.95 16.39 20.26
CA ASP K 12 -15.44 15.06 20.60
C ASP K 12 -15.01 14.99 22.07
N ARG K 13 -14.29 16.00 22.52
CA ARG K 13 -13.84 16.04 23.90
C ARG K 13 -15.02 16.19 24.87
N ALA K 14 -16.05 16.93 24.45
CA ALA K 14 -17.21 17.12 25.28
C ALA K 14 -17.93 15.77 25.41
N ILE K 15 -18.02 15.06 24.28
CA ILE K 15 -18.66 13.76 24.25
C ILE K 15 -17.92 12.70 25.08
N PHE K 16 -16.60 12.76 25.09
CA PHE K 16 -15.82 11.80 25.86
C PHE K 16 -16.00 12.04 27.35
N ALA K 17 -16.20 13.31 27.71
CA ALA K 17 -16.38 13.71 29.10
C ALA K 17 -17.77 13.27 29.57
N LEU K 18 -18.77 13.47 28.72
CA LEU K 18 -20.13 13.08 29.02
C LEU K 18 -20.20 11.58 29.23
N ALA K 19 -19.58 10.85 28.31
CA ALA K 19 -19.58 9.39 28.37
C ALA K 19 -18.99 8.88 29.67
N GLU K 20 -17.98 9.57 30.19
CA GLU K 20 -17.36 9.12 31.41
C GLU K 20 -18.28 9.28 32.61
N LYS K 21 -19.21 10.23 32.53
CA LYS K 21 -20.15 10.43 33.62
C LYS K 21 -21.30 9.45 33.43
N LEU K 22 -21.68 9.22 32.18
CA LEU K 22 -22.76 8.29 31.89
C LEU K 22 -22.45 6.83 32.25
N ARG K 23 -21.16 6.49 32.36
CA ARG K 23 -20.82 5.11 32.74
C ARG K 23 -21.29 4.80 34.16
N GLU K 24 -21.25 5.81 35.03
CA GLU K 24 -21.69 5.65 36.41
C GLU K 24 -23.20 5.38 36.43
N TYR K 25 -23.91 5.87 35.42
CA TYR K 25 -25.35 5.68 35.31
C TYR K 25 -25.73 4.38 34.59
N LYS K 26 -24.79 3.86 33.81
CA LYS K 26 -24.98 2.62 33.06
C LYS K 26 -26.32 2.56 32.30
N PRO K 27 -26.44 3.34 31.22
CA PRO K 27 -27.63 3.42 30.36
C PRO K 27 -27.90 2.10 29.66
N ASP K 28 -29.14 1.89 29.26
CA ASP K 28 -29.53 0.66 28.55
C ASP K 28 -29.92 1.00 27.13
N VAL K 29 -30.40 2.23 26.94
CA VAL K 29 -30.82 2.70 25.63
C VAL K 29 -30.61 4.22 25.54
N ILE K 30 -30.25 4.70 24.35
CA ILE K 30 -30.02 6.11 24.12
C ILE K 30 -31.09 6.61 23.16
N ILE K 31 -31.60 7.81 23.42
CA ILE K 31 -32.60 8.40 22.56
C ILE K 31 -32.03 9.71 22.04
N GLY K 32 -31.68 9.71 20.75
CA GLY K 32 -31.12 10.90 20.14
C GLY K 32 -32.23 11.71 19.54
N VAL K 33 -32.27 12.99 19.90
CA VAL K 33 -33.25 13.93 19.35
C VAL K 33 -32.75 14.57 18.05
N ALA K 34 -33.38 14.17 16.94
CA ALA K 34 -33.06 14.82 15.67
C ALA K 34 -33.16 16.35 15.81
N ARG K 35 -32.36 17.05 15.00
CA ARG K 35 -31.45 16.35 14.10
C ARG K 35 -30.00 16.40 14.61
N GLY K 36 -29.62 17.59 15.09
CA GLY K 36 -28.25 17.76 15.57
C GLY K 36 -27.92 16.79 16.69
N GLY K 37 -28.99 16.34 17.39
CA GLY K 37 -28.78 15.45 18.53
C GLY K 37 -28.13 14.12 18.12
N LEU K 38 -28.43 13.71 16.87
CA LEU K 38 -27.95 12.42 16.39
C LEU K 38 -26.42 12.32 16.38
N ILE K 39 -25.73 13.47 16.28
CA ILE K 39 -24.27 13.46 16.26
C ILE K 39 -23.74 12.87 17.56
N PRO K 40 -24.03 13.50 18.71
CA PRO K 40 -23.57 13.00 20.01
C PRO K 40 -24.20 11.65 20.36
N ALA K 41 -25.44 11.44 19.92
CA ALA K 41 -26.15 10.19 20.17
C ALA K 41 -25.36 9.03 19.56
N VAL K 42 -25.08 9.12 18.26
CA VAL K 42 -24.32 8.07 17.58
C VAL K 42 -22.97 7.84 18.25
N ARG K 43 -22.26 8.92 18.56
CA ARG K 43 -20.96 8.80 19.20
C ARG K 43 -21.03 8.12 20.57
N LEU K 44 -21.98 8.52 21.41
CA LEU K 44 -22.12 7.93 22.74
C LEU K 44 -22.54 6.47 22.63
N SER K 45 -23.35 6.18 21.62
CA SER K 45 -23.80 4.83 21.36
C SER K 45 -22.57 3.93 21.28
N HIS K 46 -21.60 4.29 20.43
CA HIS K 46 -20.35 3.51 20.27
C HIS K 46 -19.50 3.50 21.54
N ILE K 47 -19.23 4.68 22.08
CA ILE K 47 -18.40 4.79 23.27
C ILE K 47 -18.89 3.97 24.47
N LEU K 48 -20.19 3.86 24.65
CA LEU K 48 -20.71 3.11 25.79
C LEU K 48 -21.04 1.65 25.52
N GLY K 49 -20.21 0.98 24.73
CA GLY K 49 -20.44 -0.42 24.42
C GLY K 49 -21.59 -0.67 23.46
N ASP K 50 -21.65 0.13 22.40
CA ASP K 50 -22.69 0.00 21.39
C ASP K 50 -24.09 -0.32 21.95
N ILE K 51 -24.59 0.49 22.88
CA ILE K 51 -25.93 0.23 23.41
C ILE K 51 -26.90 0.72 22.35
N PRO K 52 -28.07 0.07 22.22
CA PRO K 52 -29.08 0.47 21.23
C PRO K 52 -29.38 1.96 21.18
N LEU K 53 -29.76 2.45 20.00
CA LEU K 53 -30.02 3.85 19.73
C LEU K 53 -31.36 4.05 19.01
N LYS K 54 -32.29 4.76 19.61
CA LYS K 54 -33.57 5.04 18.97
C LYS K 54 -33.59 6.53 18.64
N VAL K 55 -34.24 6.89 17.55
CA VAL K 55 -34.29 8.28 17.12
C VAL K 55 -35.68 8.90 17.24
N ILE K 56 -35.75 10.10 17.79
CA ILE K 56 -37.04 10.78 17.93
C ILE K 56 -36.95 12.17 17.31
N ASP K 57 -37.99 12.57 16.60
CA ASP K 57 -38.02 13.88 15.97
C ASP K 57 -39.30 14.61 16.35
N VAL K 58 -39.15 15.80 16.92
CA VAL K 58 -40.28 16.61 17.34
C VAL K 58 -40.34 17.94 16.60
N LYS K 59 -41.39 18.16 15.81
CA LYS K 59 -41.58 19.40 15.07
C LYS K 59 -42.74 20.18 15.72
N PHE K 60 -42.86 21.47 15.39
CA PHE K 60 -43.94 22.27 15.96
C PHE K 60 -44.71 23.07 14.91
N TYR K 61 -46.03 23.07 15.04
CA TYR K 61 -46.92 23.79 14.13
C TYR K 61 -47.90 24.59 15.01
N LYS K 62 -48.47 25.67 14.48
CA LYS K 62 -49.41 26.46 15.28
C LYS K 62 -50.83 26.33 14.76
N GLU K 69 -47.80 26.63 20.76
CA GLU K 69 -47.99 25.81 19.57
C GLU K 69 -48.44 24.38 19.90
N LYS K 70 -48.51 23.55 18.87
CA LYS K 70 -48.91 22.15 19.03
C LYS K 70 -47.80 21.24 18.49
N PRO K 71 -47.22 20.39 19.36
CA PRO K 71 -46.16 19.47 18.98
C PRO K 71 -46.60 18.21 18.24
N VAL K 72 -45.85 17.86 17.19
CA VAL K 72 -46.11 16.67 16.39
C VAL K 72 -44.83 15.85 16.28
N ILE K 73 -44.94 14.54 16.51
CA ILE K 73 -43.78 13.67 16.42
C ILE K 73 -43.62 13.12 15.00
N THR K 74 -42.58 13.58 14.33
CA THR K 74 -42.29 13.19 12.95
C THR K 74 -41.50 11.87 12.82
N ILE K 75 -40.82 11.47 13.88
CA ILE K 75 -40.06 10.22 13.91
C ILE K 75 -40.28 9.67 15.32
N PRO K 76 -41.30 8.83 15.49
CA PRO K 76 -41.64 8.26 16.79
C PRO K 76 -40.63 7.19 17.18
N ILE K 77 -40.55 6.94 18.49
CA ILE K 77 -39.75 5.82 18.93
C ILE K 77 -40.64 4.75 19.45
N HIS K 78 -40.59 3.64 18.76
CA HIS K 78 -41.45 2.52 19.11
C HIS K 78 -40.75 1.54 20.06
N GLY K 79 -41.50 0.50 20.48
CA GLY K 79 -40.94 -0.43 21.51
C GLY K 79 -41.12 0.16 22.92
N ASP K 80 -40.83 -0.63 23.98
CA ASP K 80 -41.00 -0.05 25.33
C ASP K 80 -39.68 0.13 26.09
N LEU K 81 -39.69 0.96 27.12
CA LEU K 81 -38.48 1.20 27.88
C LEU K 81 -38.65 0.66 29.29
N LYS K 82 -39.62 -0.23 29.45
CA LYS K 82 -39.89 -0.82 30.76
C LYS K 82 -38.63 -1.41 31.36
N ASP K 83 -38.28 -0.93 32.54
CA ASP K 83 -37.09 -1.38 33.26
C ASP K 83 -35.80 -1.15 32.49
N LYS K 84 -35.70 0.02 31.87
CA LYS K 84 -34.51 0.39 31.12
C LYS K 84 -34.11 1.80 31.48
N ARG K 85 -32.91 1.96 32.03
CA ARG K 85 -32.43 3.30 32.35
C ARG K 85 -32.19 3.99 31.02
N VAL K 86 -32.99 5.00 30.71
CA VAL K 86 -32.88 5.72 29.45
C VAL K 86 -32.07 7.01 29.56
N VAL K 87 -31.44 7.40 28.45
CA VAL K 87 -30.65 8.63 28.38
C VAL K 87 -31.04 9.32 27.08
N ILE K 88 -31.51 10.57 27.21
CA ILE K 88 -31.91 11.36 26.05
C ILE K 88 -30.75 12.29 25.76
N VAL K 89 -30.30 12.27 24.51
CA VAL K 89 -29.15 13.07 24.08
C VAL K 89 -29.51 14.11 23.03
N ASP K 90 -29.02 15.33 23.23
CA ASP K 90 -29.25 16.40 22.27
C ASP K 90 -28.05 17.35 22.21
N ASP K 91 -28.02 18.22 21.21
CA ASP K 91 -26.92 19.16 21.07
C ASP K 91 -27.02 20.26 22.12
N VAL K 92 -28.13 20.98 22.11
CA VAL K 92 -28.31 22.07 23.06
C VAL K 92 -29.74 22.24 23.61
N SER K 93 -29.82 22.49 24.91
CA SER K 93 -31.10 22.74 25.57
C SER K 93 -31.24 24.28 25.61
N ASP K 94 -32.09 24.81 24.73
CA ASP K 94 -32.30 26.25 24.67
C ASP K 94 -33.53 26.65 25.51
N THR K 95 -34.73 26.47 24.96
CA THR K 95 -35.93 26.78 25.72
C THR K 95 -36.23 25.57 26.60
N GLY K 96 -36.06 24.39 26.02
CA GLY K 96 -36.32 23.13 26.71
C GLY K 96 -37.58 22.57 26.09
N LYS K 97 -38.21 23.39 25.28
CA LYS K 97 -39.44 23.05 24.58
C LYS K 97 -39.44 21.61 24.08
N THR K 98 -38.49 21.28 23.19
CA THR K 98 -38.37 19.96 22.59
C THR K 98 -38.03 18.86 23.59
N LEU K 99 -37.15 19.15 24.54
CA LEU K 99 -36.77 18.14 25.51
C LEU K 99 -37.97 17.70 26.37
N GLU K 100 -38.88 18.62 26.66
CA GLU K 100 -40.06 18.26 27.46
C GLU K 100 -40.91 17.27 26.68
N VAL K 101 -41.17 17.56 25.41
CA VAL K 101 -41.98 16.65 24.60
C VAL K 101 -41.32 15.28 24.50
N VAL K 102 -40.01 15.23 24.62
CA VAL K 102 -39.29 13.96 24.53
C VAL K 102 -39.38 13.21 25.85
N ILE K 103 -39.28 13.93 26.97
CA ILE K 103 -39.38 13.29 28.26
C ILE K 103 -40.76 12.65 28.39
N GLU K 104 -41.80 13.34 27.94
CA GLU K 104 -43.16 12.81 28.01
C GLU K 104 -43.27 11.50 27.24
N GLU K 105 -42.74 11.47 26.03
CA GLU K 105 -42.79 10.27 25.19
C GLU K 105 -42.01 9.10 25.81
N VAL K 106 -40.90 9.40 26.46
CA VAL K 106 -40.08 8.39 27.09
C VAL K 106 -40.84 7.79 28.27
N LYS K 107 -41.54 8.63 29.02
CA LYS K 107 -42.33 8.19 30.17
C LYS K 107 -43.51 7.36 29.70
N LYS K 108 -44.14 7.79 28.61
CA LYS K 108 -45.29 7.10 28.04
C LYS K 108 -44.93 5.71 27.54
N LEU K 109 -43.67 5.33 27.66
CA LEU K 109 -43.23 3.99 27.22
C LEU K 109 -42.71 3.16 28.37
N GLY K 110 -42.76 3.73 29.58
CA GLY K 110 -42.34 3.01 30.77
C GLY K 110 -40.92 3.15 31.28
N ALA K 111 -40.23 4.20 30.87
CA ALA K 111 -38.86 4.40 31.29
C ALA K 111 -38.63 4.25 32.80
N LYS K 112 -37.76 3.30 33.16
CA LYS K 112 -37.40 3.02 34.55
C LYS K 112 -36.80 4.29 35.17
N GLU K 113 -35.81 4.86 34.50
CA GLU K 113 -35.16 6.08 34.96
C GLU K 113 -34.83 6.89 33.72
N ILE K 114 -34.78 8.21 33.84
CA ILE K 114 -34.47 9.07 32.69
C ILE K 114 -33.41 10.09 33.03
N LYS K 115 -32.42 10.20 32.16
CA LYS K 115 -31.35 11.16 32.34
C LYS K 115 -31.22 11.94 31.04
N ILE K 116 -30.76 13.18 31.12
CA ILE K 116 -30.61 13.99 29.93
C ILE K 116 -29.18 14.50 29.80
N ALA K 117 -28.58 14.23 28.63
CA ALA K 117 -27.22 14.66 28.33
C ALA K 117 -27.21 15.51 27.06
N CYS K 118 -26.56 16.67 27.17
CA CYS K 118 -26.46 17.61 26.06
C CYS K 118 -25.06 18.15 26.01
N LEU K 119 -24.69 18.70 24.86
CA LEU K 119 -23.36 19.28 24.74
C LEU K 119 -23.43 20.64 25.43
N ALA K 120 -24.52 21.36 25.19
CA ALA K 120 -24.67 22.68 25.77
C ALA K 120 -26.07 23.06 26.25
N MET K 121 -26.14 24.20 26.95
CA MET K 121 -27.40 24.68 27.45
C MET K 121 -27.38 26.18 27.67
N LYS K 122 -28.50 26.82 27.37
CA LYS K 122 -28.66 28.26 27.58
C LYS K 122 -29.18 28.35 29.04
N PRO K 123 -28.74 29.37 29.80
CA PRO K 123 -29.16 29.55 31.21
C PRO K 123 -30.66 29.60 31.49
N TRP K 124 -31.44 30.06 30.52
CA TRP K 124 -32.88 30.19 30.70
C TRP K 124 -33.71 28.99 30.28
N THR K 125 -33.07 27.85 30.09
CA THR K 125 -33.82 26.67 29.66
C THR K 125 -34.70 26.10 30.77
N SER K 126 -35.84 25.53 30.37
CA SER K 126 -36.76 24.91 31.31
C SER K 126 -36.29 23.50 31.62
N VAL K 127 -35.36 22.99 30.81
CA VAL K 127 -34.83 21.65 31.01
C VAL K 127 -33.33 21.63 31.17
N VAL K 128 -32.85 21.88 32.39
CA VAL K 128 -31.44 21.86 32.70
C VAL K 128 -30.99 20.41 32.66
N PRO K 129 -30.11 20.05 31.70
CA PRO K 129 -29.61 18.69 31.55
C PRO K 129 -28.91 18.13 32.78
N ASP K 130 -28.99 16.81 32.96
CA ASP K 130 -28.33 16.19 34.09
C ASP K 130 -26.84 16.27 33.85
N TYR K 131 -26.47 16.34 32.59
CA TYR K 131 -25.07 16.46 32.23
C TYR K 131 -24.92 17.31 30.97
N TYR K 132 -24.01 18.27 31.01
CA TYR K 132 -23.75 19.08 29.83
C TYR K 132 -22.35 19.63 29.98
N VAL K 133 -21.81 20.17 28.90
CA VAL K 133 -20.47 20.70 28.96
C VAL K 133 -20.35 22.20 28.73
N PHE K 134 -21.13 22.73 27.78
CA PHE K 134 -21.06 24.15 27.45
C PHE K 134 -22.27 24.98 27.88
N ARG K 135 -21.99 26.10 28.53
CA ARG K 135 -22.99 27.04 29.02
C ARG K 135 -22.79 28.38 28.29
N THR K 136 -23.77 28.78 27.48
CA THR K 136 -23.64 30.02 26.73
C THR K 136 -25.00 30.72 26.52
N GLU K 137 -24.95 32.00 26.18
CA GLU K 137 -26.16 32.78 25.93
C GLU K 137 -26.22 33.18 24.45
N LYS K 138 -25.16 32.83 23.72
CA LYS K 138 -25.06 33.14 22.29
C LYS K 138 -25.59 31.97 21.47
N TRP K 139 -25.83 32.20 20.19
CA TRP K 139 -26.27 31.12 19.32
C TRP K 139 -25.03 30.27 19.08
N ILE K 140 -25.20 28.96 19.01
CA ILE K 140 -24.07 28.07 18.80
C ILE K 140 -24.09 27.48 17.40
N VAL K 141 -22.94 27.53 16.74
CA VAL K 141 -22.83 26.95 15.40
C VAL K 141 -21.97 25.73 15.61
N PHE K 142 -22.58 24.56 15.42
CA PHE K 142 -21.88 23.30 15.58
C PHE K 142 -21.07 22.95 14.31
N PRO K 143 -20.00 22.17 14.47
CA PRO K 143 -19.13 21.76 13.36
C PRO K 143 -19.88 21.22 12.14
N TRP K 144 -21.06 20.64 12.34
CA TRP K 144 -21.82 20.06 11.23
C TRP K 144 -22.80 21.01 10.58
N GLU K 145 -22.75 22.27 10.99
CA GLU K 145 -23.68 23.26 10.43
C GLU K 145 -23.07 24.18 9.38
N GLU K 146 -23.90 24.55 8.41
CA GLU K 146 -23.48 25.44 7.33
C GLU K 146 -23.70 26.91 7.75
N PHE K 147 -23.09 27.85 7.03
CA PHE K 147 -23.21 29.27 7.34
C PHE K 147 -24.08 30.04 6.37
N PRO K 148 -24.63 31.17 6.82
CA PRO K 148 -25.48 32.03 6.01
C PRO K 148 -24.60 33.01 5.25
N VAL K 149 -25.02 33.37 4.05
CA VAL K 149 -24.26 34.31 3.26
C VAL K 149 -25.02 35.62 3.30
N ILE K 150 -24.33 36.68 3.70
CA ILE K 150 -24.95 37.99 3.75
C ILE K 150 -24.83 38.64 2.38
N GLU K 151 -25.96 38.71 1.67
CA GLU K 151 -26.04 39.29 0.32
C GLU K 151 -26.48 40.76 0.34
N LYS K 152 -26.77 41.29 -0.84
CA LYS K 152 -27.25 42.67 -0.97
C LYS K 152 -28.61 42.64 -1.66
N MET L 1 -1.67 2.20 6.52
CA MET L 1 -1.57 1.22 7.64
C MET L 1 -2.65 0.17 7.50
N ASP L 2 -2.75 -0.73 8.49
CA ASP L 2 -3.77 -1.76 8.47
C ASP L 2 -5.20 -1.22 8.39
N LYS L 3 -5.44 -0.03 8.97
CA LYS L 3 -6.78 0.55 8.93
C LYS L 3 -6.74 1.98 8.39
N VAL L 4 -7.90 2.48 7.96
CA VAL L 4 -8.01 3.85 7.47
C VAL L 4 -8.84 4.67 8.47
N TYR L 5 -8.23 5.71 9.05
CA TYR L 5 -8.91 6.55 10.02
C TYR L 5 -9.35 7.88 9.45
N LEU L 6 -10.49 7.92 8.77
CA LEU L 6 -10.97 9.16 8.19
C LEU L 6 -11.24 10.21 9.27
N THR L 7 -10.82 11.44 9.02
CA THR L 7 -11.01 12.53 9.96
C THR L 7 -12.38 13.15 9.72
N TRP L 8 -12.82 13.99 10.66
CA TRP L 8 -14.10 14.67 10.51
C TRP L 8 -14.10 15.52 9.25
N TRP L 9 -13.00 16.23 9.03
CA TRP L 9 -12.88 17.11 7.85
C TRP L 9 -12.92 16.31 6.54
N GLN L 10 -12.20 15.19 6.47
CA GLN L 10 -12.22 14.36 5.26
C GLN L 10 -13.65 13.90 4.97
N VAL L 11 -14.35 13.44 6.02
CA VAL L 11 -15.73 13.03 5.86
C VAL L 11 -16.57 14.24 5.43
N ASP L 12 -16.32 15.39 6.07
CA ASP L 12 -17.07 16.58 5.72
C ASP L 12 -16.91 17.01 4.27
N ARG L 13 -15.68 16.96 3.77
CA ARG L 13 -15.42 17.33 2.38
C ARG L 13 -16.14 16.30 1.49
N ALA L 14 -16.10 15.04 1.88
CA ALA L 14 -16.80 14.02 1.12
C ALA L 14 -18.29 14.33 1.02
N ILE L 15 -18.90 14.64 2.17
CA ILE L 15 -20.33 14.97 2.21
C ILE L 15 -20.65 16.18 1.30
N PHE L 16 -19.84 17.23 1.37
CA PHE L 16 -20.06 18.39 0.50
C PHE L 16 -19.99 18.01 -0.97
N ALA L 17 -19.01 17.16 -1.32
CA ALA L 17 -18.85 16.71 -2.70
C ALA L 17 -20.08 15.92 -3.15
N LEU L 18 -20.55 15.01 -2.29
CA LEU L 18 -21.74 14.21 -2.60
C LEU L 18 -22.96 15.12 -2.76
N ALA L 19 -23.12 16.04 -1.82
CA ALA L 19 -24.24 16.98 -1.84
C ALA L 19 -24.32 17.70 -3.17
N GLU L 20 -23.17 18.14 -3.65
CA GLU L 20 -23.10 18.87 -4.91
C GLU L 20 -23.60 18.04 -6.09
N LYS L 21 -23.30 16.76 -6.10
CA LYS L 21 -23.74 15.88 -7.19
C LYS L 21 -25.23 15.56 -7.10
N LEU L 22 -25.74 15.46 -5.87
CA LEU L 22 -27.14 15.15 -5.61
C LEU L 22 -28.06 16.30 -5.98
N ARG L 23 -27.53 17.53 -5.92
CA ARG L 23 -28.32 18.71 -6.26
C ARG L 23 -29.01 18.55 -7.61
N GLU L 24 -28.36 17.80 -8.50
CA GLU L 24 -28.90 17.57 -9.83
C GLU L 24 -30.06 16.57 -9.76
N TYR L 25 -29.96 15.62 -8.84
CA TYR L 25 -31.00 14.60 -8.67
C TYR L 25 -32.27 15.13 -7.99
N LYS L 26 -32.12 16.19 -7.20
CA LYS L 26 -33.24 16.80 -6.50
C LYS L 26 -34.00 15.75 -5.68
N PRO L 27 -33.45 15.35 -4.54
CA PRO L 27 -34.06 14.35 -3.65
C PRO L 27 -35.24 14.91 -2.88
N ASP L 28 -36.25 14.07 -2.68
CA ASP L 28 -37.45 14.44 -1.94
C ASP L 28 -37.28 14.10 -0.45
N VAL L 29 -36.72 12.92 -0.19
CA VAL L 29 -36.49 12.44 1.17
C VAL L 29 -35.14 11.75 1.28
N ILE L 30 -34.52 11.86 2.45
CA ILE L 30 -33.23 11.22 2.70
C ILE L 30 -33.42 10.12 3.74
N ILE L 31 -32.95 8.92 3.44
CA ILE L 31 -33.07 7.82 4.41
C ILE L 31 -31.71 7.40 4.94
N GLY L 32 -31.42 7.75 6.19
CA GLY L 32 -30.11 7.35 6.69
C GLY L 32 -30.16 5.97 7.36
N VAL L 33 -29.27 5.08 6.94
CA VAL L 33 -29.19 3.82 7.67
C VAL L 33 -28.38 3.96 8.96
N ALA L 34 -28.87 3.28 10.02
CA ALA L 34 -28.20 3.41 11.31
C ALA L 34 -27.19 2.29 11.53
N ARG L 35 -26.08 2.64 12.20
CA ARG L 35 -25.93 4.01 12.69
C ARG L 35 -24.96 4.83 11.83
N GLY L 36 -24.31 4.13 10.89
CA GLY L 36 -23.23 4.75 10.13
C GLY L 36 -23.68 5.94 9.28
N GLY L 37 -24.91 5.84 8.75
CA GLY L 37 -25.39 6.83 7.77
C GLY L 37 -26.04 8.05 8.44
N LEU L 38 -26.24 8.01 9.77
CA LEU L 38 -27.01 9.07 10.42
C LEU L 38 -26.33 10.45 10.31
N ILE L 39 -25.10 10.54 10.77
CA ILE L 39 -24.41 11.82 10.71
C ILE L 39 -24.33 12.36 9.28
N PRO L 40 -23.92 11.53 8.31
CA PRO L 40 -23.85 12.00 6.92
C PRO L 40 -25.21 12.49 6.44
N ALA L 41 -26.25 11.74 6.77
CA ALA L 41 -27.61 12.08 6.36
C ALA L 41 -28.12 13.39 6.95
N VAL L 42 -27.70 13.70 8.17
CA VAL L 42 -28.11 14.95 8.81
C VAL L 42 -27.60 16.13 8.02
N ARG L 43 -26.30 16.15 7.75
CA ARG L 43 -25.71 17.23 6.96
C ARG L 43 -26.32 17.30 5.56
N LEU L 44 -26.40 16.16 4.86
CA LEU L 44 -27.00 16.18 3.52
C LEU L 44 -28.46 16.62 3.58
N SER L 45 -29.11 16.34 4.71
CA SER L 45 -30.50 16.72 4.91
C SER L 45 -30.63 18.23 4.83
N HIS L 46 -29.85 18.93 5.65
CA HIS L 46 -29.89 20.38 5.64
C HIS L 46 -29.37 20.95 4.31
N ILE L 47 -28.15 20.58 3.93
CA ILE L 47 -27.56 21.07 2.70
C ILE L 47 -28.49 20.99 1.49
N LEU L 48 -29.14 19.86 1.27
CA LEU L 48 -30.02 19.73 0.12
C LEU L 48 -31.38 20.42 0.22
N GLY L 49 -31.48 21.45 1.05
CA GLY L 49 -32.74 22.17 1.17
C GLY L 49 -33.67 21.78 2.31
N ASP L 50 -33.10 21.36 3.43
CA ASP L 50 -33.87 20.95 4.60
C ASP L 50 -34.99 19.97 4.25
N ILE L 51 -34.65 18.95 3.49
CA ILE L 51 -35.63 17.95 3.12
C ILE L 51 -35.82 16.96 4.26
N PRO L 52 -37.02 16.39 4.39
CA PRO L 52 -37.32 15.43 5.45
C PRO L 52 -36.28 14.32 5.58
N LEU L 53 -36.13 13.81 6.80
CA LEU L 53 -35.16 12.76 7.08
C LEU L 53 -35.80 11.58 7.81
N LYS L 54 -35.79 10.42 7.17
CA LYS L 54 -36.33 9.21 7.74
C LYS L 54 -35.17 8.31 8.16
N VAL L 55 -35.43 7.40 9.09
CA VAL L 55 -34.38 6.53 9.58
C VAL L 55 -34.77 5.05 9.49
N ILE L 56 -33.78 4.19 9.27
CA ILE L 56 -34.01 2.75 9.20
C ILE L 56 -32.81 2.09 9.84
N ASP L 57 -33.05 1.08 10.68
CA ASP L 57 -31.95 0.39 11.34
C ASP L 57 -32.10 -1.10 11.14
N VAL L 58 -31.11 -1.70 10.48
CA VAL L 58 -31.09 -3.12 10.18
C VAL L 58 -29.96 -3.79 10.95
N LYS L 59 -30.31 -4.79 11.75
CA LYS L 59 -29.35 -5.55 12.54
C LYS L 59 -29.38 -7.00 12.09
N PHE L 60 -28.28 -7.72 12.32
CA PHE L 60 -28.20 -9.12 11.94
C PHE L 60 -27.84 -10.01 13.12
N TYR L 61 -28.66 -11.04 13.35
CA TYR L 61 -28.43 -11.98 14.45
C TYR L 61 -28.19 -13.38 13.89
N LYS L 62 -27.39 -14.17 14.60
CA LYS L 62 -27.06 -15.54 14.18
C LYS L 62 -28.03 -16.56 14.79
N GLY L 63 -27.89 -17.82 14.37
CA GLY L 63 -28.75 -18.88 14.88
C GLY L 63 -28.29 -19.42 16.21
N GLY L 68 -27.04 -20.14 10.69
CA GLY L 68 -27.64 -19.17 9.80
C GLY L 68 -27.63 -17.75 10.35
N GLU L 69 -28.13 -16.80 9.56
CA GLU L 69 -28.15 -15.40 9.99
C GLU L 69 -29.15 -14.58 9.17
N LYS L 70 -30.15 -14.02 9.84
CA LYS L 70 -31.15 -13.20 9.15
C LYS L 70 -31.29 -11.78 9.69
N PRO L 71 -31.88 -10.88 8.88
CA PRO L 71 -32.12 -9.47 9.18
C PRO L 71 -33.36 -9.17 10.03
N VAL L 72 -33.23 -8.19 10.93
CA VAL L 72 -34.31 -7.77 11.80
C VAL L 72 -34.37 -6.24 11.72
N ILE L 73 -35.49 -5.71 11.25
CA ILE L 73 -35.63 -4.26 11.13
C ILE L 73 -35.95 -3.57 12.46
N THR L 74 -34.91 -3.23 13.20
CA THR L 74 -35.01 -2.56 14.50
C THR L 74 -35.73 -1.21 14.44
N ILE L 75 -35.64 -0.54 13.31
CA ILE L 75 -36.30 0.75 13.14
C ILE L 75 -36.82 0.87 11.73
N PRO L 76 -38.11 0.58 11.52
CA PRO L 76 -38.72 0.66 10.19
C PRO L 76 -38.87 2.09 9.72
N ILE L 77 -39.12 2.24 8.42
CA ILE L 77 -39.28 3.56 7.83
C ILE L 77 -40.72 4.02 8.07
N HIS L 78 -40.87 5.28 8.47
CA HIS L 78 -42.18 5.86 8.76
C HIS L 78 -42.85 6.49 7.54
N GLY L 79 -44.10 6.12 7.28
CA GLY L 79 -44.87 6.66 6.16
C GLY L 79 -44.76 5.91 4.84
N ASP L 80 -45.07 6.60 3.74
CA ASP L 80 -44.97 6.01 2.41
C ASP L 80 -44.11 6.95 1.55
N LEU L 81 -43.45 6.40 0.55
CA LEU L 81 -42.58 7.19 -0.32
C LEU L 81 -43.07 7.22 -1.76
N LYS L 82 -44.39 7.24 -1.93
CA LYS L 82 -44.98 7.24 -3.27
C LYS L 82 -44.68 8.49 -4.09
N ASP L 83 -44.30 8.26 -5.35
CA ASP L 83 -43.98 9.30 -6.31
C ASP L 83 -42.88 10.26 -5.84
N LYS L 84 -42.10 9.83 -4.85
CA LYS L 84 -41.01 10.65 -4.34
C LYS L 84 -39.64 10.12 -4.77
N ARG L 85 -38.70 11.03 -4.98
CA ARG L 85 -37.35 10.64 -5.34
C ARG L 85 -36.58 10.43 -4.03
N VAL L 86 -36.17 9.19 -3.79
CA VAL L 86 -35.48 8.81 -2.55
C VAL L 86 -33.96 8.69 -2.66
N VAL L 87 -33.29 8.95 -1.54
CA VAL L 87 -31.84 8.84 -1.45
C VAL L 87 -31.44 8.12 -0.18
N ILE L 88 -30.88 6.92 -0.32
CA ILE L 88 -30.45 6.16 0.84
C ILE L 88 -29.01 6.59 1.13
N VAL L 89 -28.75 6.98 2.37
CA VAL L 89 -27.42 7.43 2.76
C VAL L 89 -26.82 6.44 3.73
N ASP L 90 -25.59 6.01 3.47
CA ASP L 90 -24.92 5.06 4.34
C ASP L 90 -23.46 5.47 4.36
N ASP L 91 -22.71 5.01 5.35
CA ASP L 91 -21.29 5.36 5.42
C ASP L 91 -20.45 4.56 4.43
N VAL L 92 -20.66 3.24 4.37
CA VAL L 92 -19.92 2.40 3.46
C VAL L 92 -20.71 1.21 2.93
N SER L 93 -20.54 0.93 1.65
CA SER L 93 -21.21 -0.21 1.06
C SER L 93 -20.11 -1.27 1.01
N ASP L 94 -19.96 -2.01 2.10
CA ASP L 94 -18.95 -3.06 2.23
C ASP L 94 -19.36 -4.33 1.48
N THR L 95 -20.18 -5.18 2.11
CA THR L 95 -20.63 -6.41 1.45
C THR L 95 -21.89 -6.11 0.64
N GLY L 96 -22.78 -5.31 1.23
CA GLY L 96 -24.00 -4.95 0.56
C GLY L 96 -25.27 -5.57 1.11
N LYS L 97 -25.13 -6.49 2.07
CA LYS L 97 -26.32 -7.13 2.63
C LYS L 97 -27.28 -6.11 3.23
N THR L 98 -26.76 -5.20 4.06
CA THR L 98 -27.58 -4.19 4.69
C THR L 98 -28.34 -3.34 3.66
N LEU L 99 -27.64 -2.87 2.65
CA LEU L 99 -28.29 -2.04 1.64
C LEU L 99 -29.35 -2.77 0.84
N GLU L 100 -29.12 -4.06 0.57
CA GLU L 100 -30.09 -4.85 -0.17
C GLU L 100 -31.43 -4.86 0.56
N VAL L 101 -31.38 -5.02 1.88
CA VAL L 101 -32.58 -5.02 2.71
C VAL L 101 -33.23 -3.65 2.58
N VAL L 102 -32.48 -2.61 2.96
CA VAL L 102 -32.96 -1.23 2.89
C VAL L 102 -33.62 -0.92 1.55
N ILE L 103 -33.10 -1.48 0.46
CA ILE L 103 -33.69 -1.24 -0.84
C ILE L 103 -35.07 -1.88 -0.97
N GLU L 104 -35.18 -3.14 -0.57
CA GLU L 104 -36.47 -3.84 -0.64
C GLU L 104 -37.47 -3.09 0.23
N GLU L 105 -37.03 -2.77 1.45
CA GLU L 105 -37.86 -2.05 2.39
C GLU L 105 -38.36 -0.72 1.81
N VAL L 106 -37.50 -0.01 1.09
CA VAL L 106 -37.88 1.26 0.49
C VAL L 106 -38.80 1.04 -0.71
N LYS L 107 -38.58 -0.06 -1.43
CA LYS L 107 -39.41 -0.38 -2.58
C LYS L 107 -40.83 -0.71 -2.13
N LYS L 108 -40.94 -1.31 -0.95
CA LYS L 108 -42.25 -1.65 -0.39
C LYS L 108 -43.07 -0.38 -0.19
N LEU L 109 -42.43 0.69 0.27
CA LEU L 109 -43.13 1.95 0.49
C LEU L 109 -43.41 2.66 -0.82
N GLY L 110 -43.20 1.95 -1.93
CA GLY L 110 -43.44 2.49 -3.25
C GLY L 110 -42.75 3.80 -3.60
N ALA L 111 -41.42 3.76 -3.72
CA ALA L 111 -40.64 4.95 -4.04
C ALA L 111 -40.56 5.17 -5.56
N LYS L 112 -40.71 6.43 -5.98
CA LYS L 112 -40.66 6.80 -7.39
C LYS L 112 -39.33 6.36 -8.00
N GLU L 113 -38.24 6.84 -7.42
CA GLU L 113 -36.91 6.46 -7.86
C GLU L 113 -36.01 6.35 -6.63
N ILE L 114 -35.15 5.33 -6.63
CA ILE L 114 -34.25 5.13 -5.50
C ILE L 114 -32.80 5.41 -5.93
N LYS L 115 -32.06 6.07 -5.06
CA LYS L 115 -30.67 6.41 -5.33
C LYS L 115 -29.85 6.14 -4.07
N ILE L 116 -28.69 5.54 -4.25
CA ILE L 116 -27.83 5.22 -3.11
C ILE L 116 -26.61 6.13 -3.06
N ALA L 117 -26.30 6.64 -1.86
CA ALA L 117 -25.15 7.50 -1.69
C ALA L 117 -24.40 7.11 -0.44
N CYS L 118 -23.10 6.84 -0.59
CA CYS L 118 -22.26 6.46 0.54
C CYS L 118 -20.98 7.28 0.51
N LEU L 119 -20.25 7.26 1.62
CA LEU L 119 -19.00 7.98 1.67
C LEU L 119 -17.97 7.08 1.01
N ALA L 120 -17.99 5.81 1.41
CA ALA L 120 -17.05 4.83 0.90
C ALA L 120 -17.73 3.60 0.32
N MET L 121 -16.93 2.83 -0.40
CA MET L 121 -17.37 1.61 -1.05
C MET L 121 -16.20 0.66 -1.17
N LYS L 122 -16.47 -0.63 -1.15
CA LYS L 122 -15.42 -1.63 -1.30
C LYS L 122 -15.70 -2.33 -2.63
N PRO L 123 -14.64 -2.71 -3.37
CA PRO L 123 -14.70 -3.38 -4.68
C PRO L 123 -15.67 -4.54 -4.80
N TRP L 124 -15.68 -5.39 -3.77
CA TRP L 124 -16.53 -6.57 -3.73
C TRP L 124 -18.00 -6.38 -3.36
N THR L 125 -18.41 -5.18 -3.04
CA THR L 125 -19.80 -4.96 -2.66
C THR L 125 -20.74 -5.41 -3.76
N SER L 126 -21.91 -5.90 -3.36
CA SER L 126 -22.93 -6.35 -4.31
C SER L 126 -23.84 -5.19 -4.64
N VAL L 127 -23.64 -4.07 -3.96
CA VAL L 127 -24.44 -2.88 -4.20
C VAL L 127 -23.53 -1.67 -4.38
N VAL L 128 -23.25 -1.34 -5.63
CA VAL L 128 -22.40 -0.21 -5.95
C VAL L 128 -23.19 1.07 -5.75
N PRO L 129 -22.71 1.96 -4.88
CA PRO L 129 -23.44 3.20 -4.65
C PRO L 129 -23.56 4.00 -5.95
N ASP L 130 -24.57 4.86 -6.02
CA ASP L 130 -24.74 5.69 -7.20
C ASP L 130 -23.80 6.88 -7.08
N TYR L 131 -23.44 7.21 -5.83
CA TYR L 131 -22.54 8.31 -5.53
C TYR L 131 -21.67 7.91 -4.35
N TYR L 132 -20.35 7.91 -4.54
CA TYR L 132 -19.46 7.58 -3.44
C TYR L 132 -18.17 8.36 -3.65
N VAL L 133 -17.30 8.38 -2.65
CA VAL L 133 -16.06 9.13 -2.77
C VAL L 133 -14.85 8.27 -2.51
N PHE L 134 -14.82 7.62 -1.36
CA PHE L 134 -13.70 6.78 -1.03
C PHE L 134 -13.89 5.35 -1.52
N ARG L 135 -12.77 4.74 -1.87
CA ARG L 135 -12.75 3.37 -2.36
C ARG L 135 -11.54 2.69 -1.75
N THR L 136 -11.76 1.55 -1.12
CA THR L 136 -10.69 0.83 -0.48
C THR L 136 -11.14 -0.57 -0.11
N GLU L 137 -10.20 -1.39 0.32
CA GLU L 137 -10.51 -2.75 0.73
C GLU L 137 -10.11 -2.87 2.19
N LYS L 138 -9.42 -1.85 2.68
CA LYS L 138 -9.00 -1.86 4.06
C LYS L 138 -10.13 -1.60 5.05
N TRP L 139 -9.83 -1.86 6.32
CA TRP L 139 -10.75 -1.66 7.41
C TRP L 139 -10.91 -0.14 7.60
N ILE L 140 -12.13 0.36 7.43
CA ILE L 140 -12.39 1.81 7.58
C ILE L 140 -12.98 2.18 8.94
N VAL L 141 -12.29 3.09 9.63
CA VAL L 141 -12.75 3.58 10.92
C VAL L 141 -13.22 5.03 10.73
N PHE L 142 -14.54 5.21 10.63
CA PHE L 142 -15.10 6.55 10.50
C PHE L 142 -14.95 7.31 11.83
N PRO L 143 -15.00 8.65 11.78
CA PRO L 143 -14.86 9.53 12.96
C PRO L 143 -15.78 9.21 14.14
N TRP L 144 -17.01 8.78 13.84
CA TRP L 144 -17.97 8.48 14.88
C TRP L 144 -17.77 7.14 15.59
N GLU L 145 -17.08 6.22 14.94
CA GLU L 145 -16.83 4.92 15.54
C GLU L 145 -15.64 5.10 16.48
N GLU L 146 -15.38 4.11 17.32
CA GLU L 146 -14.24 4.19 18.24
C GLU L 146 -13.02 3.58 17.57
N PHE L 147 -11.84 4.06 17.95
CA PHE L 147 -10.58 3.56 17.42
C PHE L 147 -10.28 2.23 18.09
N PRO L 148 -10.42 1.11 17.35
CA PRO L 148 -10.13 -0.20 17.94
C PRO L 148 -8.75 -0.25 18.54
N VAL L 149 -8.60 -1.00 19.61
CA VAL L 149 -7.31 -1.19 20.26
C VAL L 149 -7.05 -2.69 20.19
N ILE L 150 -5.78 -3.06 20.10
CA ILE L 150 -5.41 -4.47 20.02
C ILE L 150 -4.76 -4.88 21.33
N GLU L 151 -5.31 -5.90 21.95
CA GLU L 151 -4.78 -6.40 23.22
C GLU L 151 -4.31 -7.83 23.02
N LYS L 152 -3.49 -8.31 23.94
CA LYS L 152 -2.98 -9.68 23.85
C LYS L 152 -4.00 -10.66 24.43
N GLU L 153 -4.39 -11.65 23.61
CA GLU L 153 -5.34 -12.68 24.07
C GLU L 153 -4.64 -13.60 25.07
#